data_8CC6
#
_entry.id   8CC6
#
_cell.length_a   1.00
_cell.length_b   1.00
_cell.length_c   1.00
_cell.angle_alpha   90.00
_cell.angle_beta   90.00
_cell.angle_gamma   90.00
#
_symmetry.space_group_name_H-M   'P 1'
#
loop_
_entity.id
_entity.type
_entity.pdbx_description
1 polymer '5-hydroxytryptamine receptor 3A'
2 branched 2-acetamido-2-deoxy-beta-D-glucopyranose-(1-4)-2-acetamido-2-deoxy-beta-D-glucopyranose
3 non-polymer 2-acetamido-2-deoxy-beta-D-glucopyranose
4 non-polymer 1-[(3-chlorophenyl)methyl]-4-piperazin-1-yl-pyrrolo[3,2-c]quinoline
#
_entity_poly.entity_id   1
_entity_poly.type   'polypeptide(L)'
_entity_poly.pdbx_seq_one_letter_code
;MRLCIPQVLLALFLSMLTGPGEGSRRRWSHPQFEKGGGSGGGSGGGSWSHPQFEKGGGSGGGSGGGSWSHPQFEKGGGSG
GGSGGGSWSHPQFEKENLYFQGSGATQARDTTQPALLRLSDHLLANYKKGVRPVRDWRKPTTVSIDVIMYAILNVDEKNQ
VLTTYIWYRQYWTDEFLQWTPEDFDNVTKLSIPTDSIWVPDILINEFVDVGKSPNIPYVYVHHRGEVQNYKPLQLVTACS
LDIYNFPFDVQNCSLTFTSWLHTIQDINITLWRSPEEVRSDKSIFINQGEWELLEVFPQFKEFSIDISNSYAEMKFYVII
RRRPLFYAVSLLLPSIFLMVVDIVGFCLPPDSGERVSFKITLLLGYSVFLIIVSDTLPATAIGTPLIGVYFVVCMALLVI
SLAETIFIVRLVHKQDLQRPVPDWLRHLVLDRIAWILCLGEQPMAHRPPATFQANKTDDCSGSDLLPAMGNHCSHVGGPQ
DLEKTPRGRGSPLPPPREASLAVRGLLQELSSIRHFLEKRDEMREVARDWLRVGYVLDRLLFRIYLLAVLAYSITLVTLW
SIWHSS
;
_entity_poly.pdbx_strand_id   A,B,C,D,E
#
# COMPACT_ATOMS: atom_id res chain seq x y z
N THR A 112 -19.63 -46.40 44.38
CA THR A 112 -20.89 -45.70 44.23
C THR A 112 -20.81 -44.62 43.16
N GLN A 113 -20.13 -43.52 43.49
CA GLN A 113 -19.97 -42.42 42.57
C GLN A 113 -19.01 -42.80 41.44
N PRO A 114 -19.09 -42.10 40.31
CA PRO A 114 -18.14 -42.37 39.21
C PRO A 114 -16.71 -42.15 39.66
N ALA A 115 -15.80 -42.95 39.08
CA ALA A 115 -14.39 -42.89 39.49
C ALA A 115 -13.77 -41.53 39.21
N LEU A 116 -14.07 -40.95 38.04
CA LEU A 116 -13.50 -39.66 37.69
C LEU A 116 -13.97 -38.55 38.64
N LEU A 117 -15.25 -38.55 39.00
CA LEU A 117 -15.77 -37.54 39.92
C LEU A 117 -15.09 -37.65 41.28
N ARG A 118 -14.97 -38.87 41.80
CA ARG A 118 -14.31 -39.07 43.08
C ARG A 118 -12.84 -38.66 43.02
N LEU A 119 -12.16 -38.99 41.92
CA LEU A 119 -10.76 -38.62 41.78
C LEU A 119 -10.59 -37.10 41.73
N SER A 120 -11.46 -36.41 40.99
CA SER A 120 -11.36 -34.96 40.91
C SER A 120 -11.69 -34.31 42.26
N ASP A 121 -12.65 -34.86 43.00
CA ASP A 121 -12.93 -34.36 44.34
C ASP A 121 -11.75 -34.57 45.26
N HIS A 122 -11.09 -35.74 45.15
CA HIS A 122 -9.92 -36.01 45.98
C HIS A 122 -8.77 -35.07 45.65
N LEU A 123 -8.58 -34.77 44.37
CA LEU A 123 -7.42 -33.98 43.97
C LEU A 123 -7.65 -32.49 44.18
N LEU A 124 -8.66 -31.93 43.53
CA LEU A 124 -8.79 -30.48 43.46
C LEU A 124 -9.42 -29.85 44.70
N ALA A 125 -9.96 -30.64 45.62
CA ALA A 125 -10.44 -30.07 46.89
C ALA A 125 -9.25 -29.70 47.75
N ASN A 126 -9.41 -28.62 48.52
CA ASN A 126 -8.33 -28.02 49.34
C ASN A 126 -6.99 -28.05 48.63
N TYR A 127 -6.99 -27.65 47.36
CA TYR A 127 -5.79 -27.55 46.55
C TYR A 127 -5.55 -26.10 46.19
N LYS A 128 -4.34 -25.61 46.45
CA LYS A 128 -4.00 -24.21 46.21
C LYS A 128 -3.26 -24.10 44.88
N LYS A 129 -3.86 -23.40 43.92
CA LYS A 129 -3.27 -23.27 42.61
C LYS A 129 -2.20 -22.19 42.54
N GLY A 130 -2.03 -21.39 43.58
CA GLY A 130 -1.01 -20.37 43.60
C GLY A 130 0.28 -20.77 44.27
N VAL A 131 0.42 -22.03 44.65
CA VAL A 131 1.58 -22.53 45.37
C VAL A 131 2.41 -23.37 44.42
N ARG A 132 3.72 -23.13 44.41
CA ARG A 132 4.60 -24.00 43.63
C ARG A 132 4.55 -25.40 44.25
N PRO A 133 4.22 -26.43 43.49
CA PRO A 133 3.87 -27.73 44.07
C PRO A 133 5.08 -28.59 44.42
N VAL A 134 5.71 -28.28 45.55
CA VAL A 134 6.78 -29.08 46.11
C VAL A 134 6.56 -29.22 47.61
N ARG A 135 6.61 -30.45 48.10
CA ARG A 135 6.54 -30.67 49.54
C ARG A 135 7.75 -30.08 50.24
N ASP A 136 8.94 -30.22 49.64
CA ASP A 136 10.14 -29.55 50.10
C ASP A 136 10.44 -28.39 49.15
N TRP A 137 10.41 -27.17 49.67
CA TRP A 137 10.57 -26.00 48.82
C TRP A 137 11.98 -25.86 48.27
N ARG A 138 12.94 -26.64 48.77
CA ARG A 138 14.31 -26.53 48.30
C ARG A 138 14.53 -27.17 46.94
N LYS A 139 13.61 -28.02 46.50
CA LYS A 139 13.80 -28.66 45.19
C LYS A 139 13.04 -27.89 44.12
N PRO A 140 13.58 -27.79 42.91
CA PRO A 140 12.85 -27.07 41.85
C PRO A 140 11.93 -27.99 41.07
N THR A 141 10.97 -27.38 40.38
CA THR A 141 10.10 -28.13 39.47
C THR A 141 10.71 -28.12 38.08
N THR A 142 11.13 -29.29 37.61
CA THR A 142 11.81 -29.41 36.32
C THR A 142 10.77 -29.52 35.22
N VAL A 143 10.62 -28.46 34.45
CA VAL A 143 9.65 -28.42 33.36
C VAL A 143 10.36 -28.87 32.08
N SER A 144 9.95 -30.02 31.55
CA SER A 144 10.56 -30.58 30.34
C SER A 144 9.81 -30.05 29.13
N ILE A 145 10.52 -29.40 28.23
CA ILE A 145 9.91 -28.64 27.15
C ILE A 145 10.22 -29.30 25.81
N ASP A 146 9.20 -29.37 24.94
CA ASP A 146 9.38 -29.88 23.59
C ASP A 146 8.66 -28.95 22.62
N VAL A 147 9.24 -28.77 21.44
CA VAL A 147 8.75 -27.82 20.45
C VAL A 147 8.88 -28.43 19.06
N ILE A 148 7.83 -28.30 18.25
CA ILE A 148 7.88 -28.62 16.83
C ILE A 148 7.33 -27.43 16.06
N MET A 149 8.02 -27.03 15.00
CA MET A 149 7.58 -25.92 14.18
C MET A 149 6.52 -26.41 13.19
N TYR A 150 5.34 -25.78 13.23
CA TYR A 150 4.29 -26.14 12.28
C TYR A 150 4.41 -25.36 10.98
N ALA A 151 4.64 -24.05 11.06
CA ALA A 151 4.77 -23.24 9.87
C ALA A 151 5.52 -21.95 10.21
N ILE A 152 6.07 -21.33 9.18
CA ILE A 152 6.71 -20.03 9.30
C ILE A 152 5.81 -19.04 8.57
N LEU A 153 5.01 -18.30 9.34
CA LEU A 153 3.99 -17.45 8.76
C LEU A 153 4.54 -16.21 8.07
N ASN A 154 5.55 -15.58 8.65
CA ASN A 154 6.07 -14.34 8.08
C ASN A 154 7.46 -14.01 8.63
N VAL A 155 8.41 -13.79 7.74
CA VAL A 155 9.73 -13.27 8.09
C VAL A 155 9.83 -11.85 7.54
N ASP A 156 9.83 -10.86 8.43
CA ASP A 156 9.77 -9.46 8.06
C ASP A 156 11.14 -8.83 8.35
N GLU A 157 11.96 -8.71 7.31
CA GLU A 157 13.32 -8.20 7.48
C GLU A 157 13.38 -6.72 7.77
N LYS A 158 12.30 -5.97 7.54
CA LYS A 158 12.31 -4.54 7.84
C LYS A 158 12.31 -4.31 9.34
N ASN A 159 11.27 -4.78 10.03
CA ASN A 159 11.20 -4.67 11.48
C ASN A 159 11.96 -5.78 12.19
N GLN A 160 12.40 -6.80 11.47
CA GLN A 160 13.22 -7.89 12.01
C GLN A 160 12.46 -8.65 13.10
N VAL A 161 11.27 -9.14 12.74
CA VAL A 161 10.47 -10.00 13.59
C VAL A 161 10.11 -11.25 12.80
N LEU A 162 10.07 -12.39 13.49
CA LEU A 162 9.76 -13.67 12.87
C LEU A 162 8.45 -14.20 13.43
N THR A 163 7.49 -14.47 12.54
CA THR A 163 6.20 -15.00 12.92
C THR A 163 6.15 -16.49 12.61
N THR A 164 5.95 -17.30 13.64
CA THR A 164 5.95 -18.74 13.49
C THR A 164 4.82 -19.35 14.31
N TYR A 165 4.38 -20.53 13.89
CA TYR A 165 3.40 -21.33 14.61
C TYR A 165 4.05 -22.64 15.02
N ILE A 166 4.08 -22.92 16.31
CA ILE A 166 4.74 -24.10 16.84
C ILE A 166 3.75 -24.93 17.64
N TRP A 167 3.96 -26.24 17.65
CA TRP A 167 3.28 -27.14 18.56
C TRP A 167 4.15 -27.32 19.79
N TYR A 168 3.61 -26.98 20.95
CA TYR A 168 4.39 -26.91 22.18
C TYR A 168 3.77 -27.81 23.24
N ARG A 169 4.61 -28.56 23.93
CA ARG A 169 4.16 -29.39 25.04
C ARG A 169 5.20 -29.35 26.15
N GLN A 170 4.73 -29.50 27.39
CA GLN A 170 5.61 -29.51 28.55
C GLN A 170 4.99 -30.39 29.61
N TYR A 171 5.85 -30.91 30.49
CA TYR A 171 5.37 -31.70 31.62
C TYR A 171 6.27 -31.47 32.82
N TRP A 172 5.64 -31.43 33.99
CA TRP A 172 6.31 -31.21 35.25
C TRP A 172 5.67 -32.09 36.31
N THR A 173 6.42 -32.40 37.36
CA THR A 173 5.93 -33.26 38.42
C THR A 173 5.09 -32.44 39.40
N ASP A 174 3.84 -32.85 39.59
CA ASP A 174 2.90 -32.19 40.50
C ASP A 174 2.79 -33.04 41.75
N GLU A 175 3.49 -32.65 42.81
CA GLU A 175 3.55 -33.46 44.02
C GLU A 175 2.27 -33.44 44.83
N PHE A 176 1.27 -32.68 44.42
CA PHE A 176 -0.02 -32.66 45.10
C PHE A 176 -1.10 -33.45 44.39
N LEU A 177 -1.07 -33.53 43.06
CA LEU A 177 -2.01 -34.36 42.30
C LEU A 177 -1.47 -35.78 42.13
N GLN A 178 -1.34 -36.47 43.26
CA GLN A 178 -0.89 -37.86 43.27
C GLN A 178 -1.93 -38.72 43.96
N TRP A 179 -2.16 -39.91 43.40
CA TRP A 179 -3.13 -40.85 43.95
C TRP A 179 -2.71 -42.25 43.56
N THR A 180 -3.29 -43.24 44.25
CA THR A 180 -3.10 -44.62 43.89
C THR A 180 -4.24 -45.08 42.98
N PRO A 181 -3.95 -45.72 41.84
CA PRO A 181 -5.04 -46.11 40.94
C PRO A 181 -6.04 -47.07 41.55
N GLU A 182 -5.60 -47.94 42.46
CA GLU A 182 -6.48 -48.99 42.97
C GLU A 182 -7.66 -48.45 43.75
N ASP A 183 -7.58 -47.21 44.25
CA ASP A 183 -8.69 -46.64 45.01
C ASP A 183 -9.74 -45.99 44.13
N PHE A 184 -9.46 -45.81 42.83
CA PHE A 184 -10.34 -45.06 41.94
C PHE A 184 -10.59 -45.83 40.66
N ASP A 185 -10.93 -47.12 40.80
CA ASP A 185 -11.29 -47.97 39.67
C ASP A 185 -10.15 -48.05 38.64
N ASN A 186 -8.92 -48.16 39.14
CA ASN A 186 -7.74 -48.40 38.31
C ASN A 186 -7.53 -47.30 37.28
N VAL A 187 -7.91 -46.07 37.61
CA VAL A 187 -7.66 -44.95 36.70
C VAL A 187 -6.20 -44.52 36.85
N THR A 188 -5.51 -44.39 35.73
CA THR A 188 -4.10 -44.01 35.75
C THR A 188 -3.87 -42.57 35.32
N LYS A 189 -4.80 -41.98 34.56
CA LYS A 189 -4.68 -40.59 34.14
C LYS A 189 -6.06 -40.00 33.95
N LEU A 190 -6.14 -38.68 34.06
CA LEU A 190 -7.38 -37.95 33.82
C LEU A 190 -7.05 -36.54 33.37
N SER A 191 -7.99 -35.92 32.67
CA SER A 191 -7.82 -34.56 32.19
C SER A 191 -8.37 -33.58 33.21
N ILE A 192 -7.56 -32.60 33.58
CA ILE A 192 -7.92 -31.62 34.59
C ILE A 192 -7.82 -30.24 33.97
N PRO A 193 -8.75 -29.32 34.26
CA PRO A 193 -8.69 -27.99 33.65
C PRO A 193 -7.40 -27.27 34.00
N THR A 194 -6.89 -26.49 33.04
CA THR A 194 -5.65 -25.75 33.26
C THR A 194 -5.82 -24.69 34.34
N ASP A 195 -7.03 -24.14 34.49
CA ASP A 195 -7.25 -23.08 35.46
C ASP A 195 -7.26 -23.58 36.89
N SER A 196 -7.41 -24.88 37.11
CA SER A 196 -7.55 -25.42 38.45
C SER A 196 -6.23 -25.83 39.09
N ILE A 197 -5.11 -25.74 38.36
CA ILE A 197 -3.82 -26.22 38.85
C ILE A 197 -2.76 -25.16 38.58
N TRP A 198 -1.64 -25.30 39.29
CA TRP A 198 -0.50 -24.42 39.09
C TRP A 198 0.17 -24.72 37.75
N VAL A 199 0.43 -23.67 36.97
CA VAL A 199 1.04 -23.81 35.66
C VAL A 199 2.27 -22.89 35.59
N PRO A 200 3.43 -23.40 35.19
CA PRO A 200 4.62 -22.54 35.16
C PRO A 200 4.50 -21.43 34.14
N ASP A 201 5.15 -20.30 34.45
CA ASP A 201 5.15 -19.14 33.58
C ASP A 201 6.26 -19.19 32.52
N ILE A 202 6.23 -20.20 31.66
CA ILE A 202 7.26 -20.33 30.63
C ILE A 202 6.85 -19.48 29.43
N LEU A 203 7.68 -18.50 29.08
CA LEU A 203 7.49 -17.70 27.88
C LEU A 203 8.85 -17.41 27.28
N ILE A 204 8.85 -16.72 26.14
CA ILE A 204 10.03 -16.55 25.31
C ILE A 204 10.59 -15.14 25.50
N ASN A 205 11.91 -15.04 25.64
CA ASN A 205 12.56 -13.74 25.75
C ASN A 205 12.36 -12.91 24.48
N GLU A 206 12.52 -13.54 23.31
CA GLU A 206 12.52 -12.82 22.05
C GLU A 206 11.15 -12.27 21.67
N PHE A 207 10.14 -12.44 22.51
CA PHE A 207 8.81 -11.88 22.22
C PHE A 207 8.90 -10.38 22.02
N VAL A 208 8.20 -9.90 20.99
CA VAL A 208 8.06 -8.48 20.74
C VAL A 208 6.59 -8.15 20.57
N ASP A 209 5.77 -9.20 20.49
CA ASP A 209 4.33 -9.05 20.33
C ASP A 209 3.69 -10.38 20.70
N VAL A 210 2.79 -10.35 21.68
CA VAL A 210 2.14 -11.58 22.10
C VAL A 210 1.26 -12.10 20.97
N GLY A 211 1.40 -13.37 20.64
CA GLY A 211 0.65 -13.94 19.54
C GLY A 211 -0.77 -14.28 19.93
N LYS A 212 -1.60 -14.49 18.91
CA LYS A 212 -2.98 -14.90 19.09
C LYS A 212 -3.06 -16.40 18.82
N SER A 213 -3.10 -17.19 19.90
CA SER A 213 -3.11 -18.64 19.80
C SER A 213 -4.28 -19.16 20.61
N PRO A 214 -4.87 -20.29 20.21
CA PRO A 214 -6.01 -20.83 20.95
C PRO A 214 -5.60 -21.26 22.36
N ASN A 215 -6.55 -21.16 23.28
CA ASN A 215 -6.32 -21.59 24.65
C ASN A 215 -6.79 -23.02 24.84
N ILE A 216 -5.91 -23.89 25.31
CA ILE A 216 -6.24 -25.29 25.59
C ILE A 216 -6.67 -25.38 27.04
N PRO A 217 -7.93 -25.73 27.31
CA PRO A 217 -8.44 -25.66 28.69
C PRO A 217 -8.02 -26.83 29.58
N TYR A 218 -7.64 -27.97 29.01
CA TYR A 218 -7.40 -29.19 29.78
C TYR A 218 -5.95 -29.61 29.69
N VAL A 219 -5.46 -30.22 30.77
CA VAL A 219 -4.14 -30.83 30.83
C VAL A 219 -4.28 -32.23 31.40
N TYR A 220 -3.36 -33.11 31.03
CA TYR A 220 -3.37 -34.48 31.55
C TYR A 220 -2.58 -34.55 32.85
N VAL A 221 -3.09 -35.36 33.78
CA VAL A 221 -2.43 -35.62 35.05
C VAL A 221 -2.34 -37.12 35.24
N HIS A 222 -1.14 -37.62 35.51
CA HIS A 222 -0.92 -39.03 35.76
C HIS A 222 -0.97 -39.32 37.25
N HIS A 223 -1.02 -40.62 37.59
CA HIS A 223 -1.21 -41.01 38.99
C HIS A 223 0.04 -40.71 39.82
N ARG A 224 1.16 -40.39 39.18
CA ARG A 224 2.37 -40.05 39.90
C ARG A 224 2.69 -38.56 39.85
N GLY A 225 1.76 -37.73 39.37
CA GLY A 225 1.92 -36.30 39.40
C GLY A 225 2.35 -35.66 38.10
N GLU A 226 2.71 -36.44 37.08
CA GLU A 226 3.17 -35.86 35.83
C GLU A 226 2.04 -35.13 35.12
N VAL A 227 2.07 -33.80 35.15
CA VAL A 227 1.07 -32.99 34.46
C VAL A 227 1.60 -32.62 33.08
N GLN A 228 0.84 -32.99 32.05
CA GLN A 228 1.25 -32.79 30.66
C GLN A 228 0.37 -31.72 30.04
N ASN A 229 1.00 -30.68 29.49
CA ASN A 229 0.31 -29.54 28.94
C ASN A 229 0.64 -29.42 27.46
N TYR A 230 -0.37 -29.55 26.60
CA TYR A 230 -0.23 -29.38 25.16
C TYR A 230 -0.89 -28.07 24.75
N LYS A 231 -0.22 -27.31 23.88
CA LYS A 231 -0.73 -26.01 23.50
C LYS A 231 -0.09 -25.53 22.20
N PRO A 232 -0.87 -25.01 21.25
CA PRO A 232 -0.27 -24.35 20.08
C PRO A 232 0.07 -22.90 20.40
N LEU A 233 1.14 -22.41 19.79
CA LEU A 233 1.64 -21.08 20.07
C LEU A 233 1.98 -20.36 18.76
N GLN A 234 1.34 -19.22 18.54
CA GLN A 234 1.78 -18.29 17.51
C GLN A 234 2.80 -17.34 18.13
N LEU A 235 3.98 -17.25 17.53
CA LEU A 235 5.09 -16.51 18.09
C LEU A 235 5.50 -15.39 17.15
N VAL A 236 5.55 -14.17 17.68
CA VAL A 236 6.12 -13.02 16.97
C VAL A 236 7.36 -12.61 17.75
N THR A 237 8.52 -13.07 17.29
CA THR A 237 9.76 -12.93 18.04
C THR A 237 10.77 -12.14 17.24
N ALA A 238 11.58 -11.34 17.95
CA ALA A 238 12.66 -10.61 17.30
C ALA A 238 13.78 -11.56 16.90
N CYS A 239 14.47 -11.22 15.82
CA CYS A 239 15.59 -12.02 15.35
C CYS A 239 16.51 -11.15 14.52
N SER A 240 17.76 -11.60 14.38
CA SER A 240 18.75 -10.90 13.56
C SER A 240 18.69 -11.50 12.16
N LEU A 241 18.08 -10.76 11.24
CA LEU A 241 17.91 -11.23 9.86
C LEU A 241 19.00 -10.60 9.00
N ASP A 242 19.96 -11.41 8.60
CA ASP A 242 21.07 -10.96 7.75
C ASP A 242 20.69 -11.22 6.30
N ILE A 243 20.49 -10.15 5.53
CA ILE A 243 20.01 -10.23 4.16
C ILE A 243 21.15 -10.06 3.18
N TYR A 244 22.38 -10.26 3.64
CA TYR A 244 23.54 -10.05 2.78
C TYR A 244 23.48 -10.92 1.53
N ASN A 245 22.98 -12.16 1.68
CA ASN A 245 22.79 -13.07 0.57
C ASN A 245 21.33 -13.21 0.16
N PHE A 246 20.58 -12.11 0.13
CA PHE A 246 19.12 -12.03 0.11
C PHE A 246 18.42 -13.15 -0.68
N PRO A 247 18.72 -13.39 -1.95
CA PRO A 247 18.00 -14.45 -2.67
C PRO A 247 18.33 -15.84 -2.15
N PHE A 248 19.48 -16.02 -1.50
CA PHE A 248 19.93 -17.34 -1.04
C PHE A 248 20.29 -17.35 0.44
N ASP A 249 19.79 -16.40 1.22
CA ASP A 249 20.20 -16.29 2.61
C ASP A 249 19.57 -17.40 3.44
N VAL A 250 20.34 -17.90 4.42
CA VAL A 250 19.85 -18.83 5.42
C VAL A 250 19.87 -18.12 6.76
N GLN A 251 18.72 -18.07 7.42
CA GLN A 251 18.56 -17.33 8.66
C GLN A 251 18.75 -18.25 9.85
N ASN A 252 19.05 -17.65 10.99
CA ASN A 252 19.35 -18.37 12.23
C ASN A 252 18.64 -17.64 13.35
N CYS A 253 17.40 -18.03 13.63
CA CYS A 253 16.55 -17.35 14.60
C CYS A 253 16.46 -18.20 15.85
N SER A 254 16.48 -17.54 17.01
CA SER A 254 16.46 -18.26 18.28
C SER A 254 15.13 -18.07 18.99
N LEU A 255 14.68 -19.13 19.66
CA LEU A 255 13.49 -19.10 20.51
C LEU A 255 13.90 -19.59 21.89
N THR A 256 13.95 -18.68 22.86
CA THR A 256 14.49 -18.97 24.19
C THR A 256 13.34 -19.10 25.19
N PHE A 257 13.01 -20.33 25.54
CA PHE A 257 11.96 -20.59 26.52
C PHE A 257 12.53 -20.55 27.93
N THR A 258 11.89 -19.78 28.80
CA THR A 258 12.35 -19.67 30.18
C THR A 258 11.22 -19.19 31.07
N SER A 259 11.38 -19.39 32.38
CA SER A 259 10.47 -18.82 33.35
C SER A 259 10.82 -17.36 33.57
N TRP A 260 9.83 -16.48 33.44
CA TRP A 260 10.10 -15.06 33.50
C TRP A 260 10.50 -14.61 34.91
N LEU A 261 9.76 -15.07 35.91
CA LEU A 261 10.02 -14.62 37.27
C LEU A 261 10.91 -15.59 38.04
N HIS A 262 10.63 -16.89 37.94
CA HIS A 262 11.27 -17.88 38.79
C HIS A 262 12.73 -18.05 38.40
N THR A 263 13.59 -18.18 39.42
CA THR A 263 14.99 -18.47 39.20
C THR A 263 15.21 -19.98 39.04
N ILE A 264 16.47 -20.36 38.81
CA ILE A 264 16.79 -21.77 38.60
C ILE A 264 16.60 -22.59 39.86
N GLN A 265 16.57 -21.95 41.04
CA GLN A 265 16.30 -22.67 42.27
C GLN A 265 14.82 -22.99 42.43
N ASP A 266 13.96 -22.40 41.60
CA ASP A 266 12.53 -22.64 41.65
C ASP A 266 12.01 -23.42 40.46
N ILE A 267 12.35 -22.99 39.25
CA ILE A 267 11.91 -23.65 38.02
C ILE A 267 13.12 -23.90 37.14
N ASN A 268 13.29 -25.15 36.70
CA ASN A 268 14.35 -25.53 35.79
C ASN A 268 13.75 -26.18 34.55
N ILE A 269 14.48 -26.12 33.44
CA ILE A 269 13.97 -26.52 32.14
C ILE A 269 14.87 -27.57 31.51
N THR A 270 14.27 -28.65 31.03
CA THR A 270 14.97 -29.69 30.30
C THR A 270 14.24 -29.97 28.99
N LEU A 271 14.64 -31.03 28.31
CA LEU A 271 14.00 -31.47 27.08
C LEU A 271 13.19 -32.74 27.30
N TRP A 272 11.99 -32.76 26.69
CA TRP A 272 11.20 -33.97 26.65
C TRP A 272 11.90 -35.05 25.82
N ARG A 273 12.47 -34.66 24.69
CA ARG A 273 13.14 -35.59 23.79
C ARG A 273 14.61 -35.20 23.63
N SER A 274 15.42 -36.16 23.20
CA SER A 274 16.85 -35.92 23.04
C SER A 274 17.08 -34.86 21.97
N PRO A 275 18.13 -34.05 22.11
CA PRO A 275 18.34 -32.95 21.14
C PRO A 275 18.46 -33.40 19.71
N GLU A 276 19.01 -34.60 19.44
CA GLU A 276 19.04 -35.09 18.07
C GLU A 276 17.65 -35.33 17.51
N GLU A 277 16.74 -35.88 18.33
CA GLU A 277 15.37 -36.09 17.88
C GLU A 277 14.68 -34.77 17.57
N VAL A 278 14.92 -33.74 18.38
CA VAL A 278 14.37 -32.42 18.11
C VAL A 278 14.96 -31.85 16.83
N ARG A 279 16.26 -32.06 16.63
CA ARG A 279 16.92 -31.54 15.43
C ARG A 279 16.40 -32.21 14.17
N SER A 280 16.00 -33.48 14.26
CA SER A 280 15.58 -34.22 13.08
C SER A 280 14.10 -34.04 12.74
N ASP A 281 13.39 -33.17 13.44
CA ASP A 281 11.95 -33.03 13.24
C ASP A 281 11.65 -32.09 12.07
N LYS A 282 11.04 -32.64 11.02
CA LYS A 282 10.47 -31.86 9.91
C LYS A 282 9.14 -32.45 9.47
N SER A 283 8.39 -33.04 10.41
CA SER A 283 7.21 -33.83 10.07
C SER A 283 6.00 -32.98 9.71
N ILE A 284 5.51 -32.18 10.65
CA ILE A 284 4.28 -31.43 10.44
C ILE A 284 4.50 -30.12 9.72
N PHE A 285 5.74 -29.75 9.46
CA PHE A 285 6.06 -28.43 8.92
C PHE A 285 5.36 -28.19 7.59
N ILE A 286 4.62 -27.08 7.51
CA ILE A 286 4.04 -26.65 6.24
C ILE A 286 5.18 -26.16 5.34
N ASN A 287 5.33 -26.78 4.18
CA ASN A 287 6.54 -26.63 3.39
C ASN A 287 6.34 -25.92 2.06
N GLN A 288 5.10 -25.60 1.67
CA GLN A 288 4.86 -24.99 0.36
C GLN A 288 5.26 -23.52 0.32
N GLY A 289 5.55 -22.90 1.46
CA GLY A 289 5.79 -21.48 1.53
C GLY A 289 7.17 -21.08 1.03
N GLU A 290 7.50 -19.80 1.25
CA GLU A 290 8.76 -19.26 0.77
C GLU A 290 9.95 -19.76 1.59
N TRP A 291 9.75 -20.02 2.87
CA TRP A 291 10.83 -20.35 3.79
C TRP A 291 10.85 -21.84 4.06
N GLU A 292 12.03 -22.45 3.97
CA GLU A 292 12.22 -23.87 4.22
C GLU A 292 12.92 -24.05 5.56
N LEU A 293 12.36 -24.89 6.42
CA LEU A 293 12.97 -25.15 7.71
C LEU A 293 14.09 -26.18 7.56
N LEU A 294 15.27 -25.85 8.06
CA LEU A 294 16.39 -26.77 8.02
C LEU A 294 16.44 -27.64 9.27
N GLU A 295 16.52 -27.03 10.44
CA GLU A 295 16.60 -27.78 11.69
C GLU A 295 16.19 -26.87 12.84
N VAL A 296 15.85 -27.51 13.97
CA VAL A 296 15.56 -26.82 15.22
C VAL A 296 16.51 -27.41 16.26
N PHE A 297 17.49 -26.62 16.68
CA PHE A 297 18.57 -27.11 17.53
C PHE A 297 18.41 -26.60 18.95
N PRO A 298 18.07 -27.45 19.91
CA PRO A 298 17.94 -26.99 21.31
C PRO A 298 19.28 -26.98 22.03
N GLN A 299 19.39 -26.07 23.00
CA GLN A 299 20.63 -25.90 23.75
C GLN A 299 20.31 -25.21 25.08
N PHE A 300 20.75 -25.83 26.18
CA PHE A 300 20.45 -25.30 27.51
C PHE A 300 21.51 -24.29 27.93
N LYS A 301 21.05 -23.16 28.47
CA LYS A 301 21.94 -22.14 28.99
C LYS A 301 21.37 -21.57 30.28
N GLU A 302 22.25 -21.01 31.10
CA GLU A 302 21.86 -20.29 32.30
C GLU A 302 22.09 -18.80 32.09
N PHE A 303 21.06 -18.00 32.34
CA PHE A 303 21.15 -16.55 32.21
C PHE A 303 21.19 -15.93 33.60
N SER A 304 22.28 -15.24 33.91
CA SER A 304 22.47 -14.67 35.23
C SER A 304 23.36 -13.44 35.13
N ILE A 305 22.88 -12.34 35.70
CA ILE A 305 23.67 -11.11 35.82
C ILE A 305 23.79 -10.80 37.31
N ASP A 306 23.70 -11.84 38.13
CA ASP A 306 23.84 -11.72 39.57
C ASP A 306 24.41 -13.03 40.10
N ILE A 307 25.02 -12.96 41.28
CA ILE A 307 25.67 -14.14 41.85
C ILE A 307 24.65 -15.24 42.15
N SER A 308 23.45 -14.87 42.60
CA SER A 308 22.44 -15.84 43.01
C SER A 308 21.28 -15.96 42.04
N ASN A 309 20.90 -14.87 41.37
CA ASN A 309 19.74 -14.87 40.49
C ASN A 309 20.10 -15.48 39.14
N SER A 310 20.12 -16.81 39.12
CA SER A 310 20.34 -17.55 37.89
C SER A 310 19.01 -18.03 37.33
N TYR A 311 18.78 -17.76 36.05
CA TYR A 311 17.55 -18.14 35.38
C TYR A 311 17.84 -19.22 34.35
N ALA A 312 17.13 -20.34 34.46
CA ALA A 312 17.25 -21.40 33.46
C ALA A 312 16.67 -20.93 32.13
N GLU A 313 17.28 -21.38 31.04
CA GLU A 313 16.89 -20.99 29.70
C GLU A 313 17.05 -22.19 28.78
N MET A 314 16.39 -22.15 27.63
CA MET A 314 16.52 -23.22 26.63
C MET A 314 16.32 -22.59 25.26
N LYS A 315 17.38 -22.54 24.46
CA LYS A 315 17.38 -21.84 23.18
C LYS A 315 17.10 -22.85 22.06
N PHE A 316 16.05 -22.60 21.28
CA PHE A 316 15.74 -23.41 20.10
C PHE A 316 16.15 -22.61 18.87
N TYR A 317 17.33 -22.90 18.34
CA TYR A 317 17.86 -22.17 17.19
C TYR A 317 17.11 -22.62 15.94
N VAL A 318 16.10 -21.86 15.55
CA VAL A 318 15.33 -22.15 14.34
C VAL A 318 16.14 -21.64 13.15
N ILE A 319 16.62 -22.58 12.33
CA ILE A 319 17.41 -22.25 11.15
C ILE A 319 16.54 -22.47 9.92
N ILE A 320 16.34 -21.40 9.15
CA ILE A 320 15.45 -21.42 8.00
C ILE A 320 16.21 -20.92 6.78
N ARG A 321 15.84 -21.43 5.60
CA ARG A 321 16.48 -21.06 4.35
C ARG A 321 15.42 -20.60 3.36
N ARG A 322 15.67 -19.44 2.74
CA ARG A 322 14.75 -18.91 1.75
C ARG A 322 14.85 -19.69 0.44
N ARG A 323 13.71 -19.83 -0.24
CA ARG A 323 13.67 -20.49 -1.54
C ARG A 323 13.88 -19.44 -2.64
N PRO A 324 15.00 -19.48 -3.37
CA PRO A 324 15.27 -18.42 -4.35
C PRO A 324 14.37 -18.45 -5.57
N LEU A 325 13.60 -19.53 -5.79
CA LEU A 325 12.78 -19.62 -6.99
C LEU A 325 11.69 -18.55 -7.04
N PHE A 326 11.37 -17.93 -5.90
CA PHE A 326 10.41 -16.84 -5.89
C PHE A 326 10.90 -15.66 -6.70
N TYR A 327 12.22 -15.44 -6.75
CA TYR A 327 12.79 -14.19 -7.23
C TYR A 327 13.52 -14.29 -8.55
N ALA A 328 13.68 -15.50 -9.11
CA ALA A 328 14.37 -15.62 -10.38
C ALA A 328 13.65 -14.83 -11.48
N VAL A 329 12.34 -15.08 -11.63
CA VAL A 329 11.56 -14.36 -12.62
C VAL A 329 11.47 -12.87 -12.30
N SER A 330 11.41 -12.52 -11.01
CA SER A 330 11.24 -11.13 -10.61
C SER A 330 12.52 -10.31 -10.77
N LEU A 331 13.68 -10.95 -10.78
CA LEU A 331 14.95 -10.25 -10.80
C LEU A 331 15.74 -10.47 -12.09
N LEU A 332 16.03 -11.71 -12.46
CA LEU A 332 16.90 -11.96 -13.60
C LEU A 332 16.19 -11.66 -14.92
N LEU A 333 14.91 -12.00 -15.00
CA LEU A 333 14.18 -11.85 -16.26
C LEU A 333 14.12 -10.41 -16.75
N PRO A 334 13.71 -9.41 -15.95
CA PRO A 334 13.71 -8.03 -16.49
C PRO A 334 15.09 -7.53 -16.87
N SER A 335 16.11 -7.82 -16.06
CA SER A 335 17.45 -7.36 -16.36
C SER A 335 17.98 -8.00 -17.64
N ILE A 336 17.76 -9.31 -17.80
CA ILE A 336 18.20 -10.00 -19.00
C ILE A 336 17.46 -9.48 -20.23
N PHE A 337 16.15 -9.24 -20.08
CA PHE A 337 15.36 -8.72 -21.20
C PHE A 337 15.85 -7.34 -21.63
N LEU A 338 16.13 -6.46 -20.67
CA LEU A 338 16.62 -5.13 -21.01
C LEU A 338 18.03 -5.18 -21.59
N MET A 339 18.88 -6.07 -21.09
CA MET A 339 20.19 -6.24 -21.71
C MET A 339 20.08 -6.76 -23.14
N VAL A 340 19.12 -7.65 -23.40
CA VAL A 340 18.93 -8.17 -24.75
C VAL A 340 18.45 -7.06 -25.69
N VAL A 341 17.48 -6.26 -25.24
CA VAL A 341 17.03 -5.16 -26.10
C VAL A 341 18.11 -4.10 -26.26
N ASP A 342 19.03 -3.97 -25.29
CA ASP A 342 20.17 -3.09 -25.49
C ASP A 342 21.02 -3.54 -26.67
N ILE A 343 21.32 -4.83 -26.74
CA ILE A 343 22.09 -5.37 -27.86
C ILE A 343 21.30 -5.23 -29.16
N VAL A 344 19.99 -5.42 -29.09
CA VAL A 344 19.14 -5.29 -30.28
C VAL A 344 19.21 -3.86 -30.82
N GLY A 345 19.08 -2.87 -29.92
CA GLY A 345 19.15 -1.48 -30.34
C GLY A 345 20.55 -1.01 -30.69
N PHE A 346 21.57 -1.76 -30.26
CA PHE A 346 22.94 -1.46 -30.65
C PHE A 346 23.12 -1.47 -32.17
N CYS A 347 22.31 -2.25 -32.89
CA CYS A 347 22.48 -2.42 -34.33
C CYS A 347 22.07 -1.19 -35.14
N LEU A 348 21.33 -0.26 -34.54
CA LEU A 348 20.90 0.93 -35.27
C LEU A 348 22.12 1.72 -35.74
N PRO A 349 22.13 2.22 -36.97
CA PRO A 349 23.28 3.00 -37.43
C PRO A 349 23.47 4.25 -36.59
N PRO A 350 24.72 4.62 -36.29
CA PRO A 350 24.93 5.77 -35.40
C PRO A 350 24.41 7.08 -35.95
N ASP A 351 24.35 7.23 -37.26
CA ASP A 351 23.86 8.47 -37.86
C ASP A 351 22.36 8.46 -38.11
N SER A 352 21.66 7.42 -37.67
CA SER A 352 20.21 7.33 -37.90
C SER A 352 19.44 8.42 -37.18
N GLY A 353 19.97 8.95 -36.08
CA GLY A 353 19.26 9.94 -35.29
C GLY A 353 18.26 9.37 -34.30
N GLU A 354 18.14 8.05 -34.22
CA GLU A 354 17.25 7.41 -33.27
C GLU A 354 17.99 6.61 -32.21
N ARG A 355 19.29 6.40 -32.38
CA ARG A 355 20.04 5.54 -31.47
C ARG A 355 20.12 6.13 -30.06
N VAL A 356 20.38 7.43 -29.96
CA VAL A 356 20.49 8.06 -28.65
C VAL A 356 19.15 8.08 -27.94
N SER A 357 18.07 8.34 -28.68
CA SER A 357 16.73 8.29 -28.10
C SER A 357 16.41 6.89 -27.60
N PHE A 358 16.75 5.87 -28.40
CA PHE A 358 16.55 4.49 -27.98
C PHE A 358 17.30 4.19 -26.70
N LYS A 359 18.57 4.60 -26.64
CA LYS A 359 19.40 4.30 -25.47
C LYS A 359 18.87 5.01 -24.22
N ILE A 360 18.48 6.28 -24.35
CA ILE A 360 18.01 7.01 -23.18
C ILE A 360 16.64 6.48 -22.73
N THR A 361 15.79 6.07 -23.67
CA THR A 361 14.53 5.44 -23.28
C THR A 361 14.77 4.13 -22.54
N LEU A 362 15.74 3.34 -23.01
CA LEU A 362 16.08 2.10 -22.32
C LEU A 362 16.62 2.37 -20.93
N LEU A 363 17.46 3.40 -20.78
CA LEU A 363 17.97 3.75 -19.46
C LEU A 363 16.85 4.22 -18.54
N LEU A 364 15.89 4.98 -19.05
CA LEU A 364 14.74 5.37 -18.24
C LEU A 364 13.93 4.14 -17.81
N GLY A 365 13.75 3.20 -18.72
CA GLY A 365 13.05 1.97 -18.36
C GLY A 365 13.77 1.19 -17.26
N TYR A 366 15.10 1.08 -17.38
CA TYR A 366 15.87 0.43 -16.33
C TYR A 366 15.77 1.17 -15.01
N SER A 367 15.78 2.50 -15.05
CA SER A 367 15.67 3.28 -13.82
C SER A 367 14.33 3.04 -13.13
N VAL A 368 13.24 3.05 -13.90
CA VAL A 368 11.93 2.81 -13.29
C VAL A 368 11.84 1.37 -12.79
N PHE A 369 12.44 0.42 -13.51
CA PHE A 369 12.46 -0.96 -13.03
C PHE A 369 13.18 -1.07 -11.70
N LEU A 370 14.33 -0.40 -11.58
CA LEU A 370 15.09 -0.47 -10.33
C LEU A 370 14.33 0.17 -9.18
N ILE A 371 13.77 1.36 -9.41
CA ILE A 371 13.07 2.04 -8.32
C ILE A 371 11.76 1.36 -7.98
N ILE A 372 11.23 0.50 -8.86
CA ILE A 372 10.06 -0.28 -8.51
C ILE A 372 10.45 -1.55 -7.75
N VAL A 373 11.49 -2.23 -8.23
CA VAL A 373 11.90 -3.49 -7.61
C VAL A 373 12.55 -3.25 -6.26
N SER A 374 13.00 -2.01 -5.99
CA SER A 374 13.57 -1.71 -4.68
C SER A 374 12.55 -1.82 -3.56
N ASP A 375 11.25 -1.83 -3.88
CA ASP A 375 10.23 -2.03 -2.85
C ASP A 375 10.27 -3.46 -2.32
N THR A 376 10.60 -4.43 -3.16
CA THR A 376 10.70 -5.81 -2.72
C THR A 376 12.07 -6.15 -2.15
N LEU A 377 13.10 -5.42 -2.54
CA LEU A 377 14.44 -5.64 -2.00
C LEU A 377 14.51 -5.11 -0.58
N PRO A 378 14.84 -5.95 0.41
CA PRO A 378 14.89 -5.49 1.80
C PRO A 378 16.16 -4.68 2.07
N ALA A 379 16.18 -4.02 3.22
CA ALA A 379 17.33 -3.25 3.65
C ALA A 379 17.50 -3.40 5.16
N THR A 380 18.74 -3.65 5.58
CA THR A 380 19.07 -3.82 6.99
C THR A 380 20.28 -2.95 7.32
N ALA A 381 20.81 -3.14 8.53
CA ALA A 381 21.99 -2.40 8.95
C ALA A 381 23.19 -2.67 8.05
N ILE A 382 23.22 -3.83 7.40
CA ILE A 382 24.24 -4.10 6.39
C ILE A 382 24.12 -3.13 5.22
N GLY A 383 22.90 -2.70 4.90
CA GLY A 383 22.70 -1.82 3.76
C GLY A 383 22.04 -2.57 2.63
N THR A 384 22.59 -2.44 1.42
CA THR A 384 22.08 -3.18 0.30
C THR A 384 22.56 -4.64 0.35
N PRO A 385 21.79 -5.58 -0.19
CA PRO A 385 22.29 -6.96 -0.29
C PRO A 385 23.38 -7.06 -1.34
N LEU A 386 23.92 -8.28 -1.47
CA LEU A 386 25.04 -8.49 -2.38
C LEU A 386 24.62 -8.31 -3.84
N ILE A 387 23.39 -8.67 -4.19
CA ILE A 387 22.91 -8.56 -5.56
C ILE A 387 22.72 -7.12 -6.00
N GLY A 388 22.74 -6.16 -5.06
CA GLY A 388 22.76 -4.76 -5.45
C GLY A 388 24.01 -4.42 -6.24
N VAL A 389 25.13 -5.06 -5.92
CA VAL A 389 26.36 -4.87 -6.70
C VAL A 389 26.14 -5.32 -8.14
N TYR A 390 25.49 -6.48 -8.33
CA TYR A 390 25.21 -6.95 -9.67
C TYR A 390 24.26 -6.02 -10.41
N PHE A 391 23.24 -5.50 -9.71
CA PHE A 391 22.31 -4.58 -10.35
C PHE A 391 23.01 -3.30 -10.80
N VAL A 392 23.88 -2.74 -9.94
CA VAL A 392 24.57 -1.52 -10.33
C VAL A 392 25.61 -1.80 -11.40
N VAL A 393 26.16 -3.02 -11.45
CA VAL A 393 27.06 -3.38 -12.54
C VAL A 393 26.30 -3.42 -13.86
N CYS A 394 25.09 -3.98 -13.86
CA CYS A 394 24.26 -3.97 -15.06
C CYS A 394 23.93 -2.54 -15.49
N MET A 395 23.58 -1.68 -14.53
CA MET A 395 23.31 -0.29 -14.87
C MET A 395 24.56 0.40 -15.40
N ALA A 396 25.73 0.07 -14.86
CA ALA A 396 26.98 0.64 -15.36
C ALA A 396 27.25 0.18 -16.78
N LEU A 397 26.94 -1.08 -17.10
CA LEU A 397 27.10 -1.54 -18.47
C LEU A 397 26.17 -0.78 -19.41
N LEU A 398 24.93 -0.53 -18.98
CA LEU A 398 24.02 0.27 -19.80
C LEU A 398 24.55 1.68 -20.00
N VAL A 399 25.11 2.29 -18.94
CA VAL A 399 25.64 3.64 -19.06
C VAL A 399 26.86 3.66 -19.98
N ILE A 400 27.68 2.61 -19.93
CA ILE A 400 28.82 2.53 -20.83
C ILE A 400 28.35 2.41 -22.27
N SER A 401 27.29 1.63 -22.51
CA SER A 401 26.71 1.56 -23.85
C SER A 401 26.22 2.92 -24.31
N LEU A 402 25.55 3.66 -23.43
CA LEU A 402 25.06 4.99 -23.77
C LEU A 402 26.22 5.93 -24.10
N ALA A 403 27.28 5.89 -23.31
CA ALA A 403 28.44 6.74 -23.57
C ALA A 403 29.12 6.39 -24.88
N GLU A 404 29.23 5.09 -25.19
CA GLU A 404 29.79 4.67 -26.47
C GLU A 404 28.94 5.19 -27.62
N THR A 405 27.61 5.07 -27.50
CA THR A 405 26.72 5.57 -28.54
C THR A 405 26.89 7.07 -28.72
N ILE A 406 26.99 7.82 -27.63
CA ILE A 406 27.17 9.27 -27.71
C ILE A 406 28.49 9.62 -28.37
N PHE A 407 29.57 8.89 -28.03
CA PHE A 407 30.87 9.15 -28.63
C PHE A 407 30.83 8.91 -30.13
N ILE A 408 30.24 7.79 -30.56
CA ILE A 408 30.18 7.49 -31.99
C ILE A 408 29.29 8.50 -32.72
N VAL A 409 28.21 8.94 -32.06
CA VAL A 409 27.38 10.00 -32.64
C VAL A 409 28.18 11.28 -32.82
N ARG A 410 29.02 11.61 -31.83
CA ARG A 410 29.91 12.75 -31.96
C ARG A 410 30.83 12.59 -33.16
N LEU A 411 31.36 11.39 -33.38
CA LEU A 411 32.26 11.17 -34.51
C LEU A 411 31.54 11.32 -35.85
N VAL A 412 30.40 10.66 -36.01
CA VAL A 412 29.78 10.56 -37.32
C VAL A 412 28.85 11.72 -37.65
N HIS A 413 28.54 12.58 -36.69
CA HIS A 413 27.58 13.66 -36.94
C HIS A 413 28.11 14.63 -37.98
N LYS A 414 27.37 14.83 -39.06
CA LYS A 414 27.78 15.73 -40.13
C LYS A 414 27.49 17.17 -39.72
N GLN A 415 28.53 18.00 -39.70
CA GLN A 415 28.40 19.41 -39.37
C GLN A 415 29.49 20.18 -40.09
N ASP A 416 29.26 21.48 -40.26
CA ASP A 416 30.08 22.28 -41.16
C ASP A 416 31.49 22.57 -40.65
N LEU A 417 31.76 22.32 -39.36
CA LEU A 417 33.10 22.57 -38.84
C LEU A 417 34.02 21.35 -38.95
N GLN A 418 33.58 20.27 -39.59
CA GLN A 418 34.39 19.08 -39.69
C GLN A 418 35.61 19.33 -40.56
N ARG A 419 36.78 19.01 -40.02
CA ARG A 419 38.03 19.02 -40.77
C ARG A 419 38.37 17.61 -41.24
N PRO A 420 39.22 17.48 -42.25
CA PRO A 420 39.55 16.14 -42.76
C PRO A 420 40.16 15.26 -41.67
N VAL A 421 39.90 13.97 -41.79
CA VAL A 421 40.34 13.01 -40.77
C VAL A 421 41.86 13.07 -40.64
N PRO A 422 42.41 13.18 -39.43
CA PRO A 422 43.87 13.23 -39.29
C PRO A 422 44.53 11.95 -39.78
N ASP A 423 45.77 12.08 -40.23
CA ASP A 423 46.47 10.95 -40.81
C ASP A 423 46.66 9.83 -39.81
N TRP A 424 46.99 10.17 -38.55
CA TRP A 424 47.22 9.14 -37.54
C TRP A 424 45.95 8.34 -37.27
N LEU A 425 44.82 9.03 -37.10
CA LEU A 425 43.56 8.33 -36.83
C LEU A 425 43.12 7.53 -38.04
N ARG A 426 43.26 8.09 -39.24
CA ARG A 426 42.91 7.38 -40.47
C ARG A 426 43.70 6.08 -40.57
N HIS A 427 45.03 6.17 -40.46
CA HIS A 427 45.86 4.97 -40.53
C HIS A 427 45.47 3.97 -39.46
N LEU A 428 45.47 4.41 -38.20
CA LEU A 428 45.18 3.51 -37.09
C LEU A 428 43.87 2.78 -37.29
N VAL A 429 42.75 3.51 -37.39
CA VAL A 429 41.46 2.85 -37.49
C VAL A 429 41.42 2.04 -38.78
N LEU A 430 41.45 2.72 -39.93
CA LEU A 430 41.10 2.10 -41.19
C LEU A 430 42.11 1.06 -41.66
N ASP A 431 43.24 0.88 -40.97
CA ASP A 431 44.11 -0.25 -41.26
C ASP A 431 44.12 -1.26 -40.12
N ARG A 432 44.52 -0.85 -38.92
CA ARG A 432 44.69 -1.82 -37.84
C ARG A 432 43.35 -2.38 -37.38
N ILE A 433 42.37 -1.51 -37.12
CA ILE A 433 41.11 -2.00 -36.58
C ILE A 433 40.33 -2.77 -37.66
N ALA A 434 40.44 -2.33 -38.91
CA ALA A 434 39.84 -3.06 -40.02
C ALA A 434 40.47 -4.45 -40.16
N TRP A 435 41.79 -4.54 -40.02
CA TRP A 435 42.45 -5.84 -40.07
C TRP A 435 42.02 -6.73 -38.92
N ILE A 436 41.87 -6.15 -37.72
CA ILE A 436 41.42 -6.92 -36.56
C ILE A 436 40.01 -7.44 -36.79
N LEU A 437 39.13 -6.61 -37.36
CA LEU A 437 37.77 -7.02 -37.65
C LEU A 437 37.74 -7.95 -38.87
N LEU A 501 36.27 40.14 -74.19
CA LEU A 501 35.63 38.97 -74.77
C LEU A 501 34.60 38.39 -73.81
N ALA A 502 33.35 38.24 -74.29
CA ALA A 502 32.29 37.73 -73.44
C ALA A 502 32.49 36.26 -73.10
N VAL A 503 33.27 35.53 -73.90
CA VAL A 503 33.55 34.14 -73.60
C VAL A 503 34.34 34.02 -72.31
N ARG A 504 35.26 34.96 -72.06
CA ARG A 504 35.97 34.98 -70.78
C ARG A 504 35.01 35.22 -69.63
N GLY A 505 33.98 36.05 -69.85
CA GLY A 505 32.95 36.21 -68.84
C GLY A 505 32.17 34.93 -68.61
N LEU A 506 31.93 34.17 -69.68
CA LEU A 506 31.30 32.86 -69.54
C LEU A 506 32.15 31.93 -68.68
N LEU A 507 33.47 31.98 -68.88
CA LEU A 507 34.36 31.09 -68.13
C LEU A 507 34.33 31.39 -66.64
N GLN A 508 34.26 32.67 -66.27
CA GLN A 508 34.32 33.04 -64.86
C GLN A 508 33.11 32.52 -64.10
N GLU A 509 31.92 32.63 -64.69
CA GLU A 509 30.71 32.15 -64.02
C GLU A 509 30.74 30.63 -63.84
N LEU A 510 31.18 29.91 -64.87
CA LEU A 510 31.33 28.46 -64.76
C LEU A 510 32.34 28.10 -63.69
N SER A 511 33.46 28.84 -63.61
CA SER A 511 34.45 28.57 -62.59
C SER A 511 33.88 28.79 -61.19
N SER A 512 33.11 29.86 -61.01
CA SER A 512 32.50 30.12 -59.71
C SER A 512 31.50 29.02 -59.32
N ILE A 513 30.68 28.59 -60.27
CA ILE A 513 29.71 27.53 -59.99
C ILE A 513 30.43 26.24 -59.64
N ARG A 514 31.48 25.92 -60.41
CA ARG A 514 32.27 24.72 -60.13
C ARG A 514 32.93 24.81 -58.76
N HIS A 515 33.38 26.01 -58.36
CA HIS A 515 33.98 26.17 -57.05
C HIS A 515 32.96 25.94 -55.94
N PHE A 516 31.75 26.44 -56.11
CA PHE A 516 30.70 26.19 -55.12
C PHE A 516 30.42 24.70 -55.00
N LEU A 517 30.23 24.02 -56.14
CA LEU A 517 29.96 22.59 -56.09
C LEU A 517 31.15 21.81 -55.53
N GLU A 518 32.36 22.26 -55.82
CA GLU A 518 33.55 21.60 -55.31
C GLU A 518 33.65 21.73 -53.80
N LYS A 519 33.33 22.90 -53.26
CA LYS A 519 33.30 23.07 -51.81
C LYS A 519 32.27 22.15 -51.18
N ARG A 520 31.07 22.09 -51.77
CA ARG A 520 30.04 21.22 -51.23
C ARG A 520 30.48 19.75 -51.26
N ASP A 521 31.08 19.32 -52.37
CA ASP A 521 31.54 17.95 -52.50
C ASP A 521 32.69 17.64 -51.55
N GLU A 522 33.59 18.59 -51.32
CA GLU A 522 34.68 18.38 -50.36
C GLU A 522 34.12 18.20 -48.95
N MET A 523 33.15 19.02 -48.57
CA MET A 523 32.52 18.84 -47.27
C MET A 523 31.84 17.48 -47.17
N ARG A 524 31.15 17.08 -48.25
CA ARG A 524 30.47 15.78 -48.26
C ARG A 524 31.47 14.64 -48.09
N GLU A 525 32.61 14.73 -48.78
CA GLU A 525 33.61 13.66 -48.71
C GLU A 525 34.27 13.61 -47.34
N VAL A 526 34.54 14.76 -46.72
CA VAL A 526 35.08 14.76 -45.37
C VAL A 526 34.10 14.12 -44.41
N ALA A 527 32.81 14.47 -44.54
CA ALA A 527 31.80 13.84 -43.71
C ALA A 527 31.73 12.34 -43.94
N ARG A 528 31.88 11.90 -45.19
CA ARG A 528 31.87 10.47 -45.49
C ARG A 528 33.05 9.76 -44.83
N ASP A 529 34.24 10.38 -44.87
CA ASP A 529 35.39 9.76 -44.23
C ASP A 529 35.19 9.64 -42.72
N TRP A 530 34.69 10.70 -42.09
CA TRP A 530 34.42 10.63 -40.65
C TRP A 530 33.36 9.58 -40.34
N LEU A 531 32.36 9.46 -41.21
CA LEU A 531 31.32 8.45 -41.01
C LEU A 531 31.89 7.04 -41.13
N ARG A 532 32.81 6.83 -42.07
CA ARG A 532 33.47 5.52 -42.18
C ARG A 532 34.26 5.18 -40.93
N VAL A 533 35.03 6.16 -40.42
CA VAL A 533 35.80 5.92 -39.20
C VAL A 533 34.86 5.59 -38.04
N GLY A 534 33.77 6.35 -37.91
CA GLY A 534 32.81 6.10 -36.87
C GLY A 534 32.14 4.74 -36.98
N TYR A 535 31.82 4.31 -38.20
CA TYR A 535 31.21 3.00 -38.40
C TYR A 535 32.17 1.89 -37.98
N VAL A 536 33.44 1.99 -38.36
CA VAL A 536 34.40 0.96 -37.99
C VAL A 536 34.56 0.90 -36.47
N LEU A 537 34.68 2.07 -35.83
CA LEU A 537 34.80 2.10 -34.37
C LEU A 537 33.54 1.57 -33.71
N ASP A 538 32.38 1.87 -34.29
CA ASP A 538 31.12 1.38 -33.73
C ASP A 538 31.07 -0.14 -33.78
N ARG A 539 31.50 -0.74 -34.89
CA ARG A 539 31.54 -2.19 -34.97
C ARG A 539 32.51 -2.79 -33.97
N LEU A 540 33.70 -2.20 -33.83
CA LEU A 540 34.67 -2.71 -32.88
C LEU A 540 34.14 -2.65 -31.45
N LEU A 541 33.56 -1.51 -31.08
CA LEU A 541 33.04 -1.35 -29.73
C LEU A 541 31.82 -2.21 -29.48
N PHE A 542 31.02 -2.47 -30.52
CA PHE A 542 29.91 -3.40 -30.36
C PHE A 542 30.42 -4.80 -30.06
N ARG A 543 31.45 -5.25 -30.78
CA ARG A 543 32.01 -6.57 -30.48
C ARG A 543 32.59 -6.62 -29.07
N ILE A 544 33.28 -5.56 -28.65
CA ILE A 544 33.85 -5.52 -27.30
C ILE A 544 32.75 -5.57 -26.25
N TYR A 545 31.69 -4.79 -26.45
CA TYR A 545 30.58 -4.77 -25.50
C TYR A 545 29.85 -6.10 -25.45
N LEU A 546 29.68 -6.75 -26.60
CA LEU A 546 29.06 -8.07 -26.62
C LEU A 546 29.91 -9.08 -25.86
N LEU A 547 31.23 -9.04 -26.05
CA LEU A 547 32.10 -9.93 -25.30
C LEU A 547 32.03 -9.65 -23.80
N ALA A 548 31.97 -8.38 -23.41
CA ALA A 548 31.86 -8.04 -21.99
C ALA A 548 30.55 -8.55 -21.40
N VAL A 549 29.45 -8.40 -22.14
CA VAL A 549 28.15 -8.89 -21.67
C VAL A 549 28.18 -10.40 -21.52
N LEU A 550 28.76 -11.10 -22.50
CA LEU A 550 28.87 -12.55 -22.41
C LEU A 550 29.72 -12.98 -21.22
N ALA A 551 30.82 -12.26 -20.97
CA ALA A 551 31.67 -12.58 -19.82
C ALA A 551 30.92 -12.37 -18.51
N TYR A 552 30.16 -11.29 -18.41
CA TYR A 552 29.37 -11.04 -17.21
C TYR A 552 28.32 -12.14 -17.01
N SER A 553 27.67 -12.55 -18.11
CA SER A 553 26.65 -13.58 -18.02
C SER A 553 27.24 -14.91 -17.57
N ILE A 554 28.38 -15.29 -18.14
CA ILE A 554 28.99 -16.56 -17.76
C ILE A 554 29.55 -16.49 -16.34
N THR A 555 30.03 -15.32 -15.91
CA THR A 555 30.46 -15.18 -14.53
C THR A 555 29.29 -15.38 -13.56
N LEU A 556 28.14 -14.77 -13.87
CA LEU A 556 26.96 -14.97 -13.02
C LEU A 556 26.52 -16.42 -13.03
N VAL A 557 26.56 -17.07 -14.20
CA VAL A 557 26.14 -18.47 -14.29
C VAL A 557 27.08 -19.37 -13.49
N THR A 558 28.39 -19.12 -13.56
CA THR A 558 29.33 -19.96 -12.83
C THR A 558 29.32 -19.66 -11.33
N LEU A 559 28.88 -18.46 -10.95
CA LEU A 559 28.68 -18.18 -9.52
C LEU A 559 27.43 -18.88 -9.00
N TRP A 560 26.38 -18.93 -9.82
CA TRP A 560 25.17 -19.65 -9.42
C TRP A 560 25.40 -21.16 -9.38
N SER A 561 26.21 -21.67 -10.31
CA SER A 561 26.40 -23.12 -10.41
C SER A 561 27.09 -23.67 -9.17
N ILE A 562 28.12 -22.99 -8.66
CA ILE A 562 28.81 -23.46 -7.46
C ILE A 562 27.94 -23.36 -6.22
N TRP A 563 26.89 -22.55 -6.26
CA TRP A 563 25.93 -22.53 -5.15
C TRP A 563 24.94 -23.68 -5.25
N HIS A 564 24.55 -24.04 -6.47
CA HIS A 564 23.54 -25.09 -6.69
C HIS A 564 24.13 -26.47 -6.39
N THR B 112 -44.80 -26.73 42.29
CA THR B 112 -44.66 -25.42 42.91
C THR B 112 -43.77 -24.51 42.09
N GLN B 113 -42.46 -24.76 42.14
CA GLN B 113 -41.51 -23.95 41.40
C GLN B 113 -41.62 -24.23 39.90
N PRO B 114 -41.15 -23.30 39.07
CA PRO B 114 -41.15 -23.54 37.62
C PRO B 114 -40.33 -24.77 37.26
N ALA B 115 -40.77 -25.46 36.20
CA ALA B 115 -40.13 -26.72 35.82
C ALA B 115 -38.68 -26.51 35.41
N LEU B 116 -38.40 -25.44 34.66
CA LEU B 116 -37.03 -25.19 34.21
C LEU B 116 -36.09 -24.89 35.37
N LEU B 117 -36.54 -24.11 36.36
CA LEU B 117 -35.70 -23.83 37.52
C LEU B 117 -35.38 -25.11 38.29
N ARG B 118 -36.39 -25.95 38.51
CA ARG B 118 -36.16 -27.21 39.21
C ARG B 118 -35.21 -28.11 38.43
N LEU B 119 -35.38 -28.17 37.11
CA LEU B 119 -34.51 -29.00 36.30
C LEU B 119 -33.08 -28.50 36.34
N SER B 120 -32.88 -27.19 36.25
CA SER B 120 -31.53 -26.64 36.32
C SER B 120 -30.90 -26.87 37.70
N ASP B 121 -31.69 -26.75 38.76
CA ASP B 121 -31.17 -27.07 40.09
C ASP B 121 -30.79 -28.54 40.19
N HIS B 122 -31.61 -29.43 39.60
CA HIS B 122 -31.32 -30.86 39.64
C HIS B 122 -30.05 -31.18 38.88
N LEU B 123 -29.84 -30.53 37.73
CA LEU B 123 -28.70 -30.88 36.88
C LEU B 123 -27.42 -30.23 37.37
N LEU B 124 -27.39 -28.89 37.42
CA LEU B 124 -26.14 -28.17 37.59
C LEU B 124 -25.63 -28.14 39.03
N ALA B 125 -26.46 -28.47 40.02
CA ALA B 125 -25.98 -28.57 41.38
C ALA B 125 -25.10 -29.80 41.52
N ASN B 126 -24.07 -29.70 42.38
CA ASN B 126 -23.08 -30.76 42.62
C ASN B 126 -22.58 -31.41 41.32
N TYR B 127 -22.53 -30.60 40.27
CA TYR B 127 -22.03 -31.04 38.97
C TYR B 127 -20.65 -30.41 38.73
N LYS B 128 -19.68 -31.24 38.37
CA LYS B 128 -18.31 -30.80 38.16
C LYS B 128 -18.07 -30.65 36.66
N LYS B 129 -17.74 -29.44 36.23
CA LYS B 129 -17.54 -29.17 34.82
C LYS B 129 -16.14 -29.53 34.33
N GLY B 130 -15.22 -29.88 35.23
CA GLY B 130 -13.89 -30.28 34.83
C GLY B 130 -13.70 -31.76 34.62
N VAL B 131 -14.76 -32.55 34.75
CA VAL B 131 -14.70 -34.01 34.65
C VAL B 131 -15.32 -34.42 33.33
N ARG B 132 -14.65 -35.32 32.61
CA ARG B 132 -15.22 -35.86 31.40
C ARG B 132 -16.48 -36.65 31.75
N PRO B 133 -17.62 -36.34 31.16
CA PRO B 133 -18.92 -36.89 31.63
C PRO B 133 -19.15 -38.34 31.22
N VAL B 134 -18.45 -39.25 31.89
CA VAL B 134 -18.66 -40.68 31.72
C VAL B 134 -18.66 -41.34 33.08
N ARG B 135 -19.65 -42.20 33.32
CA ARG B 135 -19.66 -42.97 34.56
C ARG B 135 -18.56 -44.02 34.57
N ASP B 136 -18.30 -44.65 33.43
CA ASP B 136 -17.18 -45.56 33.26
C ASP B 136 -16.10 -44.84 32.46
N TRP B 137 -14.93 -44.67 33.06
CA TRP B 137 -13.87 -43.89 32.43
C TRP B 137 -13.27 -44.60 31.22
N ARG B 138 -13.56 -45.89 31.03
CA ARG B 138 -12.97 -46.64 29.92
C ARG B 138 -13.66 -46.34 28.59
N LYS B 139 -14.84 -45.72 28.61
CA LYS B 139 -15.48 -45.44 27.34
C LYS B 139 -15.24 -43.98 26.95
N PRO B 140 -15.04 -43.69 25.67
CA PRO B 140 -14.80 -42.29 25.27
C PRO B 140 -16.09 -41.55 24.97
N THR B 141 -16.00 -40.23 24.99
CA THR B 141 -17.12 -39.39 24.60
C THR B 141 -17.03 -39.11 23.11
N THR B 142 -17.99 -39.65 22.34
CA THR B 142 -17.99 -39.52 20.89
C THR B 142 -18.62 -38.20 20.51
N VAL B 143 -17.79 -37.24 20.09
CA VAL B 143 -18.26 -35.92 19.71
C VAL B 143 -18.55 -35.93 18.21
N SER B 144 -19.83 -35.93 17.84
CA SER B 144 -20.24 -35.95 16.44
C SER B 144 -20.33 -34.51 15.94
N ILE B 145 -19.40 -34.13 15.08
CA ILE B 145 -19.30 -32.77 14.60
C ILE B 145 -19.95 -32.65 13.23
N ASP B 146 -20.22 -31.41 12.82
CA ASP B 146 -20.76 -31.12 11.50
C ASP B 146 -20.32 -29.73 11.09
N VAL B 147 -19.99 -29.56 9.81
CA VAL B 147 -19.46 -28.30 9.30
C VAL B 147 -20.14 -27.99 7.97
N ILE B 148 -20.64 -26.77 7.85
CA ILE B 148 -21.13 -26.23 6.59
C ILE B 148 -20.50 -24.85 6.39
N MET B 149 -20.09 -24.55 5.17
CA MET B 149 -19.32 -23.34 4.90
C MET B 149 -20.26 -22.19 4.60
N TYR B 150 -20.04 -21.04 5.25
CA TYR B 150 -20.84 -19.86 4.98
C TYR B 150 -20.21 -18.99 3.91
N ALA B 151 -18.92 -18.70 4.02
CA ALA B 151 -18.25 -17.84 3.05
C ALA B 151 -16.75 -18.11 3.11
N ILE B 152 -16.07 -17.72 2.03
CA ILE B 152 -14.61 -17.75 1.95
C ILE B 152 -14.14 -16.31 1.93
N LEU B 153 -13.69 -15.82 3.08
CA LEU B 153 -13.39 -14.40 3.22
C LEU B 153 -12.12 -13.98 2.50
N ASN B 154 -11.07 -14.83 2.52
CA ASN B 154 -9.81 -14.44 1.91
C ASN B 154 -8.92 -15.65 1.66
N VAL B 155 -8.40 -15.77 0.45
CA VAL B 155 -7.38 -16.77 0.11
C VAL B 155 -6.12 -16.01 -0.24
N ASP B 156 -5.11 -16.10 0.63
CA ASP B 156 -3.88 -15.30 0.51
C ASP B 156 -2.75 -16.25 0.11
N GLU B 157 -2.43 -16.28 -1.18
CA GLU B 157 -1.41 -17.18 -1.68
C GLU B 157 0.01 -16.77 -1.31
N LYS B 158 0.22 -15.54 -0.85
CA LYS B 158 1.56 -15.13 -0.45
C LYS B 158 1.97 -15.80 0.85
N ASN B 159 1.17 -15.62 1.91
CA ASN B 159 1.44 -16.28 3.18
C ASN B 159 0.81 -17.67 3.26
N GLN B 160 -0.02 -18.03 2.29
CA GLN B 160 -0.64 -19.36 2.21
C GLN B 160 -1.50 -19.65 3.44
N VAL B 161 -2.46 -18.78 3.69
CA VAL B 161 -3.46 -18.96 4.73
C VAL B 161 -4.83 -18.77 4.09
N LEU B 162 -5.81 -19.53 4.56
CA LEU B 162 -7.18 -19.47 4.06
C LEU B 162 -8.11 -18.98 5.16
N THR B 163 -8.85 -17.91 4.88
CA THR B 163 -9.80 -17.35 5.83
C THR B 163 -11.21 -17.75 5.40
N THR B 164 -11.91 -18.45 6.28
CA THR B 164 -13.25 -18.93 5.99
C THR B 164 -14.14 -18.75 7.21
N TYR B 165 -15.44 -18.65 6.95
CA TYR B 165 -16.46 -18.60 7.99
C TYR B 165 -17.37 -19.81 7.82
N ILE B 166 -17.46 -20.64 8.86
CA ILE B 166 -18.23 -21.87 8.82
C ILE B 166 -19.26 -21.86 9.94
N TRP B 167 -20.38 -22.51 9.70
CA TRP B 167 -21.33 -22.82 10.75
C TRP B 167 -21.02 -24.21 11.28
N TYR B 168 -20.75 -24.30 12.58
CA TYR B 168 -20.25 -25.52 13.18
C TYR B 168 -21.17 -25.96 14.30
N ARG B 169 -21.46 -27.27 14.32
CA ARG B 169 -22.27 -27.84 15.38
C ARG B 169 -21.71 -29.20 15.75
N GLN B 170 -21.80 -29.51 17.05
CA GLN B 170 -21.32 -30.78 17.56
C GLN B 170 -22.24 -31.23 18.69
N TYR B 171 -22.29 -32.55 18.91
CA TYR B 171 -23.08 -33.07 20.02
C TYR B 171 -22.40 -34.31 20.59
N TRP B 172 -22.44 -34.41 21.91
CA TRP B 172 -21.85 -35.51 22.65
C TRP B 172 -22.78 -35.89 23.78
N THR B 173 -22.65 -37.13 24.25
CA THR B 173 -23.51 -37.64 25.31
C THR B 173 -22.94 -37.28 26.67
N ASP B 174 -23.70 -36.51 27.45
CA ASP B 174 -23.33 -36.15 28.82
C ASP B 174 -24.08 -37.05 29.77
N GLU B 175 -23.38 -38.03 30.36
CA GLU B 175 -24.01 -39.02 31.21
C GLU B 175 -24.45 -38.47 32.56
N PHE B 176 -24.04 -37.25 32.91
CA PHE B 176 -24.47 -36.62 34.16
C PHE B 176 -25.66 -35.70 33.99
N LEU B 177 -25.86 -35.15 32.79
CA LEU B 177 -27.01 -34.29 32.52
C LEU B 177 -28.18 -35.09 32.00
N GLN B 178 -28.67 -36.04 32.80
CA GLN B 178 -29.79 -36.88 32.42
C GLN B 178 -30.90 -36.78 33.46
N TRP B 179 -32.14 -36.83 32.97
CA TRP B 179 -33.31 -36.76 33.83
C TRP B 179 -34.47 -37.43 33.13
N THR B 180 -35.52 -37.72 33.90
CA THR B 180 -36.75 -38.23 33.34
C THR B 180 -37.73 -37.09 33.12
N PRO B 181 -38.33 -36.96 31.94
CA PRO B 181 -39.22 -35.82 31.69
C PRO B 181 -40.42 -35.76 32.61
N GLU B 182 -40.94 -36.91 33.04
CA GLU B 182 -42.19 -36.93 33.81
C GLU B 182 -42.07 -36.21 35.15
N ASP B 183 -40.86 -36.07 35.69
CA ASP B 183 -40.70 -35.41 36.98
C ASP B 183 -40.63 -33.89 36.86
N PHE B 184 -40.46 -33.36 35.67
CA PHE B 184 -40.23 -31.93 35.47
C PHE B 184 -41.19 -31.35 34.44
N ASP B 185 -42.48 -31.67 34.59
CA ASP B 185 -43.55 -31.13 33.75
C ASP B 185 -43.31 -31.46 32.28
N ASN B 186 -42.88 -32.71 32.03
CA ASN B 186 -42.74 -33.24 30.67
C ASN B 186 -41.78 -32.41 29.82
N VAL B 187 -40.79 -31.81 30.44
CA VAL B 187 -39.78 -31.07 29.68
C VAL B 187 -38.80 -32.07 29.08
N THR B 188 -38.53 -31.95 27.78
CA THR B 188 -37.65 -32.87 27.09
C THR B 188 -36.27 -32.29 26.85
N LYS B 189 -36.17 -30.98 26.66
CA LYS B 189 -34.90 -30.34 26.41
C LYS B 189 -34.92 -28.95 27.04
N LEU B 190 -33.73 -28.45 27.35
CA LEU B 190 -33.57 -27.11 27.90
C LEU B 190 -32.20 -26.57 27.52
N SER B 191 -32.09 -25.25 27.49
CA SER B 191 -30.82 -24.59 27.18
C SER B 191 -30.03 -24.33 28.45
N ILE B 192 -28.76 -24.71 28.42
CA ILE B 192 -27.88 -24.60 29.58
C ILE B 192 -26.65 -23.80 29.15
N PRO B 193 -26.13 -22.92 30.01
CA PRO B 193 -24.96 -22.13 29.63
C PRO B 193 -23.77 -23.01 29.30
N THR B 194 -22.98 -22.59 28.31
CA THR B 194 -21.81 -23.36 27.89
C THR B 194 -20.76 -23.41 29.00
N ASP B 195 -20.73 -22.38 29.86
CA ASP B 195 -19.72 -22.33 30.91
C ASP B 195 -20.03 -23.27 32.07
N SER B 196 -21.26 -23.76 32.18
CA SER B 196 -21.66 -24.58 33.32
C SER B 196 -21.44 -26.07 33.11
N ILE B 197 -21.03 -26.48 31.91
CA ILE B 197 -20.90 -27.90 31.59
C ILE B 197 -19.56 -28.16 30.92
N TRP B 198 -19.20 -29.43 30.83
CA TRP B 198 -17.96 -29.85 30.18
C TRP B 198 -18.09 -29.72 28.67
N VAL B 199 -17.13 -29.05 28.05
CA VAL B 199 -17.12 -28.85 26.61
C VAL B 199 -15.82 -29.40 26.03
N PRO B 200 -15.88 -30.28 25.04
CA PRO B 200 -14.65 -30.85 24.47
C PRO B 200 -13.80 -29.79 23.80
N ASP B 201 -12.49 -30.01 23.85
CA ASP B 201 -11.52 -29.11 23.22
C ASP B 201 -11.26 -29.43 21.76
N ILE B 202 -12.30 -29.38 20.92
CA ILE B 202 -12.13 -29.68 19.50
C ILE B 202 -11.72 -28.41 18.78
N LEU B 203 -10.51 -28.43 18.21
CA LEU B 203 -10.03 -27.32 17.39
C LEU B 203 -9.28 -27.90 16.20
N ILE B 204 -8.79 -27.00 15.35
CA ILE B 204 -8.24 -27.37 14.04
C ILE B 204 -6.73 -27.36 14.08
N ASN B 205 -6.11 -28.40 13.53
CA ASN B 205 -4.65 -28.45 13.42
C ASN B 205 -4.12 -27.33 12.55
N GLU B 206 -4.76 -27.09 11.41
CA GLU B 206 -4.26 -26.13 10.43
C GLU B 206 -4.33 -24.69 10.89
N PHE B 207 -4.79 -24.43 12.11
CA PHE B 207 -4.83 -23.06 12.63
C PHE B 207 -3.44 -22.44 12.60
N VAL B 208 -3.39 -21.18 12.16
CA VAL B 208 -2.16 -20.40 12.23
C VAL B 208 -2.49 -19.05 12.87
N ASP B 209 -3.77 -18.82 13.10
CA ASP B 209 -4.22 -17.57 13.71
C ASP B 209 -5.64 -17.80 14.22
N VAL B 210 -5.85 -17.59 15.52
CA VAL B 210 -7.18 -17.79 16.09
C VAL B 210 -8.12 -16.74 15.52
N GLY B 211 -9.28 -17.17 15.05
CA GLY B 211 -10.22 -16.27 14.43
C GLY B 211 -11.03 -15.50 15.45
N LYS B 212 -11.71 -14.46 14.97
CA LYS B 212 -12.60 -13.64 15.77
C LYS B 212 -14.03 -14.07 15.46
N SER B 213 -14.61 -14.89 16.34
CA SER B 213 -15.94 -15.43 16.12
C SER B 213 -16.79 -15.15 17.35
N PRO B 214 -18.10 -14.93 17.18
CA PRO B 214 -18.96 -14.68 18.34
C PRO B 214 -19.02 -15.90 19.25
N ASN B 215 -19.22 -15.62 20.54
CA ASN B 215 -19.34 -16.68 21.53
C ASN B 215 -20.82 -17.00 21.77
N ILE B 216 -21.19 -18.26 21.58
CA ILE B 216 -22.55 -18.71 21.82
C ILE B 216 -22.64 -19.15 23.29
N PRO B 217 -23.43 -18.47 24.12
CA PRO B 217 -23.41 -18.76 25.56
C PRO B 217 -24.23 -19.97 25.98
N TYR B 218 -25.16 -20.44 25.16
CA TYR B 218 -26.08 -21.50 25.56
C TYR B 218 -25.91 -22.72 24.66
N VAL B 219 -26.16 -23.89 25.24
CA VAL B 219 -26.17 -25.15 24.52
C VAL B 219 -27.44 -25.90 24.89
N TYR B 220 -27.89 -26.78 23.99
CA TYR B 220 -29.08 -27.56 24.22
C TYR B 220 -28.73 -28.89 24.88
N VAL B 221 -29.52 -29.26 25.88
CA VAL B 221 -29.36 -30.52 26.59
C VAL B 221 -30.66 -31.29 26.51
N HIS B 222 -30.59 -32.54 26.07
CA HIS B 222 -31.75 -33.41 25.99
C HIS B 222 -31.85 -34.29 27.23
N HIS B 223 -33.01 -34.92 27.41
CA HIS B 223 -33.27 -35.67 28.64
C HIS B 223 -32.43 -36.93 28.72
N ARG B 224 -31.82 -37.35 27.62
CA ARG B 224 -30.93 -38.52 27.63
C ARG B 224 -29.45 -38.13 27.61
N GLY B 225 -29.13 -36.86 27.80
CA GLY B 225 -27.75 -36.44 27.92
C GLY B 225 -27.13 -35.84 26.68
N GLU B 226 -27.80 -35.91 25.53
CA GLU B 226 -27.22 -35.40 24.30
C GLU B 226 -27.12 -33.88 24.34
N VAL B 227 -25.90 -33.37 24.52
CA VAL B 227 -25.66 -31.93 24.56
C VAL B 227 -25.32 -31.46 23.15
N GLN B 228 -26.06 -30.46 22.66
CA GLN B 228 -25.89 -29.96 21.31
C GLN B 228 -25.33 -28.54 21.37
N ASN B 229 -24.22 -28.32 20.68
CA ASN B 229 -23.51 -27.05 20.71
C ASN B 229 -23.44 -26.49 19.30
N TYR B 230 -24.01 -25.31 19.10
CA TYR B 230 -23.95 -24.59 17.83
C TYR B 230 -23.04 -23.37 18.00
N LYS B 231 -22.15 -23.16 17.03
CA LYS B 231 -21.20 -22.06 17.14
C LYS B 231 -20.67 -21.66 15.76
N PRO B 232 -20.69 -20.38 15.42
CA PRO B 232 -20.01 -19.93 14.20
C PRO B 232 -18.53 -19.74 14.44
N LEU B 233 -17.73 -20.04 13.42
CA LEU B 233 -16.28 -20.00 13.55
C LEU B 233 -15.68 -19.25 12.37
N GLN B 234 -14.81 -18.29 12.66
CA GLN B 234 -13.93 -17.72 11.65
C GLN B 234 -12.60 -18.46 11.73
N LEU B 235 -12.16 -19.00 10.60
CA LEU B 235 -10.99 -19.86 10.56
C LEU B 235 -9.91 -19.22 9.70
N VAL B 236 -8.72 -19.08 10.25
CA VAL B 236 -7.53 -18.67 9.51
C VAL B 236 -6.58 -19.85 9.56
N THR B 237 -6.60 -20.68 8.51
CA THR B 237 -5.89 -21.95 8.51
C THR B 237 -4.86 -21.96 7.40
N ALA B 238 -3.73 -22.61 7.65
CA ALA B 238 -2.71 -22.79 6.63
C ALA B 238 -3.18 -23.81 5.59
N CYS B 239 -2.73 -23.62 4.35
CA CYS B 239 -3.07 -24.53 3.28
C CYS B 239 -2.00 -24.42 2.19
N SER B 240 -1.93 -25.46 1.37
CA SER B 240 -1.01 -25.50 0.23
C SER B 240 -1.76 -24.98 -0.99
N LEU B 241 -1.45 -23.76 -1.40
CA LEU B 241 -2.13 -23.11 -2.51
C LEU B 241 -1.24 -23.24 -3.75
N ASP B 242 -1.65 -24.09 -4.68
CA ASP B 242 -0.93 -24.30 -5.93
C ASP B 242 -1.48 -23.34 -6.98
N ILE B 243 -0.66 -22.37 -7.37
CA ILE B 243 -1.08 -21.30 -8.28
C ILE B 243 -0.60 -21.57 -9.71
N TYR B 244 -0.22 -22.82 -9.99
CA TYR B 244 0.32 -23.15 -11.30
C TYR B 244 -0.65 -22.80 -12.42
N ASN B 245 -1.95 -22.96 -12.17
CA ASN B 245 -2.99 -22.58 -13.11
C ASN B 245 -3.74 -21.31 -12.69
N PHE B 246 -3.01 -20.31 -12.18
CA PHE B 246 -3.53 -19.18 -11.41
C PHE B 246 -4.91 -18.66 -11.83
N PRO B 247 -5.15 -18.31 -13.10
CA PRO B 247 -6.50 -17.81 -13.44
C PRO B 247 -7.58 -18.85 -13.30
N PHE B 248 -7.23 -20.14 -13.39
CA PHE B 248 -8.21 -21.22 -13.39
C PHE B 248 -7.92 -22.29 -12.35
N ASP B 249 -7.14 -21.96 -11.32
CA ASP B 249 -6.70 -22.97 -10.37
C ASP B 249 -7.84 -23.42 -9.48
N VAL B 250 -7.81 -24.71 -9.12
CA VAL B 250 -8.74 -25.29 -8.14
C VAL B 250 -7.90 -25.66 -6.93
N GLN B 251 -8.26 -25.12 -5.77
CA GLN B 251 -7.52 -25.32 -4.54
C GLN B 251 -8.18 -26.41 -3.70
N ASN B 252 -7.36 -27.07 -2.88
CA ASN B 252 -7.78 -28.21 -2.09
C ASN B 252 -7.27 -27.99 -0.67
N CYS B 253 -8.06 -27.31 0.15
CA CYS B 253 -7.67 -26.91 1.49
C CYS B 253 -8.33 -27.84 2.51
N SER B 254 -7.59 -28.21 3.54
CA SER B 254 -8.10 -29.15 4.53
C SER B 254 -8.42 -28.45 5.84
N LEU B 255 -9.41 -28.96 6.55
CA LEU B 255 -9.78 -28.51 7.89
C LEU B 255 -9.89 -29.73 8.77
N THR B 256 -8.91 -29.95 9.65
CA THR B 256 -8.81 -31.15 10.46
C THR B 256 -9.27 -30.82 11.88
N PHE B 257 -10.47 -31.28 12.24
CA PHE B 257 -10.98 -31.09 13.59
C PHE B 257 -10.55 -32.25 14.48
N THR B 258 -9.98 -31.93 15.63
CA THR B 258 -9.54 -32.96 16.56
C THR B 258 -9.44 -32.38 17.97
N SER B 259 -9.41 -33.28 18.95
CA SER B 259 -9.15 -32.88 20.33
C SER B 259 -7.65 -32.67 20.51
N TRP B 260 -7.27 -31.48 20.99
CA TRP B 260 -5.85 -31.16 21.06
C TRP B 260 -5.13 -32.01 22.11
N LEU B 261 -5.76 -32.24 23.26
CA LEU B 261 -5.09 -32.96 24.33
C LEU B 261 -5.54 -34.43 24.39
N HIS B 262 -6.84 -34.66 24.32
CA HIS B 262 -7.39 -35.99 24.57
C HIS B 262 -7.03 -36.96 23.45
N THR B 263 -6.66 -38.17 23.82
CA THR B 263 -6.40 -39.23 22.86
C THR B 263 -7.71 -39.90 22.44
N ILE B 264 -7.60 -40.87 21.53
CA ILE B 264 -8.79 -41.54 21.02
C ILE B 264 -9.48 -42.36 22.09
N GLN B 265 -8.78 -42.71 23.17
CA GLN B 265 -9.42 -43.43 24.26
C GLN B 265 -10.28 -42.52 25.13
N ASP B 266 -10.13 -41.21 24.99
CA ASP B 266 -10.90 -40.24 25.76
C ASP B 266 -11.95 -39.52 24.92
N ILE B 267 -11.56 -38.96 23.77
CA ILE B 267 -12.47 -38.26 22.90
C ILE B 267 -12.33 -38.81 21.49
N ASN B 268 -13.45 -39.22 20.89
CA ASN B 268 -13.49 -39.68 19.51
C ASN B 268 -14.48 -38.82 18.73
N ILE B 269 -14.23 -38.71 17.42
CA ILE B 269 -14.97 -37.80 16.57
C ILE B 269 -15.64 -38.57 15.44
N THR B 270 -16.93 -38.34 15.25
CA THR B 270 -17.69 -38.90 14.13
C THR B 270 -18.38 -37.78 13.39
N LEU B 271 -19.26 -38.14 12.47
CA LEU B 271 -20.02 -37.17 11.69
C LEU B 271 -21.48 -37.15 12.10
N TRP B 272 -22.03 -35.95 12.22
CA TRP B 272 -23.46 -35.80 12.48
C TRP B 272 -24.29 -36.32 11.32
N ARG B 273 -23.87 -36.03 10.10
CA ARG B 273 -24.58 -36.44 8.90
C ARG B 273 -23.68 -37.31 8.04
N SER B 274 -24.31 -38.03 7.11
CA SER B 274 -23.57 -38.91 6.23
C SER B 274 -22.62 -38.09 5.35
N PRO B 275 -21.45 -38.65 4.99
CA PRO B 275 -20.48 -37.86 4.21
C PRO B 275 -21.03 -37.36 2.88
N GLU B 276 -21.96 -38.08 2.25
CA GLU B 276 -22.56 -37.58 1.01
C GLU B 276 -23.37 -36.31 1.26
N GLU B 277 -24.12 -36.26 2.36
CA GLU B 277 -24.89 -35.06 2.67
C GLU B 277 -23.97 -33.87 2.95
N VAL B 278 -22.86 -34.11 3.64
CA VAL B 278 -21.87 -33.06 3.87
C VAL B 278 -21.29 -32.60 2.53
N ARG B 279 -21.01 -33.55 1.64
CA ARG B 279 -20.41 -33.22 0.35
C ARG B 279 -21.37 -32.39 -0.50
N SER B 280 -22.68 -32.63 -0.37
CA SER B 280 -23.65 -31.97 -1.23
C SER B 280 -24.10 -30.61 -0.71
N ASP B 281 -23.51 -30.11 0.37
CA ASP B 281 -23.96 -28.85 0.97
C ASP B 281 -23.36 -27.65 0.25
N LYS B 282 -24.23 -26.85 -0.39
CA LYS B 282 -23.87 -25.55 -0.93
C LYS B 282 -24.98 -24.54 -0.67
N SER B 283 -25.70 -24.69 0.44
CA SER B 283 -26.94 -23.95 0.67
C SER B 283 -26.70 -22.51 1.11
N ILE B 284 -26.05 -22.31 2.26
CA ILE B 284 -25.89 -20.96 2.79
C ILE B 284 -24.69 -20.24 2.21
N PHE B 285 -23.88 -20.91 1.39
CA PHE B 285 -22.61 -20.37 0.94
C PHE B 285 -22.79 -19.05 0.21
N ILE B 286 -22.11 -18.01 0.69
CA ILE B 286 -22.07 -16.74 -0.01
C ILE B 286 -21.28 -16.92 -1.30
N ASN B 287 -21.92 -16.68 -2.43
CA ASN B 287 -21.39 -17.12 -3.72
C ASN B 287 -21.00 -15.98 -4.66
N GLN B 288 -21.21 -14.72 -4.28
CA GLN B 288 -20.90 -13.61 -5.17
C GLN B 288 -19.41 -13.28 -5.23
N GLY B 289 -18.59 -13.89 -4.38
CA GLY B 289 -17.19 -13.54 -4.28
C GLY B 289 -16.35 -14.14 -5.40
N GLU B 290 -15.04 -14.02 -5.21
CA GLU B 290 -14.10 -14.50 -6.22
C GLU B 290 -13.99 -16.02 -6.23
N TRP B 291 -14.18 -16.65 -5.07
CA TRP B 291 -13.95 -18.09 -4.92
C TRP B 291 -15.29 -18.82 -4.87
N GLU B 292 -15.41 -19.88 -5.67
CA GLU B 292 -16.60 -20.70 -5.72
C GLU B 292 -16.34 -22.01 -5.00
N LEU B 293 -17.21 -22.36 -4.06
CA LEU B 293 -17.05 -23.60 -3.31
C LEU B 293 -17.57 -24.77 -4.14
N LEU B 294 -16.74 -25.79 -4.31
CA LEU B 294 -17.15 -26.98 -5.04
C LEU B 294 -17.77 -28.03 -4.12
N GLU B 295 -17.04 -28.47 -3.10
CA GLU B 295 -17.53 -29.50 -2.20
C GLU B 295 -16.72 -29.46 -0.91
N VAL B 296 -17.32 -30.01 0.15
CA VAL B 296 -16.65 -30.20 1.43
C VAL B 296 -16.68 -31.70 1.73
N PHE B 297 -15.52 -32.34 1.70
CA PHE B 297 -15.44 -33.79 1.77
C PHE B 297 -14.88 -34.21 3.11
N PRO B 298 -15.67 -34.83 3.99
CA PRO B 298 -15.15 -35.28 5.28
C PRO B 298 -14.54 -36.67 5.20
N GLN B 299 -13.55 -36.92 6.04
CA GLN B 299 -12.83 -38.20 6.05
C GLN B 299 -12.18 -38.40 7.41
N PHE B 300 -12.42 -39.57 8.01
CA PHE B 300 -11.89 -39.86 9.34
C PHE B 300 -10.50 -40.46 9.25
N LYS B 301 -9.61 -40.00 10.13
CA LYS B 301 -8.26 -40.52 10.19
C LYS B 301 -7.79 -40.53 11.63
N GLU B 302 -6.84 -41.43 11.92
CA GLU B 302 -6.19 -41.48 13.22
C GLU B 302 -4.77 -40.97 13.10
N PHE B 303 -4.42 -40.00 13.93
CA PHE B 303 -3.08 -39.43 13.95
C PHE B 303 -2.34 -39.96 15.17
N SER B 304 -1.25 -40.67 14.94
CA SER B 304 -0.50 -41.28 16.02
C SER B 304 0.96 -41.43 15.61
N ILE B 305 1.85 -40.94 16.48
CA ILE B 305 3.29 -41.12 16.30
C ILE B 305 3.79 -41.87 17.52
N ASP B 306 2.90 -42.66 18.13
CA ASP B 306 3.23 -43.47 19.29
C ASP B 306 2.32 -44.69 19.27
N ILE B 307 2.76 -45.75 19.96
CA ILE B 307 2.00 -47.00 19.95
C ILE B 307 0.64 -46.81 20.61
N SER B 308 0.56 -46.02 21.68
CA SER B 308 -0.67 -45.83 22.43
C SER B 308 -1.34 -44.49 22.19
N ASN B 309 -0.55 -43.42 22.02
CA ASN B 309 -1.12 -42.06 21.87
C ASN B 309 -1.68 -41.90 20.46
N SER B 310 -2.94 -42.33 20.31
CA SER B 310 -3.65 -42.15 19.05
C SER B 310 -4.69 -41.05 19.20
N TYR B 311 -4.73 -40.14 18.23
CA TYR B 311 -5.63 -39.00 18.26
C TYR B 311 -6.60 -39.10 17.09
N ALA B 312 -7.89 -39.02 17.40
CA ALA B 312 -8.91 -39.03 16.35
C ALA B 312 -8.89 -37.72 15.59
N GLU B 313 -9.30 -37.77 14.31
CA GLU B 313 -9.30 -36.60 13.46
C GLU B 313 -10.45 -36.68 12.47
N MET B 314 -10.83 -35.52 11.94
CA MET B 314 -11.87 -35.41 10.91
C MET B 314 -11.41 -34.36 9.90
N LYS B 315 -10.97 -34.82 8.74
CA LYS B 315 -10.44 -33.93 7.71
C LYS B 315 -11.56 -33.50 6.78
N PHE B 316 -11.85 -32.20 6.75
CA PHE B 316 -12.83 -31.65 5.84
C PHE B 316 -12.09 -30.99 4.68
N TYR B 317 -11.98 -31.70 3.57
CA TYR B 317 -11.26 -31.20 2.40
C TYR B 317 -12.12 -30.15 1.70
N VAL B 318 -11.85 -28.89 1.97
CA VAL B 318 -12.57 -27.79 1.34
C VAL B 318 -11.95 -27.54 -0.01
N ILE B 319 -12.68 -27.84 -1.08
CA ILE B 319 -12.21 -27.67 -2.45
C ILE B 319 -12.90 -26.45 -3.03
N ILE B 320 -12.11 -25.47 -3.46
CA ILE B 320 -12.62 -24.20 -3.94
C ILE B 320 -12.04 -23.92 -5.32
N ARG B 321 -12.78 -23.17 -6.14
CA ARG B 321 -12.37 -22.84 -7.49
C ARG B 321 -12.43 -21.33 -7.69
N ARG B 322 -11.36 -20.77 -8.23
CA ARG B 322 -11.32 -19.34 -8.53
C ARG B 322 -12.16 -19.03 -9.77
N ARG B 323 -12.79 -17.87 -9.77
CA ARG B 323 -13.56 -17.41 -10.92
C ARG B 323 -12.67 -16.59 -11.83
N PRO B 324 -12.33 -17.06 -13.03
CA PRO B 324 -11.38 -16.32 -13.87
C PRO B 324 -11.91 -15.02 -14.43
N LEU B 325 -13.22 -14.76 -14.34
CA LEU B 325 -13.77 -13.54 -14.92
C LEU B 325 -13.23 -12.28 -14.25
N PHE B 326 -12.68 -12.41 -13.04
CA PHE B 326 -12.03 -11.26 -12.40
C PHE B 326 -10.85 -10.76 -13.21
N TYR B 327 -10.16 -11.64 -13.92
CA TYR B 327 -8.85 -11.34 -14.46
C TYR B 327 -8.82 -11.23 -15.98
N ALA B 328 -9.91 -11.53 -16.68
CA ALA B 328 -9.90 -11.42 -18.14
C ALA B 328 -9.59 -10.00 -18.58
N VAL B 329 -10.36 -9.03 -18.07
CA VAL B 329 -10.13 -7.63 -18.41
C VAL B 329 -8.78 -7.14 -17.90
N SER B 330 -8.36 -7.60 -16.73
CA SER B 330 -7.12 -7.13 -16.13
C SER B 330 -5.87 -7.70 -16.80
N LEU B 331 -6.00 -8.83 -17.50
CA LEU B 331 -4.85 -9.50 -18.06
C LEU B 331 -4.83 -9.53 -19.58
N LEU B 332 -5.88 -10.05 -20.21
CA LEU B 332 -5.85 -10.21 -21.66
C LEU B 332 -6.02 -8.86 -22.38
N LEU B 333 -6.84 -7.97 -21.82
CA LEU B 333 -7.16 -6.73 -22.52
C LEU B 333 -5.92 -5.84 -22.76
N PRO B 334 -5.08 -5.56 -21.76
CA PRO B 334 -3.87 -4.75 -22.08
C PRO B 334 -2.94 -5.42 -23.07
N SER B 335 -2.74 -6.73 -22.97
CA SER B 335 -1.85 -7.42 -23.88
C SER B 335 -2.39 -7.38 -25.30
N ILE B 336 -3.68 -7.63 -25.47
CA ILE B 336 -4.29 -7.59 -26.80
C ILE B 336 -4.24 -6.17 -27.36
N PHE B 337 -4.48 -5.17 -26.50
CA PHE B 337 -4.42 -3.78 -26.92
C PHE B 337 -3.04 -3.41 -27.44
N LEU B 338 -1.99 -3.80 -26.69
CA LEU B 338 -0.63 -3.46 -27.11
C LEU B 338 -0.21 -4.24 -28.34
N MET B 339 -0.64 -5.51 -28.47
CA MET B 339 -0.36 -6.26 -29.68
C MET B 339 -1.07 -5.66 -30.89
N VAL B 340 -2.27 -5.09 -30.69
CA VAL B 340 -2.98 -4.45 -31.79
C VAL B 340 -2.28 -3.17 -32.21
N VAL B 341 -1.87 -2.36 -31.24
CA VAL B 341 -1.16 -1.12 -31.60
C VAL B 341 0.22 -1.43 -32.18
N ASP B 342 0.80 -2.60 -31.89
CA ASP B 342 2.02 -3.00 -32.57
C ASP B 342 1.77 -3.19 -34.07
N ILE B 343 0.68 -3.89 -34.42
CA ILE B 343 0.32 -4.05 -35.82
C ILE B 343 0.01 -2.70 -36.45
N VAL B 344 -0.66 -1.82 -35.70
CA VAL B 344 -0.98 -0.49 -36.22
C VAL B 344 0.30 0.29 -36.52
N GLY B 345 1.28 0.24 -35.62
CA GLY B 345 2.53 0.94 -35.83
C GLY B 345 3.43 0.30 -36.86
N PHE B 346 3.20 -0.99 -37.19
CA PHE B 346 3.91 -1.63 -38.29
C PHE B 346 3.75 -0.88 -39.60
N CYS B 347 2.62 -0.20 -39.81
CA CYS B 347 2.35 0.44 -41.09
C CYS B 347 3.27 1.62 -41.37
N LEU B 348 3.92 2.18 -40.36
CA LEU B 348 4.80 3.32 -40.58
C LEU B 348 5.93 2.93 -41.53
N PRO B 349 6.26 3.76 -42.50
CA PRO B 349 7.37 3.43 -43.41
C PRO B 349 8.68 3.32 -42.65
N PRO B 350 9.54 2.37 -43.03
CA PRO B 350 10.78 2.17 -42.26
C PRO B 350 11.71 3.37 -42.26
N ASP B 351 11.70 4.17 -43.32
CA ASP B 351 12.58 5.34 -43.41
C ASP B 351 11.94 6.60 -42.84
N SER B 352 10.75 6.49 -42.24
CA SER B 352 10.07 7.66 -41.70
C SER B 352 10.85 8.31 -40.55
N GLY B 353 11.68 7.55 -39.84
CA GLY B 353 12.40 8.06 -38.70
C GLY B 353 11.62 8.06 -37.41
N GLU B 354 10.38 7.59 -37.41
CA GLU B 354 9.55 7.52 -36.22
C GLU B 354 9.24 6.08 -35.81
N ARG B 355 9.54 5.11 -36.66
CA ARG B 355 9.17 3.72 -36.41
C ARG B 355 9.89 3.16 -35.20
N VAL B 356 11.20 3.39 -35.11
CA VAL B 356 11.96 2.84 -33.98
C VAL B 356 11.52 3.47 -32.68
N SER B 357 11.27 4.79 -32.69
CA SER B 357 10.75 5.45 -31.49
C SER B 357 9.40 4.88 -31.08
N PHE B 358 8.53 4.64 -32.06
CA PHE B 358 7.23 4.03 -31.78
C PHE B 358 7.40 2.67 -31.12
N LYS B 359 8.26 1.82 -31.69
CA LYS B 359 8.43 0.47 -31.15
C LYS B 359 9.04 0.48 -29.76
N ILE B 360 10.03 1.36 -29.53
CA ILE B 360 10.65 1.39 -28.20
C ILE B 360 9.69 1.96 -27.16
N THR B 361 8.87 2.93 -27.55
CA THR B 361 7.85 3.43 -26.64
C THR B 361 6.83 2.35 -26.30
N LEU B 362 6.44 1.56 -27.29
CA LEU B 362 5.53 0.45 -27.04
C LEU B 362 6.15 -0.58 -26.10
N LEU B 363 7.44 -0.88 -26.30
CA LEU B 363 8.11 -1.82 -25.40
C LEU B 363 8.20 -1.27 -23.98
N LEU B 364 8.45 0.03 -23.83
CA LEU B 364 8.45 0.63 -22.51
C LEU B 364 7.07 0.52 -21.86
N GLY B 365 6.01 0.78 -22.64
CA GLY B 365 4.67 0.62 -22.10
C GLY B 365 4.37 -0.81 -21.67
N TYR B 366 4.78 -1.78 -22.47
CA TYR B 366 4.60 -3.18 -22.08
C TYR B 366 5.40 -3.52 -20.83
N SER B 367 6.62 -2.98 -20.71
CA SER B 367 7.42 -3.25 -19.52
C SER B 367 6.77 -2.70 -18.27
N VAL B 368 6.27 -1.46 -18.33
CA VAL B 368 5.61 -0.90 -17.15
C VAL B 368 4.32 -1.65 -16.86
N PHE B 369 3.60 -2.09 -17.89
CA PHE B 369 2.39 -2.90 -17.66
C PHE B 369 2.75 -4.19 -16.94
N LEU B 370 3.82 -4.85 -17.36
CA LEU B 370 4.21 -6.12 -16.74
C LEU B 370 4.63 -5.90 -15.29
N ILE B 371 5.47 -4.89 -15.04
CA ILE B 371 5.95 -4.68 -13.67
C ILE B 371 4.85 -4.14 -12.77
N ILE B 372 3.76 -3.61 -13.33
CA ILE B 372 2.63 -3.22 -12.51
C ILE B 372 1.72 -4.41 -12.23
N VAL B 373 1.43 -5.21 -13.27
CA VAL B 373 0.52 -6.34 -13.10
C VAL B 373 1.17 -7.44 -12.28
N SER B 374 2.51 -7.43 -12.15
CA SER B 374 3.16 -8.43 -11.32
C SER B 374 2.80 -8.30 -9.85
N ASP B 375 2.25 -7.15 -9.43
CA ASP B 375 1.78 -7.01 -8.05
C ASP B 375 0.57 -7.89 -7.79
N THR B 376 -0.31 -8.05 -8.78
CA THR B 376 -1.47 -8.92 -8.64
C THR B 376 -1.18 -10.38 -8.91
N LEU B 377 -0.14 -10.65 -9.70
CA LEU B 377 0.23 -12.04 -9.98
C LEU B 377 0.92 -12.64 -8.76
N PRO B 378 0.39 -13.73 -8.20
CA PRO B 378 1.00 -14.33 -7.01
C PRO B 378 2.25 -15.12 -7.37
N ALA B 379 3.02 -15.46 -6.32
CA ALA B 379 4.23 -16.25 -6.47
C ALA B 379 4.32 -17.24 -5.32
N THR B 380 4.63 -18.50 -5.65
CA THR B 380 4.76 -19.55 -4.65
C THR B 380 6.05 -20.30 -4.92
N ALA B 381 6.23 -21.42 -4.20
CA ALA B 381 7.41 -22.25 -4.39
C ALA B 381 7.52 -22.78 -5.81
N ILE B 382 6.40 -22.91 -6.51
CA ILE B 382 6.44 -23.26 -7.93
C ILE B 382 7.12 -22.17 -8.74
N GLY B 383 7.01 -20.92 -8.32
CA GLY B 383 7.59 -19.82 -9.08
C GLY B 383 6.51 -19.02 -9.76
N THR B 384 6.73 -18.73 -11.04
CA THR B 384 5.71 -18.04 -11.80
C THR B 384 4.59 -19.02 -12.19
N PRO B 385 3.36 -18.53 -12.34
CA PRO B 385 2.29 -19.40 -12.85
C PRO B 385 2.49 -19.70 -14.33
N LEU B 386 1.56 -20.47 -14.88
CA LEU B 386 1.68 -20.91 -16.26
C LEU B 386 1.52 -19.75 -17.24
N ILE B 387 0.66 -18.78 -16.92
CA ILE B 387 0.43 -17.64 -17.81
C ILE B 387 1.63 -16.72 -17.91
N GLY B 388 2.60 -16.85 -17.01
CA GLY B 388 3.84 -16.12 -17.19
C GLY B 388 4.55 -16.51 -18.47
N VAL B 389 4.44 -17.78 -18.86
CA VAL B 389 5.00 -18.23 -20.13
C VAL B 389 4.34 -17.50 -21.29
N TYR B 390 3.02 -17.36 -21.25
CA TYR B 390 2.32 -16.63 -22.30
C TYR B 390 2.71 -15.16 -22.31
N PHE B 391 2.87 -14.55 -21.14
CA PHE B 391 3.27 -13.15 -21.08
C PHE B 391 4.66 -12.95 -21.67
N VAL B 392 5.61 -13.84 -21.34
CA VAL B 392 6.94 -13.68 -21.89
C VAL B 392 6.97 -14.02 -23.37
N VAL B 393 6.05 -14.87 -23.84
CA VAL B 393 5.94 -15.12 -25.27
C VAL B 393 5.46 -13.87 -25.99
N CYS B 394 4.47 -13.18 -25.41
CA CYS B 394 4.03 -11.91 -26.00
C CYS B 394 5.15 -10.87 -26.01
N MET B 395 5.91 -10.79 -24.91
CA MET B 395 7.04 -9.87 -24.88
C MET B 395 8.10 -10.25 -25.91
N ALA B 396 8.32 -11.54 -26.11
CA ALA B 396 9.25 -11.99 -27.13
C ALA B 396 8.78 -11.63 -28.52
N LEU B 397 7.47 -11.73 -28.77
CA LEU B 397 6.94 -11.28 -30.05
C LEU B 397 7.18 -9.79 -30.27
N LEU B 398 6.97 -8.99 -29.23
CA LEU B 398 7.25 -7.56 -29.35
C LEU B 398 8.73 -7.30 -29.60
N VAL B 399 9.61 -8.05 -28.94
CA VAL B 399 11.04 -7.87 -29.15
C VAL B 399 11.45 -8.28 -30.56
N ILE B 400 10.84 -9.34 -31.08
CA ILE B 400 11.10 -9.74 -32.46
C ILE B 400 10.64 -8.67 -33.43
N SER B 401 9.49 -8.05 -33.14
CA SER B 401 9.02 -6.93 -33.96
C SER B 401 10.03 -5.78 -33.93
N LEU B 402 10.54 -5.45 -32.75
CA LEU B 402 11.52 -4.38 -32.63
C LEU B 402 12.80 -4.70 -33.41
N ALA B 403 13.27 -5.95 -33.30
CA ALA B 403 14.47 -6.36 -34.00
C ALA B 403 14.28 -6.31 -35.52
N GLU B 404 13.12 -6.75 -36.00
CA GLU B 404 12.85 -6.68 -37.44
C GLU B 404 12.78 -5.22 -37.90
N THR B 405 12.16 -4.35 -37.10
CA THR B 405 12.13 -2.94 -37.44
C THR B 405 13.53 -2.35 -37.53
N ILE B 406 14.39 -2.70 -36.56
CA ILE B 406 15.76 -2.21 -36.58
C ILE B 406 16.52 -2.73 -37.79
N PHE B 407 16.31 -3.99 -38.16
CA PHE B 407 16.97 -4.56 -39.33
C PHE B 407 16.54 -3.84 -40.61
N ILE B 408 15.24 -3.61 -40.76
CA ILE B 408 14.75 -2.91 -41.96
C ILE B 408 15.25 -1.47 -41.98
N VAL B 409 15.33 -0.84 -40.81
CA VAL B 409 15.89 0.51 -40.75
C VAL B 409 17.35 0.50 -41.18
N ARG B 410 18.10 -0.51 -40.75
CA ARG B 410 19.49 -0.65 -41.21
C ARG B 410 19.56 -0.77 -42.72
N LEU B 411 18.65 -1.53 -43.31
CA LEU B 411 18.67 -1.71 -44.76
C LEU B 411 18.37 -0.40 -45.49
N VAL B 412 17.28 0.27 -45.12
CA VAL B 412 16.79 1.41 -45.90
C VAL B 412 17.47 2.72 -45.56
N HIS B 413 18.28 2.78 -44.49
CA HIS B 413 18.87 4.04 -44.06
C HIS B 413 19.84 4.57 -45.11
N LYS B 414 19.61 5.79 -45.58
CA LYS B 414 20.49 6.39 -46.58
C LYS B 414 21.74 6.94 -45.91
N GLN B 415 22.90 6.47 -46.34
CA GLN B 415 24.17 6.97 -45.84
C GLN B 415 25.22 6.81 -46.93
N ASP B 416 26.30 7.59 -46.80
CA ASP B 416 27.24 7.76 -47.91
C ASP B 416 28.10 6.53 -48.18
N LEU B 417 28.14 5.56 -47.28
CA LEU B 417 28.94 4.36 -47.51
C LEU B 417 28.18 3.26 -48.23
N GLN B 418 26.94 3.51 -48.65
CA GLN B 418 26.15 2.48 -49.31
C GLN B 418 26.76 2.12 -50.65
N ARG B 419 26.92 0.82 -50.88
CA ARG B 419 27.33 0.28 -52.17
C ARG B 419 26.13 -0.28 -52.91
N PRO B 420 26.21 -0.43 -54.23
CA PRO B 420 25.06 -0.94 -54.98
C PRO B 420 24.63 -2.32 -54.51
N VAL B 421 23.33 -2.57 -54.60
CA VAL B 421 22.76 -3.82 -54.09
C VAL B 421 23.42 -5.00 -54.79
N PRO B 422 23.87 -6.01 -54.04
CA PRO B 422 24.51 -7.17 -54.69
C PRO B 422 23.53 -7.91 -55.60
N ASP B 423 24.09 -8.56 -56.61
CA ASP B 423 23.25 -9.23 -57.62
C ASP B 423 22.42 -10.34 -56.99
N TRP B 424 23.01 -11.11 -56.08
CA TRP B 424 22.27 -12.22 -55.47
C TRP B 424 21.08 -11.71 -54.67
N LEU B 425 21.29 -10.67 -53.84
CA LEU B 425 20.19 -10.13 -53.05
C LEU B 425 19.14 -9.47 -53.93
N ARG B 426 19.59 -8.74 -54.96
CA ARG B 426 18.65 -8.12 -55.90
C ARG B 426 17.76 -9.17 -56.53
N HIS B 427 18.36 -10.21 -57.11
CA HIS B 427 17.58 -11.28 -57.72
C HIS B 427 16.64 -11.91 -56.71
N LEU B 428 17.18 -12.39 -55.59
CA LEU B 428 16.37 -13.08 -54.61
C LEU B 428 15.17 -12.25 -54.19
N VAL B 429 15.40 -11.07 -53.59
CA VAL B 429 14.29 -10.28 -53.10
C VAL B 429 13.39 -9.89 -54.27
N LEU B 430 13.90 -9.07 -55.18
CA LEU B 430 13.05 -8.37 -56.13
C LEU B 430 12.41 -9.28 -57.16
N ASP B 431 12.78 -10.57 -57.23
CA ASP B 431 12.04 -11.51 -58.05
C ASP B 431 11.28 -12.53 -57.23
N ARG B 432 11.98 -13.31 -56.39
CA ARG B 432 11.33 -14.39 -55.66
C ARG B 432 10.32 -13.84 -54.65
N ILE B 433 10.74 -12.90 -53.81
CA ILE B 433 9.87 -12.44 -52.74
C ILE B 433 8.73 -11.60 -53.32
N ALA B 434 9.03 -10.85 -54.38
CA ALA B 434 7.98 -10.10 -55.06
C ALA B 434 6.94 -11.04 -55.67
N TRP B 435 7.39 -12.16 -56.25
CA TRP B 435 6.46 -13.14 -56.80
C TRP B 435 5.62 -13.77 -55.69
N ILE B 436 6.25 -14.07 -54.56
CA ILE B 436 5.50 -14.63 -53.42
C ILE B 436 4.45 -13.65 -52.94
N LEU B 437 4.80 -12.38 -52.83
CA LEU B 437 3.85 -11.35 -52.41
C LEU B 437 2.83 -11.08 -53.51
N LEU B 501 42.06 27.45 -76.86
CA LEU B 501 40.67 27.80 -77.14
C LEU B 501 39.86 27.85 -75.84
N ALA B 502 39.17 28.98 -75.62
CA ALA B 502 38.39 29.15 -74.40
C ALA B 502 37.16 28.24 -74.38
N VAL B 503 36.70 27.80 -75.55
CA VAL B 503 35.56 26.89 -75.60
C VAL B 503 35.92 25.55 -74.96
N ARG B 504 37.16 25.10 -75.13
CA ARG B 504 37.61 23.89 -74.45
C ARG B 504 37.60 24.09 -72.94
N GLY B 505 37.97 25.28 -72.47
CA GLY B 505 37.86 25.57 -71.05
C GLY B 505 36.42 25.56 -70.58
N LEU B 506 35.50 26.04 -71.43
CA LEU B 506 34.09 25.96 -71.11
C LEU B 506 33.62 24.52 -70.97
N LEU B 507 34.12 23.64 -71.85
CA LEU B 507 33.71 22.24 -71.82
C LEU B 507 34.16 21.56 -70.53
N GLN B 508 35.36 21.89 -70.04
CA GLN B 508 35.88 21.25 -68.83
C GLN B 508 35.01 21.57 -67.63
N GLU B 509 34.59 22.83 -67.50
CA GLU B 509 33.76 23.24 -66.36
C GLU B 509 32.42 22.51 -66.38
N LEU B 510 31.79 22.44 -67.55
CA LEU B 510 30.53 21.71 -67.68
C LEU B 510 30.73 20.23 -67.37
N SER B 511 31.84 19.66 -67.81
CA SER B 511 32.12 18.25 -67.52
C SER B 511 32.27 18.03 -66.02
N SER B 512 32.95 18.93 -65.32
CA SER B 512 33.11 18.79 -63.88
C SER B 512 31.77 18.91 -63.16
N ILE B 513 30.94 19.88 -63.57
CA ILE B 513 29.64 20.05 -62.94
C ILE B 513 28.77 18.81 -63.18
N ARG B 514 28.80 18.29 -64.41
CA ARG B 514 28.05 17.08 -64.72
C ARG B 514 28.56 15.90 -63.91
N HIS B 515 29.88 15.82 -63.70
CA HIS B 515 30.42 14.72 -62.89
C HIS B 515 29.93 14.81 -61.44
N PHE B 516 29.91 16.02 -60.88
CA PHE B 516 29.38 16.18 -59.52
C PHE B 516 27.93 15.74 -59.45
N LEU B 517 27.10 16.21 -60.39
CA LEU B 517 25.69 15.84 -60.38
C LEU B 517 25.51 14.35 -60.63
N GLU B 518 26.38 13.75 -61.45
CA GLU B 518 26.31 12.32 -61.73
C GLU B 518 26.63 11.50 -60.48
N LYS B 519 27.65 11.92 -59.72
CA LYS B 519 27.96 11.25 -58.47
C LYS B 519 26.78 11.33 -57.51
N ARG B 520 26.18 12.53 -57.39
CA ARG B 520 25.04 12.70 -56.50
C ARG B 520 23.87 11.81 -56.92
N ASP B 521 23.59 11.75 -58.23
CA ASP B 521 22.48 10.94 -58.73
C ASP B 521 22.77 9.45 -58.56
N GLU B 522 24.01 9.02 -58.74
CA GLU B 522 24.35 7.62 -58.52
C GLU B 522 24.14 7.23 -57.07
N MET B 523 24.56 8.10 -56.14
CA MET B 523 24.30 7.83 -54.72
C MET B 523 22.80 7.75 -54.46
N ARG B 524 22.03 8.68 -55.04
CA ARG B 524 20.58 8.68 -54.85
C ARG B 524 19.95 7.39 -55.37
N GLU B 525 20.40 6.93 -56.54
CA GLU B 525 19.83 5.72 -57.12
C GLU B 525 20.20 4.47 -56.34
N VAL B 526 21.43 4.40 -55.83
CA VAL B 526 21.80 3.26 -54.98
C VAL B 526 20.94 3.26 -53.71
N ALA B 527 20.75 4.43 -53.12
CA ALA B 527 19.88 4.52 -51.95
C ALA B 527 18.46 4.10 -52.27
N ARG B 528 17.97 4.48 -53.46
CA ARG B 528 16.62 4.09 -53.87
C ARG B 528 16.50 2.58 -54.02
N ASP B 529 17.51 1.94 -54.61
CA ASP B 529 17.48 0.49 -54.76
C ASP B 529 17.47 -0.20 -53.39
N TRP B 530 18.32 0.26 -52.47
CA TRP B 530 18.33 -0.31 -51.13
C TRP B 530 16.98 -0.09 -50.43
N LEU B 531 16.38 1.09 -50.63
CA LEU B 531 15.09 1.37 -50.03
C LEU B 531 14.01 0.46 -50.59
N ARG B 532 14.06 0.17 -51.89
CA ARG B 532 13.09 -0.76 -52.48
C ARG B 532 13.24 -2.15 -51.89
N VAL B 533 14.49 -2.62 -51.77
CA VAL B 533 14.72 -3.94 -51.17
C VAL B 533 14.19 -3.98 -49.75
N GLY B 534 14.48 -2.92 -48.98
CA GLY B 534 13.98 -2.85 -47.62
C GLY B 534 12.47 -2.81 -47.52
N TYR B 535 11.82 -2.09 -48.43
CA TYR B 535 10.36 -2.05 -48.44
C TYR B 535 9.76 -3.43 -48.72
N VAL B 536 10.31 -4.15 -49.70
CA VAL B 536 9.79 -5.48 -50.00
C VAL B 536 9.99 -6.41 -48.82
N LEU B 537 11.18 -6.38 -48.22
CA LEU B 537 11.43 -7.24 -47.06
C LEU B 537 10.53 -6.85 -45.88
N ASP B 538 10.27 -5.56 -45.71
CA ASP B 538 9.39 -5.11 -44.64
C ASP B 538 7.97 -5.63 -44.84
N ARG B 539 7.48 -5.58 -46.07
CA ARG B 539 6.15 -6.12 -46.35
C ARG B 539 6.08 -7.62 -46.07
N LEU B 540 7.10 -8.36 -46.52
CA LEU B 540 7.11 -9.81 -46.29
C LEU B 540 7.14 -10.12 -44.79
N LEU B 541 8.01 -9.45 -44.06
CA LEU B 541 8.14 -9.72 -42.63
C LEU B 541 6.92 -9.26 -41.85
N PHE B 542 6.26 -8.19 -42.30
CA PHE B 542 5.00 -7.78 -41.68
C PHE B 542 3.94 -8.86 -41.86
N ARG B 543 3.82 -9.42 -43.05
CA ARG B 543 2.86 -10.50 -43.25
C ARG B 543 3.21 -11.72 -42.41
N ILE B 544 4.49 -12.07 -42.32
CA ILE B 544 4.90 -13.22 -41.50
C ILE B 544 4.57 -12.98 -40.03
N TYR B 545 4.86 -11.77 -39.54
CA TYR B 545 4.57 -11.45 -38.15
C TYR B 545 3.07 -11.45 -37.87
N LEU B 546 2.27 -10.94 -38.81
CA LEU B 546 0.82 -10.96 -38.64
C LEU B 546 0.31 -12.39 -38.58
N LEU B 547 0.83 -13.27 -39.45
CA LEU B 547 0.43 -14.67 -39.40
C LEU B 547 0.83 -15.31 -38.07
N ALA B 548 2.02 -15.00 -37.57
CA ALA B 548 2.45 -15.54 -36.29
C ALA B 548 1.55 -15.07 -35.16
N VAL B 549 1.18 -13.79 -35.15
CA VAL B 549 0.30 -13.25 -34.13
C VAL B 549 -1.07 -13.93 -34.20
N LEU B 550 -1.59 -14.12 -35.42
CA LEU B 550 -2.88 -14.79 -35.57
C LEU B 550 -2.80 -16.23 -35.08
N ALA B 551 -1.70 -16.93 -35.38
CA ALA B 551 -1.54 -18.30 -34.92
C ALA B 551 -1.49 -18.36 -33.39
N TYR B 552 -0.76 -17.43 -32.77
CA TYR B 552 -0.70 -17.39 -31.31
C TYR B 552 -2.09 -17.13 -30.72
N SER B 553 -2.83 -16.19 -31.31
CA SER B 553 -4.16 -15.87 -30.81
C SER B 553 -5.10 -17.06 -30.92
N ILE B 554 -5.08 -17.76 -32.05
CA ILE B 554 -5.97 -18.90 -32.20
C ILE B 554 -5.53 -20.05 -31.30
N THR B 555 -4.22 -20.21 -31.07
CA THR B 555 -3.76 -21.23 -30.13
C THR B 555 -4.29 -20.94 -28.72
N LEU B 556 -4.21 -19.68 -28.30
CA LEU B 556 -4.76 -19.32 -26.99
C LEU B 556 -6.27 -19.54 -26.94
N VAL B 557 -6.97 -19.20 -28.03
CA VAL B 557 -8.42 -19.36 -28.06
C VAL B 557 -8.80 -20.83 -27.94
N THR B 558 -8.11 -21.71 -28.68
CA THR B 558 -8.42 -23.14 -28.59
C THR B 558 -8.02 -23.71 -27.23
N LEU B 559 -6.95 -23.22 -26.63
CA LEU B 559 -6.59 -23.68 -25.29
C LEU B 559 -7.66 -23.28 -24.28
N TRP B 560 -8.21 -22.08 -24.41
CA TRP B 560 -9.28 -21.64 -23.53
C TRP B 560 -10.57 -22.43 -23.80
N SER B 561 -10.84 -22.75 -25.06
CA SER B 561 -12.09 -23.41 -25.41
C SER B 561 -12.19 -24.80 -24.80
N ILE B 562 -11.10 -25.57 -24.84
CA ILE B 562 -11.11 -26.91 -24.25
C ILE B 562 -11.21 -26.88 -22.74
N TRP B 563 -10.88 -25.74 -22.11
CA TRP B 563 -11.09 -25.59 -20.68
C TRP B 563 -12.54 -25.24 -20.36
N HIS B 564 -13.18 -24.45 -21.21
CA HIS B 564 -14.54 -23.98 -20.98
C HIS B 564 -15.55 -25.11 -21.14
N THR C 112 -36.81 1.06 56.17
CA THR C 112 -35.48 1.11 56.76
C THR C 112 -34.40 1.23 55.68
N GLN C 113 -34.14 0.11 55.00
CA GLN C 113 -33.14 0.09 53.95
C GLN C 113 -33.63 0.86 52.73
N PRO C 114 -32.71 1.32 51.87
CA PRO C 114 -33.12 2.00 50.64
C PRO C 114 -33.97 1.10 49.76
N ALA C 115 -34.89 1.72 49.02
CA ALA C 115 -35.82 0.96 48.20
C ALA C 115 -35.10 0.16 47.12
N LEU C 116 -34.10 0.76 46.47
CA LEU C 116 -33.39 0.06 45.40
C LEU C 116 -32.61 -1.14 45.92
N LEU C 117 -31.97 -1.01 47.09
CA LEU C 117 -31.25 -2.14 47.66
C LEU C 117 -32.18 -3.29 47.99
N ARG C 118 -33.32 -2.99 48.60
CA ARG C 118 -34.30 -4.03 48.93
C ARG C 118 -34.85 -4.67 47.66
N LEU C 119 -35.11 -3.87 46.63
CA LEU C 119 -35.62 -4.42 45.38
C LEU C 119 -34.60 -5.33 44.71
N SER C 120 -33.34 -4.92 44.69
CA SER C 120 -32.31 -5.77 44.11
C SER C 120 -32.12 -7.06 44.90
N ASP C 121 -32.19 -6.98 46.23
CA ASP C 121 -32.12 -8.19 47.05
C ASP C 121 -33.30 -9.11 46.76
N HIS C 122 -34.50 -8.52 46.58
CA HIS C 122 -35.68 -9.31 46.30
C HIS C 122 -35.58 -10.00 44.94
N LEU C 123 -35.02 -9.30 43.95
CA LEU C 123 -34.99 -9.85 42.59
C LEU C 123 -33.83 -10.84 42.41
N LEU C 124 -32.60 -10.36 42.59
CA LEU C 124 -31.43 -11.12 42.18
C LEU C 124 -31.03 -12.22 43.15
N ALA C 125 -31.60 -12.26 44.35
CA ALA C 125 -31.34 -13.39 45.23
C ALA C 125 -32.07 -14.62 44.73
N ASN C 126 -31.45 -15.79 44.94
CA ASN C 126 -31.94 -17.09 44.44
C ASN C 126 -32.56 -16.98 43.05
N TYR C 127 -31.86 -16.27 42.16
CA TYR C 127 -32.26 -16.12 40.77
C TYR C 127 -31.21 -16.77 39.89
N LYS C 128 -31.66 -17.61 38.95
CA LYS C 128 -30.77 -18.38 38.09
C LYS C 128 -30.70 -17.71 36.72
N LYS C 129 -29.51 -17.24 36.36
CA LYS C 129 -29.34 -16.54 35.09
C LYS C 129 -29.17 -17.49 33.91
N GLY C 130 -29.01 -18.79 34.16
CA GLY C 130 -28.92 -19.76 33.08
C GLY C 130 -30.23 -20.37 32.67
N VAL C 131 -31.34 -19.89 33.21
CA VAL C 131 -32.66 -20.44 32.95
C VAL C 131 -33.45 -19.45 32.12
N ARG C 132 -34.09 -19.92 31.06
CA ARG C 132 -34.96 -19.06 30.28
C ARG C 132 -36.14 -18.63 31.15
N PRO C 133 -36.40 -17.34 31.30
CA PRO C 133 -37.35 -16.85 32.32
C PRO C 133 -38.81 -17.02 31.91
N VAL C 134 -39.28 -18.27 31.98
CA VAL C 134 -40.69 -18.58 31.77
C VAL C 134 -41.14 -19.54 32.85
N ARG C 135 -42.27 -19.23 33.48
CA ARG C 135 -42.85 -20.16 34.45
C ARG C 135 -43.37 -21.41 33.76
N ASP C 136 -43.96 -21.27 32.58
CA ASP C 136 -44.37 -22.39 31.74
C ASP C 136 -43.38 -22.49 30.58
N TRP C 137 -42.74 -23.65 30.45
CA TRP C 137 -41.69 -23.79 29.44
C TRP C 137 -42.24 -23.86 28.02
N ARG C 138 -43.57 -23.98 27.86
CA ARG C 138 -44.15 -24.10 26.53
C ARG C 138 -44.31 -22.76 25.83
N LYS C 139 -44.21 -21.64 26.55
CA LYS C 139 -44.36 -20.36 25.88
C LYS C 139 -43.00 -19.74 25.61
N PRO C 140 -42.72 -19.31 24.38
CA PRO C 140 -41.42 -18.72 24.09
C PRO C 140 -41.31 -17.29 24.59
N THR C 141 -40.08 -16.82 24.73
CA THR C 141 -39.82 -15.44 25.09
C THR C 141 -39.71 -14.61 23.81
N THR C 142 -40.64 -13.67 23.64
CA THR C 142 -40.70 -12.85 22.44
C THR C 142 -39.76 -11.65 22.61
N VAL C 143 -38.63 -11.68 21.92
CA VAL C 143 -37.65 -10.61 22.01
C VAL C 143 -37.93 -9.60 20.90
N SER C 144 -38.55 -8.48 21.26
CA SER C 144 -38.88 -7.42 20.30
C SER C 144 -37.59 -6.68 19.96
N ILE C 145 -37.33 -6.49 18.68
CA ILE C 145 -36.05 -6.00 18.20
C ILE C 145 -36.23 -4.66 17.50
N ASP C 146 -35.30 -3.74 17.76
CA ASP C 146 -35.26 -2.47 17.06
C ASP C 146 -33.83 -2.15 16.69
N VAL C 147 -33.64 -1.68 15.45
CA VAL C 147 -32.31 -1.40 14.92
C VAL C 147 -32.35 -0.05 14.21
N ILE C 148 -31.36 0.79 14.49
CA ILE C 148 -31.21 2.09 13.85
C ILE C 148 -29.76 2.25 13.43
N MET C 149 -29.54 2.59 12.16
CA MET C 149 -28.20 2.69 11.62
C MET C 149 -27.60 4.04 11.98
N TYR C 150 -26.39 4.02 12.57
CA TYR C 150 -25.71 5.26 12.91
C TYR C 150 -24.80 5.73 11.78
N ALA C 151 -24.02 4.81 11.20
CA ALA C 151 -23.10 5.17 10.14
C ALA C 151 -22.76 3.93 9.33
N ILE C 152 -22.22 4.16 8.14
CA ILE C 152 -21.68 3.10 7.29
C ILE C 152 -20.17 3.32 7.21
N LEU C 153 -19.42 2.55 7.98
CA LEU C 153 -17.99 2.80 8.11
C LEU C 153 -17.20 2.40 6.87
N ASN C 154 -17.53 1.27 6.25
CA ASN C 154 -16.75 0.81 5.11
C ASN C 154 -17.52 -0.23 4.30
N VAL C 155 -17.64 -0.01 3.00
CA VAL C 155 -18.18 -0.99 2.07
C VAL C 155 -17.04 -1.47 1.21
N ASP C 156 -16.64 -2.73 1.38
CA ASP C 156 -15.46 -3.30 0.73
C ASP C 156 -15.94 -4.30 -0.32
N GLU C 157 -15.93 -3.87 -1.58
CA GLU C 157 -16.42 -4.71 -2.66
C GLU C 157 -15.46 -5.82 -3.05
N LYS C 158 -14.19 -5.74 -2.62
CA LYS C 158 -13.24 -6.80 -2.94
C LYS C 158 -13.57 -8.08 -2.16
N ASN C 159 -13.59 -7.98 -0.83
CA ASN C 159 -13.97 -9.12 0.00
C ASN C 159 -15.46 -9.21 0.25
N GLN C 160 -16.22 -8.21 -0.18
CA GLN C 160 -17.68 -8.20 -0.08
C GLN C 160 -18.15 -8.32 1.37
N VAL C 161 -17.67 -7.41 2.20
CA VAL C 161 -18.10 -7.27 3.59
C VAL C 161 -18.55 -5.83 3.81
N LEU C 162 -19.58 -5.66 4.61
CA LEU C 162 -20.13 -4.35 4.91
C LEU C 162 -19.93 -4.04 6.39
N THR C 163 -19.27 -2.91 6.67
CA THR C 163 -19.01 -2.48 8.03
C THR C 163 -19.95 -1.33 8.39
N THR C 164 -20.78 -1.53 9.40
CA THR C 164 -21.75 -0.54 9.83
C THR C 164 -21.75 -0.44 11.34
N TYR C 165 -22.19 0.70 11.85
CA TYR C 165 -22.41 0.93 13.26
C TYR C 165 -23.89 1.24 13.47
N ILE C 166 -24.55 0.45 14.31
CA ILE C 166 -25.98 0.56 14.53
C ILE C 166 -26.26 0.76 16.01
N TRP C 167 -27.27 1.57 16.30
CA TRP C 167 -27.86 1.62 17.63
C TRP C 167 -28.94 0.56 17.71
N TYR C 168 -28.85 -0.33 18.70
CA TYR C 168 -29.69 -1.51 18.76
C TYR C 168 -30.28 -1.65 20.15
N ARG C 169 -31.58 -1.96 20.19
CA ARG C 169 -32.27 -2.14 21.46
C ARG C 169 -33.24 -3.30 21.33
N GLN C 170 -33.43 -4.01 22.44
CA GLN C 170 -34.36 -5.14 22.48
C GLN C 170 -34.99 -5.19 23.85
N TYR C 171 -36.19 -5.78 23.92
CA TYR C 171 -36.86 -5.99 25.19
C TYR C 171 -37.64 -7.29 25.15
N TRP C 172 -37.69 -7.95 26.30
CA TRP C 172 -38.37 -9.23 26.45
C TRP C 172 -38.95 -9.31 27.85
N THR C 173 -39.91 -10.21 28.03
CA THR C 173 -40.59 -10.35 29.32
C THR C 173 -39.84 -11.36 30.19
N ASP C 174 -39.35 -10.90 31.33
CA ASP C 174 -38.69 -11.76 32.31
C ASP C 174 -39.68 -12.04 33.43
N GLU C 175 -40.24 -13.25 33.45
CA GLU C 175 -41.30 -13.56 34.40
C GLU C 175 -40.81 -13.75 35.83
N PHE C 176 -39.50 -13.75 36.05
CA PHE C 176 -38.95 -13.83 37.39
C PHE C 176 -38.59 -12.48 37.99
N LEU C 177 -38.32 -11.48 37.16
CA LEU C 177 -38.02 -10.13 37.62
C LEU C 177 -39.29 -9.28 37.68
N GLN C 178 -40.22 -9.71 38.54
CA GLN C 178 -41.49 -9.04 38.72
C GLN C 178 -41.71 -8.70 40.19
N TRP C 179 -42.30 -7.54 40.42
CA TRP C 179 -42.59 -7.08 41.78
C TRP C 179 -43.73 -6.09 41.72
N THR C 180 -44.30 -5.80 42.89
CA THR C 180 -45.31 -4.76 43.00
C THR C 180 -44.66 -3.47 43.47
N PRO C 181 -44.92 -2.34 42.81
CA PRO C 181 -44.25 -1.09 43.21
C PRO C 181 -44.55 -0.66 44.64
N GLU C 182 -45.76 -0.93 45.14
CA GLU C 182 -46.17 -0.41 46.44
C GLU C 182 -45.32 -0.92 47.59
N ASP C 183 -44.64 -2.07 47.42
CA ASP C 183 -43.82 -2.61 48.48
C ASP C 183 -42.42 -2.02 48.53
N PHE C 184 -42.02 -1.28 47.50
CA PHE C 184 -40.64 -0.80 47.37
C PHE C 184 -40.62 0.69 47.08
N ASP C 185 -41.39 1.46 47.86
CA ASP C 185 -41.41 2.92 47.77
C ASP C 185 -41.80 3.39 46.36
N ASN C 186 -42.79 2.70 45.78
CA ASN C 186 -43.37 3.08 44.49
C ASN C 186 -42.32 3.16 43.38
N VAL C 187 -41.36 2.24 43.39
CA VAL C 187 -40.39 2.18 42.31
C VAL C 187 -40.97 1.35 41.17
N THR C 188 -40.94 1.90 39.96
CA THR C 188 -41.51 1.21 38.81
C THR C 188 -40.46 0.60 37.89
N LYS C 189 -39.22 1.07 37.95
CA LYS C 189 -38.15 0.50 37.16
C LYS C 189 -36.82 0.73 37.85
N LEU C 190 -35.85 -0.12 37.54
CA LEU C 190 -34.51 0.01 38.08
C LEU C 190 -33.52 -0.58 37.08
N SER C 191 -32.27 -0.15 37.18
CA SER C 191 -31.21 -0.64 36.32
C SER C 191 -30.50 -1.81 36.98
N ILE C 192 -30.41 -2.92 36.25
CA ILE C 192 -29.84 -4.16 36.76
C ILE C 192 -28.68 -4.55 35.85
N PRO C 193 -27.56 -5.04 36.39
CA PRO C 193 -26.44 -5.43 35.53
C PRO C 193 -26.82 -6.52 34.54
N THR C 194 -26.23 -6.45 33.35
CA THR C 194 -26.50 -7.45 32.32
C THR C 194 -26.06 -8.83 32.76
N ASP C 195 -24.91 -8.93 33.43
CA ASP C 195 -24.36 -10.22 33.82
C ASP C 195 -25.21 -10.95 34.85
N SER C 196 -26.13 -10.26 35.51
CA SER C 196 -26.91 -10.85 36.59
C SER C 196 -28.24 -11.45 36.12
N ILE C 197 -28.58 -11.33 34.84
CA ILE C 197 -29.87 -11.79 34.34
C ILE C 197 -29.67 -12.55 33.04
N TRP C 198 -30.70 -13.30 32.65
CA TRP C 198 -30.68 -14.05 31.40
C TRP C 198 -30.82 -13.10 30.22
N VAL C 199 -29.95 -13.24 29.24
CA VAL C 199 -29.95 -12.39 28.05
C VAL C 199 -29.98 -13.27 26.82
N PRO C 200 -30.92 -13.06 25.89
CA PRO C 200 -30.99 -13.90 24.70
C PRO C 200 -29.77 -13.75 23.82
N ASP C 201 -29.43 -14.83 23.12
CA ASP C 201 -28.28 -14.85 22.21
C ASP C 201 -28.61 -14.37 20.81
N ILE C 202 -29.18 -13.17 20.68
CA ILE C 202 -29.54 -12.65 19.37
C ILE C 202 -28.30 -12.10 18.69
N LEU C 203 -27.96 -12.67 17.53
CA LEU C 203 -26.85 -12.18 16.73
C LEU C 203 -27.16 -12.42 15.26
N ILE C 204 -26.29 -11.93 14.39
CA ILE C 204 -26.56 -11.83 12.97
C ILE C 204 -25.94 -13.00 12.23
N ASN C 205 -26.70 -13.59 11.30
CA ASN C 205 -26.19 -14.67 10.47
C ASN C 205 -25.06 -14.18 9.57
N GLU C 206 -25.22 -13.00 8.98
CA GLU C 206 -24.26 -12.50 8.00
C GLU C 206 -22.91 -12.11 8.59
N PHE C 207 -22.71 -12.32 9.89
CA PHE C 207 -21.42 -12.00 10.49
C PHE C 207 -20.30 -12.79 9.81
N VAL C 208 -19.18 -12.10 9.57
CA VAL C 208 -17.97 -12.74 9.06
C VAL C 208 -16.80 -12.33 9.95
N ASP C 209 -17.07 -11.39 10.86
CA ASP C 209 -16.04 -10.89 11.76
C ASP C 209 -16.75 -10.18 12.90
N VAL C 210 -16.50 -10.63 14.13
CA VAL C 210 -17.15 -10.00 15.28
C VAL C 210 -16.59 -8.58 15.43
N GLY C 211 -17.50 -7.61 15.54
CA GLY C 211 -17.08 -6.23 15.64
C GLY C 211 -16.60 -5.86 17.03
N LYS C 212 -15.89 -4.74 17.10
CA LYS C 212 -15.42 -4.18 18.36
C LYS C 212 -16.41 -3.10 18.78
N SER C 213 -17.28 -3.44 19.73
CA SER C 213 -18.31 -2.53 20.19
C SER C 213 -18.25 -2.44 21.71
N PRO C 214 -18.59 -1.28 22.27
CA PRO C 214 -18.57 -1.14 23.73
C PRO C 214 -19.59 -2.07 24.39
N ASN C 215 -19.26 -2.49 25.60
CA ASN C 215 -20.18 -3.33 26.37
C ASN C 215 -21.00 -2.47 27.32
N ILE C 216 -22.32 -2.57 27.21
CA ILE C 216 -23.24 -1.85 28.08
C ILE C 216 -23.55 -2.75 29.27
N PRO C 217 -23.16 -2.37 30.49
CA PRO C 217 -23.30 -3.29 31.63
C PRO C 217 -24.69 -3.33 32.24
N TYR C 218 -25.53 -2.33 32.02
CA TYR C 218 -26.80 -2.22 32.73
C TYR C 218 -27.97 -2.33 31.75
N VAL C 219 -29.06 -2.90 32.24
CA VAL C 219 -30.32 -2.98 31.50
C VAL C 219 -31.44 -2.52 32.41
N TYR C 220 -32.53 -2.05 31.80
CA TYR C 220 -33.68 -1.61 32.57
C TYR C 220 -34.68 -2.75 32.77
N VAL C 221 -35.19 -2.85 33.99
CA VAL C 221 -36.20 -3.84 34.33
C VAL C 221 -37.41 -3.11 34.90
N HIS C 222 -38.57 -3.36 34.30
CA HIS C 222 -39.82 -2.76 34.75
C HIS C 222 -40.51 -3.68 35.76
N HIS C 223 -41.53 -3.14 36.41
CA HIS C 223 -42.16 -3.87 37.51
C HIS C 223 -42.98 -5.06 37.01
N ARG C 224 -43.19 -5.17 35.70
CA ARG C 224 -43.89 -6.31 35.13
C ARG C 224 -42.97 -7.24 34.33
N GLY C 225 -41.65 -7.10 34.50
CA GLY C 225 -40.71 -8.03 33.91
C GLY C 225 -40.10 -7.61 32.59
N GLU C 226 -40.57 -6.52 31.99
CA GLU C 226 -40.03 -6.08 30.71
C GLU C 226 -38.59 -5.61 30.87
N VAL C 227 -37.64 -6.42 30.42
CA VAL C 227 -36.23 -6.06 30.49
C VAL C 227 -35.81 -5.40 29.19
N GLN C 228 -35.28 -4.19 29.28
CA GLN C 228 -34.92 -3.40 28.11
C GLN C 228 -33.40 -3.30 28.04
N ASN C 229 -32.84 -3.69 26.90
CA ASN C 229 -31.39 -3.72 26.69
C ASN C 229 -31.04 -2.78 25.57
N TYR C 230 -30.16 -1.82 25.85
CA TYR C 230 -29.64 -0.89 24.86
C TYR C 230 -28.15 -1.15 24.66
N LYS C 231 -27.72 -1.19 23.39
CA LYS C 231 -26.34 -1.52 23.10
C LYS C 231 -25.95 -1.08 21.70
N PRO C 232 -24.80 -0.43 21.52
CA PRO C 232 -24.30 -0.15 20.17
C PRO C 232 -23.54 -1.35 19.62
N LEU C 233 -23.61 -1.52 18.30
CA LEU C 233 -23.02 -2.67 17.65
C LEU C 233 -22.25 -2.23 16.41
N GLN C 234 -21.00 -2.68 16.30
CA GLN C 234 -20.26 -2.61 15.04
C GLN C 234 -20.45 -3.93 14.31
N LEU C 235 -20.93 -3.89 13.08
CA LEU C 235 -21.26 -5.08 12.32
C LEU C 235 -20.34 -5.18 11.11
N VAL C 236 -19.64 -6.31 10.99
CA VAL C 236 -18.88 -6.64 9.80
C VAL C 236 -19.58 -7.84 9.17
N THR C 237 -20.48 -7.57 8.24
CA THR C 237 -21.37 -8.58 7.69
C THR C 237 -21.12 -8.78 6.21
N ALA C 238 -21.26 -10.02 5.75
CA ALA C 238 -21.15 -10.31 4.34
C ALA C 238 -22.38 -9.81 3.59
N CYS C 239 -22.18 -9.44 2.33
CA CYS C 239 -23.28 -8.96 1.49
C CYS C 239 -22.91 -9.15 0.04
N SER C 240 -23.94 -9.14 -0.81
CA SER C 240 -23.75 -9.24 -2.26
C SER C 240 -23.67 -7.82 -2.82
N LEU C 241 -22.46 -7.39 -3.18
CA LEU C 241 -22.23 -6.05 -3.69
C LEU C 241 -22.13 -6.12 -5.20
N ASP C 242 -23.15 -5.59 -5.88
CA ASP C 242 -23.18 -5.58 -7.34
C ASP C 242 -22.66 -4.22 -7.81
N ILE C 243 -21.49 -4.23 -8.44
CA ILE C 243 -20.83 -3.00 -8.86
C ILE C 243 -21.01 -2.80 -10.36
N TYR C 244 -22.08 -3.38 -10.92
CA TYR C 244 -22.33 -3.22 -12.35
C TYR C 244 -22.49 -1.76 -12.73
N ASN C 245 -23.13 -0.96 -11.87
CA ASN C 245 -23.28 0.48 -12.06
C ASN C 245 -22.37 1.29 -11.15
N PHE C 246 -21.12 0.86 -10.97
CA PHE C 246 -20.20 1.29 -9.91
C PHE C 246 -20.30 2.76 -9.52
N PRO C 247 -20.23 3.72 -10.44
CA PRO C 247 -20.38 5.13 -10.02
C PRO C 247 -21.72 5.43 -9.38
N PHE C 248 -22.80 4.78 -9.83
CA PHE C 248 -24.15 5.10 -9.39
C PHE C 248 -24.87 3.91 -8.78
N ASP C 249 -24.15 2.89 -8.33
CA ASP C 249 -24.79 1.67 -7.85
C ASP C 249 -25.49 1.90 -6.53
N VAL C 250 -26.63 1.23 -6.35
CA VAL C 250 -27.35 1.20 -5.08
C VAL C 250 -27.30 -0.23 -4.57
N GLN C 251 -26.83 -0.40 -3.33
CA GLN C 251 -26.61 -1.71 -2.75
C GLN C 251 -27.80 -2.11 -1.90
N ASN C 252 -27.93 -3.42 -1.67
CA ASN C 252 -29.05 -3.99 -0.92
C ASN C 252 -28.46 -5.06 0.00
N CYS C 253 -28.10 -4.65 1.21
CA CYS C 253 -27.43 -5.53 2.17
C CYS C 253 -28.40 -5.91 3.27
N SER C 254 -28.37 -7.16 3.69
CA SER C 254 -29.30 -7.64 4.69
C SER C 254 -28.61 -7.85 6.03
N LEU C 255 -29.35 -7.61 7.11
CA LEU C 255 -28.90 -7.87 8.48
C LEU C 255 -29.96 -8.72 9.16
N THR C 256 -29.69 -10.02 9.31
CA THR C 256 -30.67 -10.97 9.81
C THR C 256 -30.37 -11.26 11.28
N PHE C 257 -31.22 -10.74 12.17
CA PHE C 257 -31.09 -11.00 13.59
C PHE C 257 -31.88 -12.24 13.98
N THR C 258 -31.22 -13.17 14.68
CA THR C 258 -31.88 -14.39 15.09
C THR C 258 -31.16 -14.98 16.29
N SER C 259 -31.87 -15.83 17.03
CA SER C 259 -31.25 -16.59 18.10
C SER C 259 -30.46 -17.75 17.49
N TRP C 260 -29.18 -17.84 17.83
CA TRP C 260 -28.31 -18.82 17.17
C TRP C 260 -28.69 -20.24 17.56
N LEU C 261 -28.95 -20.48 18.83
CA LEU C 261 -29.23 -21.84 19.28
C LEU C 261 -30.72 -22.11 19.40
N HIS C 262 -31.46 -21.18 20.02
CA HIS C 262 -32.85 -21.43 20.37
C HIS C 262 -33.72 -21.48 19.12
N THR C 263 -34.68 -22.39 19.11
CA THR C 263 -35.65 -22.49 18.04
C THR C 263 -36.82 -21.53 18.29
N ILE C 264 -37.79 -21.55 17.37
CA ILE C 264 -38.94 -20.66 17.49
C ILE C 264 -39.85 -21.06 18.63
N GLN C 265 -39.70 -22.28 19.15
CA GLN C 265 -40.46 -22.69 20.33
C GLN C 265 -39.86 -22.16 21.62
N ASP C 266 -38.66 -21.58 21.56
CA ASP C 266 -37.99 -21.04 22.72
C ASP C 266 -37.84 -19.52 22.66
N ILE C 267 -37.32 -18.99 21.56
CA ILE C 267 -37.13 -17.55 21.39
C ILE C 267 -37.76 -17.14 20.07
N ASN C 268 -38.64 -16.14 20.11
CA ASN C 268 -39.24 -15.56 18.93
C ASN C 268 -38.91 -14.07 18.88
N ILE C 269 -38.90 -13.52 17.66
CA ILE C 269 -38.43 -12.16 17.42
C ILE C 269 -39.52 -11.36 16.73
N THR C 270 -39.80 -10.17 17.28
CA THR C 270 -40.73 -9.22 16.68
C THR C 270 -40.04 -7.87 16.56
N LEU C 271 -40.83 -6.85 16.24
CA LEU C 271 -40.32 -5.50 16.11
C LEU C 271 -40.83 -4.61 17.24
N TRP C 272 -39.93 -3.79 17.79
CA TRP C 272 -40.32 -2.80 18.77
C TRP C 272 -41.25 -1.76 18.15
N ARG C 273 -40.95 -1.32 16.94
CA ARG C 273 -41.71 -0.30 16.24
C ARG C 273 -42.26 -0.87 14.94
N SER C 274 -43.31 -0.23 14.43
CA SER C 274 -43.93 -0.68 13.19
C SER C 274 -42.92 -0.59 12.04
N PRO C 275 -43.01 -1.49 11.07
CA PRO C 275 -42.00 -1.49 9.99
C PRO C 275 -41.93 -0.19 9.21
N GLU C 276 -43.04 0.55 9.09
CA GLU C 276 -42.97 1.84 8.42
C GLU C 276 -42.11 2.83 9.20
N GLU C 277 -42.22 2.85 10.53
CA GLU C 277 -41.39 3.73 11.35
C GLU C 277 -39.92 3.36 11.23
N VAL C 278 -39.61 2.06 11.19
CA VAL C 278 -38.23 1.64 10.99
C VAL C 278 -37.73 2.06 9.62
N ARG C 279 -38.61 1.96 8.61
CA ARG C 279 -38.23 2.32 7.26
C ARG C 279 -37.95 3.82 7.13
N SER C 280 -38.70 4.64 7.89
CA SER C 280 -38.57 6.09 7.76
C SER C 280 -37.43 6.68 8.58
N ASP C 281 -36.61 5.85 9.23
CA ASP C 281 -35.57 6.36 10.12
C ASP C 281 -34.32 6.76 9.34
N LYS C 282 -34.01 8.06 9.36
CA LYS C 282 -32.74 8.59 8.87
C LYS C 282 -32.23 9.69 9.80
N SER C 283 -32.51 9.57 11.10
CA SER C 283 -32.30 10.67 12.04
C SER C 283 -30.85 10.85 12.43
N ILE C 284 -30.24 9.85 13.06
CA ILE C 284 -28.89 10.00 13.58
C ILE C 284 -27.82 9.61 12.55
N PHE C 285 -28.23 9.17 11.37
CA PHE C 285 -27.29 8.65 10.39
C PHE C 285 -26.23 9.68 10.02
N ILE C 286 -24.97 9.30 10.20
CA ILE C 286 -23.86 10.14 9.74
C ILE C 286 -23.88 10.15 8.21
N ASN C 287 -24.02 11.34 7.62
CA ASN C 287 -24.38 11.45 6.22
C ASN C 287 -23.30 12.08 5.34
N GLN C 288 -22.18 12.54 5.92
CA GLN C 288 -21.16 13.22 5.13
C GLN C 288 -20.30 12.24 4.33
N GLY C 289 -20.43 10.94 4.55
CA GLY C 289 -19.57 9.96 3.92
C GLY C 289 -19.93 9.68 2.47
N GLU C 290 -19.29 8.64 1.94
CA GLU C 290 -19.49 8.28 0.54
C GLU C 290 -20.84 7.62 0.30
N TRP C 291 -21.36 6.90 1.29
CA TRP C 291 -22.56 6.10 1.13
C TRP C 291 -23.74 6.78 1.79
N GLU C 292 -24.85 6.85 1.06
CA GLU C 292 -26.08 7.47 1.55
C GLU C 292 -27.10 6.39 1.85
N LEU C 293 -27.58 6.34 3.08
CA LEU C 293 -28.59 5.36 3.48
C LEU C 293 -29.95 5.77 2.93
N LEU C 294 -30.63 4.85 2.26
CA LEU C 294 -31.96 5.11 1.72
C LEU C 294 -33.06 4.67 2.69
N GLU C 295 -33.04 3.41 3.10
CA GLU C 295 -34.07 2.88 3.99
C GLU C 295 -33.56 1.62 4.65
N VAL C 296 -34.15 1.30 5.79
CA VAL C 296 -33.92 0.04 6.50
C VAL C 296 -35.28 -0.65 6.61
N PHE C 297 -35.43 -1.78 5.92
CA PHE C 297 -36.72 -2.41 5.77
C PHE C 297 -36.75 -3.75 6.49
N PRO C 298 -37.39 -3.86 7.66
CA PRO C 298 -37.47 -5.13 8.36
C PRO C 298 -38.61 -6.01 7.88
N GLN C 299 -38.39 -7.31 7.91
CA GLN C 299 -39.38 -8.28 7.45
C GLN C 299 -39.07 -9.64 8.06
N PHE C 300 -40.11 -10.35 8.50
CA PHE C 300 -39.94 -11.52 9.34
C PHE C 300 -39.97 -12.82 8.51
N LYS C 301 -39.00 -13.69 8.77
CA LYS C 301 -38.92 -15.00 8.14
C LYS C 301 -38.74 -16.08 9.19
N GLU C 302 -39.16 -17.30 8.83
CA GLU C 302 -38.83 -18.48 9.61
C GLU C 302 -37.81 -19.31 8.82
N PHE C 303 -36.67 -19.57 9.44
CA PHE C 303 -35.61 -20.36 8.80
C PHE C 303 -35.65 -21.78 9.36
N SER C 304 -35.89 -22.75 8.49
CA SER C 304 -36.03 -24.13 8.92
C SER C 304 -35.64 -25.07 7.78
N ILE C 305 -34.74 -26.00 8.10
CA ILE C 305 -34.38 -27.07 7.16
C ILE C 305 -34.74 -28.38 7.84
N ASP C 306 -35.73 -28.34 8.72
CA ASP C 306 -36.21 -29.51 9.43
C ASP C 306 -37.69 -29.29 9.72
N ILE C 307 -38.40 -30.40 9.96
CA ILE C 307 -39.84 -30.32 10.20
C ILE C 307 -40.13 -29.56 11.50
N SER C 308 -39.32 -29.76 12.53
CA SER C 308 -39.56 -29.15 13.84
C SER C 308 -38.59 -28.03 14.18
N ASN C 309 -37.35 -28.07 13.67
CA ASN C 309 -36.34 -27.08 14.02
C ASN C 309 -36.55 -25.82 13.18
N SER C 310 -37.46 -24.98 13.65
CA SER C 310 -37.71 -23.69 13.01
C SER C 310 -37.08 -22.57 13.83
N TYR C 311 -36.35 -21.70 13.14
CA TYR C 311 -35.66 -20.58 13.77
C TYR C 311 -36.27 -19.27 13.30
N ALA C 312 -36.66 -18.42 14.24
CA ALA C 312 -37.19 -17.12 13.90
C ALA C 312 -36.07 -16.21 13.41
N GLU C 313 -36.40 -15.30 12.50
CA GLU C 313 -35.44 -14.39 11.91
C GLU C 313 -36.10 -13.04 11.65
N MET C 314 -35.29 -12.00 11.57
CA MET C 314 -35.76 -10.65 11.27
C MET C 314 -34.72 -10.00 10.36
N LYS C 315 -35.04 -9.89 9.07
CA LYS C 315 -34.10 -9.38 8.07
C LYS C 315 -34.30 -7.88 7.92
N PHE C 316 -33.26 -7.11 8.24
CA PHE C 316 -33.26 -5.66 8.04
C PHE C 316 -32.50 -5.37 6.76
N TYR C 317 -33.23 -5.11 5.67
CA TYR C 317 -32.62 -4.87 4.37
C TYR C 317 -32.05 -3.45 4.35
N VAL C 318 -30.76 -3.33 4.63
CA VAL C 318 -30.08 -2.04 4.59
C VAL C 318 -29.79 -1.71 3.12
N ILE C 319 -30.45 -0.69 2.60
CA ILE C 319 -30.29 -0.27 1.21
C ILE C 319 -29.51 1.04 1.20
N ILE C 320 -28.35 1.04 0.57
CA ILE C 320 -27.44 2.18 0.57
C ILE C 320 -27.11 2.54 -0.86
N ARG C 321 -26.89 3.83 -1.11
CA ARG C 321 -26.60 4.34 -2.44
C ARG C 321 -25.29 5.14 -2.40
N ARG C 322 -24.39 4.83 -3.33
CA ARG C 322 -23.13 5.53 -3.42
C ARG C 322 -23.32 6.93 -3.97
N ARG C 323 -22.49 7.87 -3.50
CA ARG C 323 -22.51 9.24 -4.01
C ARG C 323 -21.50 9.35 -5.15
N PRO C 324 -21.94 9.55 -6.39
CA PRO C 324 -20.99 9.54 -7.51
C PRO C 324 -20.07 10.75 -7.57
N LEU C 325 -20.33 11.79 -6.77
CA LEU C 325 -19.50 12.99 -6.83
C LEU C 325 -18.07 12.73 -6.42
N PHE C 326 -17.80 11.62 -5.71
CA PHE C 326 -16.44 11.24 -5.39
C PHE C 326 -15.60 10.99 -6.63
N TYR C 327 -16.23 10.50 -7.70
CA TYR C 327 -15.50 9.94 -8.82
C TYR C 327 -15.57 10.75 -10.10
N ALA C 328 -16.35 11.84 -10.13
CA ALA C 328 -16.43 12.65 -11.34
C ALA C 328 -15.06 13.21 -11.71
N VAL C 329 -14.40 13.87 -10.75
CA VAL C 329 -13.08 14.43 -11.01
C VAL C 329 -12.05 13.33 -11.25
N SER C 330 -12.17 12.19 -10.56
CA SER C 330 -11.20 11.12 -10.68
C SER C 330 -11.32 10.34 -11.98
N LEU C 331 -12.49 10.37 -12.63
CA LEU C 331 -12.74 9.57 -13.82
C LEU C 331 -12.94 10.39 -15.08
N LEU C 332 -13.91 11.31 -15.09
CA LEU C 332 -14.23 12.01 -16.33
C LEU C 332 -13.14 13.02 -16.68
N LEU C 333 -12.57 13.68 -15.67
CA LEU C 333 -11.61 14.74 -15.94
C LEU C 333 -10.36 14.26 -16.69
N PRO C 334 -9.67 13.18 -16.28
CA PRO C 334 -8.51 12.75 -17.07
C PRO C 334 -8.86 12.32 -18.48
N SER C 335 -9.97 11.59 -18.66
CA SER C 335 -10.35 11.15 -19.99
C SER C 335 -10.69 12.34 -20.89
N ILE C 336 -11.44 13.30 -20.37
CA ILE C 336 -11.78 14.49 -21.15
C ILE C 336 -10.54 15.29 -21.48
N PHE C 337 -9.63 15.42 -20.51
CA PHE C 337 -8.39 16.17 -20.75
C PHE C 337 -7.54 15.52 -21.85
N LEU C 338 -7.41 14.20 -21.81
CA LEU C 338 -6.63 13.51 -22.82
C LEU C 338 -7.32 13.54 -24.18
N MET C 339 -8.65 13.46 -24.21
CA MET C 339 -9.37 13.62 -25.47
C MET C 339 -9.17 15.03 -26.05
N VAL C 340 -9.15 16.05 -25.18
CA VAL C 340 -8.93 17.42 -25.65
C VAL C 340 -7.53 17.57 -26.24
N VAL C 341 -6.52 17.04 -25.54
CA VAL C 341 -5.17 17.15 -26.08
C VAL C 341 -4.99 16.30 -27.33
N ASP C 342 -5.77 15.22 -27.50
CA ASP C 342 -5.74 14.51 -28.77
C ASP C 342 -6.21 15.38 -29.92
N ILE C 343 -7.30 16.12 -29.72
CA ILE C 343 -7.80 17.02 -30.75
C ILE C 343 -6.80 18.14 -30.99
N VAL C 344 -6.15 18.61 -29.93
CA VAL C 344 -5.14 19.65 -30.07
C VAL C 344 -3.96 19.15 -30.90
N GLY C 345 -3.51 17.93 -30.64
CA GLY C 345 -2.40 17.35 -31.40
C GLY C 345 -2.77 16.95 -32.81
N PHE C 346 -4.06 16.79 -33.09
CA PHE C 346 -4.50 16.58 -34.47
C PHE C 346 -4.06 17.71 -35.40
N CYS C 347 -3.88 18.92 -34.88
CA CYS C 347 -3.56 20.07 -35.73
C CYS C 347 -2.16 20.01 -36.30
N LEU C 348 -1.26 19.22 -35.72
CA LEU C 348 0.10 19.13 -36.25
C LEU C 348 0.07 18.62 -37.69
N PRO C 349 0.84 19.22 -38.60
CA PRO C 349 0.86 18.75 -39.98
C PRO C 349 1.37 17.32 -40.05
N PRO C 350 0.80 16.49 -40.92
CA PRO C 350 1.19 15.08 -40.95
C PRO C 350 2.65 14.86 -41.32
N ASP C 351 3.25 15.73 -42.12
CA ASP C 351 4.64 15.57 -42.52
C ASP C 351 5.62 16.25 -41.56
N SER C 352 5.13 16.80 -40.44
CA SER C 352 6.01 17.46 -39.48
C SER C 352 7.01 16.51 -38.85
N GLY C 353 6.72 15.21 -38.80
CA GLY C 353 7.59 14.25 -38.15
C GLY C 353 7.43 14.16 -36.65
N GLU C 354 6.50 14.90 -36.06
CA GLU C 354 6.24 14.87 -34.64
C GLU C 354 4.85 14.34 -34.28
N ARG C 355 3.98 14.20 -35.28
CA ARG C 355 2.60 13.81 -35.01
C ARG C 355 2.51 12.39 -34.46
N VAL C 356 3.28 11.46 -35.03
CA VAL C 356 3.23 10.08 -34.57
C VAL C 356 3.79 9.97 -33.16
N SER C 357 4.87 10.69 -32.87
CA SER C 357 5.43 10.71 -31.52
C SER C 357 4.43 11.27 -30.53
N PHE C 358 3.75 12.36 -30.90
CA PHE C 358 2.72 12.94 -30.05
C PHE C 358 1.63 11.93 -29.76
N LYS C 359 1.15 11.25 -30.81
CA LYS C 359 0.06 10.29 -30.64
C LYS C 359 0.47 9.12 -29.76
N ILE C 360 1.68 8.58 -29.97
CA ILE C 360 2.10 7.42 -29.18
C ILE C 360 2.37 7.82 -27.74
N THR C 361 2.90 9.03 -27.51
CA THR C 361 3.08 9.49 -26.14
C THR C 361 1.73 9.66 -25.45
N LEU C 362 0.75 10.19 -26.16
CA LEU C 362 -0.59 10.31 -25.59
C LEU C 362 -1.19 8.96 -25.27
N LEU C 363 -1.00 7.98 -26.15
CA LEU C 363 -1.50 6.63 -25.88
C LEU C 363 -0.82 6.01 -24.68
N LEU C 364 0.50 6.22 -24.53
CA LEU C 364 1.20 5.74 -23.34
C LEU C 364 0.66 6.40 -22.08
N GLY C 365 0.39 7.71 -22.14
CA GLY C 365 -0.20 8.38 -21.00
C GLY C 365 -1.57 7.83 -20.63
N TYR C 366 -2.41 7.57 -21.63
CA TYR C 366 -3.70 6.96 -21.36
C TYR C 366 -3.55 5.56 -20.77
N SER C 367 -2.57 4.79 -21.26
CA SER C 367 -2.36 3.45 -20.73
C SER C 367 -1.96 3.50 -19.26
N VAL C 368 -1.04 4.40 -18.90
CA VAL C 368 -0.65 4.48 -17.50
C VAL C 368 -1.80 5.00 -16.65
N PHE C 369 -2.61 5.93 -17.20
CA PHE C 369 -3.78 6.39 -16.46
C PHE C 369 -4.75 5.25 -16.19
N LEU C 370 -4.99 4.39 -17.19
CA LEU C 370 -5.91 3.28 -17.01
C LEU C 370 -5.37 2.28 -15.99
N ILE C 371 -4.10 1.91 -16.10
CA ILE C 371 -3.55 0.92 -15.18
C ILE C 371 -3.37 1.48 -13.78
N ILE C 372 -3.40 2.81 -13.62
CA ILE C 372 -3.39 3.38 -12.28
C ILE C 372 -4.80 3.46 -11.71
N VAL C 373 -5.77 3.90 -12.53
CA VAL C 373 -7.13 4.06 -12.05
C VAL C 373 -7.79 2.70 -11.82
N SER C 374 -7.25 1.63 -12.41
CA SER C 374 -7.80 0.30 -12.17
C SER C 374 -7.65 -0.14 -10.72
N ASP C 375 -6.78 0.51 -9.94
CA ASP C 375 -6.67 0.19 -8.53
C ASP C 375 -7.91 0.63 -7.76
N THR C 376 -8.54 1.73 -8.17
CA THR C 376 -9.75 2.20 -7.52
C THR C 376 -11.01 1.55 -8.07
N LEU C 377 -10.96 1.06 -9.30
CA LEU C 377 -12.12 0.40 -9.91
C LEU C 377 -12.29 -0.98 -9.30
N PRO C 378 -13.44 -1.30 -8.72
CA PRO C 378 -13.64 -2.61 -8.10
C PRO C 378 -13.89 -3.69 -9.15
N ALA C 379 -13.76 -4.94 -8.72
CA ALA C 379 -14.01 -6.09 -9.58
C ALA C 379 -14.72 -7.17 -8.77
N THR C 380 -15.80 -7.70 -9.34
CA THR C 380 -16.58 -8.75 -8.70
C THR C 380 -16.80 -9.87 -9.72
N ALA C 381 -17.65 -10.83 -9.33
CA ALA C 381 -17.97 -11.93 -10.23
C ALA C 381 -18.59 -11.47 -11.53
N ILE C 382 -19.21 -10.28 -11.54
CA ILE C 382 -19.68 -9.69 -12.78
C ILE C 382 -18.52 -9.37 -13.71
N GLY C 383 -17.38 -9.01 -13.15
CA GLY C 383 -16.24 -8.63 -13.98
C GLY C 383 -16.01 -7.14 -13.89
N THR C 384 -15.82 -6.50 -15.05
CA THR C 384 -15.67 -5.07 -15.08
C THR C 384 -17.04 -4.40 -14.92
N PRO C 385 -17.09 -3.20 -14.34
CA PRO C 385 -18.34 -2.46 -14.30
C PRO C 385 -18.73 -1.95 -15.68
N LEU C 386 -19.90 -1.31 -15.74
CA LEU C 386 -20.42 -0.85 -17.03
C LEU C 386 -19.56 0.24 -17.63
N ILE C 387 -18.94 1.08 -16.79
CA ILE C 387 -18.11 2.17 -17.27
C ILE C 387 -16.80 1.68 -17.88
N GLY C 388 -16.43 0.42 -17.67
CA GLY C 388 -15.31 -0.14 -18.39
C GLY C 388 -15.53 -0.13 -19.88
N VAL C 389 -16.79 -0.31 -20.31
CA VAL C 389 -17.11 -0.21 -21.73
C VAL C 389 -16.81 1.19 -22.25
N TYR C 390 -17.20 2.22 -21.49
CA TYR C 390 -16.91 3.59 -21.89
C TYR C 390 -15.42 3.86 -21.93
N PHE C 391 -14.67 3.34 -20.95
CA PHE C 391 -13.23 3.53 -20.95
C PHE C 391 -12.58 2.89 -22.16
N VAL C 392 -12.98 1.67 -22.49
CA VAL C 392 -12.37 1.01 -23.65
C VAL C 392 -12.85 1.65 -24.95
N VAL C 393 -14.04 2.26 -24.95
CA VAL C 393 -14.46 3.01 -26.13
C VAL C 393 -13.61 4.25 -26.33
N CYS C 394 -13.29 4.96 -25.25
CA CYS C 394 -12.38 6.10 -25.36
C CYS C 394 -11.00 5.65 -25.84
N MET C 395 -10.50 4.54 -25.30
CA MET C 395 -9.21 4.03 -25.75
C MET C 395 -9.26 3.63 -27.23
N ALA C 396 -10.38 3.05 -27.67
CA ALA C 396 -10.53 2.70 -29.07
C ALA C 396 -10.56 3.95 -29.95
N LEU C 397 -11.17 5.02 -29.48
CA LEU C 397 -11.14 6.27 -30.23
C LEU C 397 -9.72 6.80 -30.35
N LEU C 398 -8.94 6.71 -29.26
CA LEU C 398 -7.54 7.11 -29.34
C LEU C 398 -6.76 6.24 -30.33
N VAL C 399 -7.02 4.93 -30.34
CA VAL C 399 -6.35 4.04 -31.27
C VAL C 399 -6.73 4.35 -32.71
N ILE C 400 -8.01 4.71 -32.93
CA ILE C 400 -8.44 5.11 -34.26
C ILE C 400 -7.74 6.39 -34.69
N SER C 401 -7.57 7.32 -33.76
CA SER C 401 -6.79 8.53 -34.06
C SER C 401 -5.36 8.18 -34.46
N LEU C 402 -4.73 7.26 -33.71
CA LEU C 402 -3.36 6.85 -34.03
C LEU C 402 -3.29 6.19 -35.41
N ALA C 403 -4.26 5.33 -35.72
CA ALA C 403 -4.26 4.66 -37.01
C ALA C 403 -4.47 5.66 -38.16
N GLU C 404 -5.35 6.65 -37.97
CA GLU C 404 -5.53 7.68 -38.97
C GLU C 404 -4.25 8.48 -39.17
N THR C 405 -3.58 8.83 -38.08
CA THR C 405 -2.32 9.56 -38.17
C THR C 405 -1.28 8.75 -38.94
N ILE C 406 -1.17 7.46 -38.65
CA ILE C 406 -0.20 6.61 -39.34
C ILE C 406 -0.55 6.49 -40.82
N PHE C 407 -1.82 6.35 -41.15
CA PHE C 407 -2.22 6.27 -42.56
C PHE C 407 -1.88 7.54 -43.31
N ILE C 408 -2.18 8.70 -42.72
CA ILE C 408 -1.89 9.96 -43.39
C ILE C 408 -0.37 10.17 -43.51
N VAL C 409 0.39 9.72 -42.50
CA VAL C 409 1.85 9.77 -42.60
C VAL C 409 2.34 8.89 -43.75
N ARG C 410 1.73 7.71 -43.90
CA ARG C 410 2.08 6.84 -45.02
C ARG C 410 1.82 7.54 -46.35
N LEU C 411 0.71 8.26 -46.46
CA LEU C 411 0.38 8.94 -47.71
C LEU C 411 1.39 10.05 -48.02
N VAL C 412 1.66 10.91 -47.03
CA VAL C 412 2.42 12.13 -47.30
C VAL C 412 3.93 11.94 -47.21
N HIS C 413 4.41 10.81 -46.69
CA HIS C 413 5.84 10.62 -46.52
C HIS C 413 6.57 10.62 -47.85
N LYS C 414 7.47 11.57 -48.05
CA LYS C 414 8.21 11.67 -49.30
C LYS C 414 9.33 10.64 -49.33
N GLN C 415 9.32 9.78 -50.34
CA GLN C 415 10.36 8.77 -50.52
C GLN C 415 10.49 8.47 -52.01
N ASP C 416 11.64 7.91 -52.37
CA ASP C 416 12.05 7.84 -53.77
C ASP C 416 11.23 6.84 -54.60
N LEU C 417 10.46 5.96 -53.96
CA LEU C 417 9.66 5.01 -54.72
C LEU C 417 8.27 5.53 -55.06
N GLN C 418 7.96 6.77 -54.72
CA GLN C 418 6.63 7.32 -54.97
C GLN C 418 6.37 7.42 -56.47
N ARG C 419 5.19 6.97 -56.89
CA ARG C 419 4.72 7.11 -58.25
C ARG C 419 3.65 8.19 -58.32
N PRO C 420 3.40 8.75 -59.50
CA PRO C 420 2.40 9.82 -59.60
C PRO C 420 1.03 9.36 -59.12
N VAL C 421 0.28 10.30 -58.56
CA VAL C 421 -1.03 9.98 -57.97
C VAL C 421 -1.94 9.39 -59.02
N PRO C 422 -2.59 8.26 -58.77
CA PRO C 422 -3.48 7.68 -59.78
C PRO C 422 -4.64 8.60 -60.10
N ASP C 423 -5.15 8.46 -61.33
CA ASP C 423 -6.20 9.36 -61.80
C ASP C 423 -7.47 9.22 -60.95
N TRP C 424 -7.83 7.98 -60.59
CA TRP C 424 -9.05 7.78 -59.81
C TRP C 424 -8.96 8.45 -58.45
N LEU C 425 -7.85 8.25 -57.74
CA LEU C 425 -7.69 8.86 -56.42
C LEU C 425 -7.59 10.38 -56.52
N ARG C 426 -6.85 10.87 -57.51
CA ARG C 426 -6.73 12.31 -57.72
C ARG C 426 -8.10 12.94 -57.92
N HIS C 427 -8.87 12.41 -58.87
CA HIS C 427 -10.21 12.93 -59.12
C HIS C 427 -11.07 12.84 -57.87
N LEU C 428 -11.18 11.64 -57.28
CA LEU C 428 -12.02 11.46 -56.09
C LEU C 428 -11.68 12.48 -55.01
N VAL C 429 -10.45 12.46 -54.50
CA VAL C 429 -10.11 13.34 -53.39
C VAL C 429 -10.25 14.78 -53.83
N LEU C 430 -9.42 15.22 -54.78
CA LEU C 430 -9.24 16.64 -55.04
C LEU C 430 -10.46 17.29 -55.70
N ASP C 431 -11.49 16.53 -56.07
CA ASP C 431 -12.75 17.17 -56.46
C ASP C 431 -13.85 16.89 -55.47
N ARG C 432 -14.19 15.63 -55.20
CA ARG C 432 -15.33 15.34 -54.35
C ARG C 432 -15.10 15.77 -52.91
N ILE C 433 -13.95 15.39 -52.33
CA ILE C 433 -13.72 15.69 -50.92
C ILE C 433 -13.47 17.18 -50.74
N ALA C 434 -12.81 17.81 -51.71
CA ALA C 434 -12.62 19.25 -51.67
C ALA C 434 -13.95 19.99 -51.74
N TRP C 435 -14.86 19.52 -52.59
CA TRP C 435 -16.19 20.13 -52.68
C TRP C 435 -16.96 19.94 -51.37
N ILE C 436 -16.85 18.75 -50.77
CA ILE C 436 -17.52 18.50 -49.50
C ILE C 436 -16.99 19.41 -48.42
N LEU C 437 -15.67 19.61 -48.38
CA LEU C 437 -15.05 20.50 -47.40
C LEU C 437 -15.31 21.95 -47.76
N LEU C 501 32.37 19.64 -83.66
CA LEU C 501 32.12 20.97 -83.11
C LEU C 501 32.01 20.91 -81.59
N ALA C 502 32.80 21.75 -80.91
CA ALA C 502 32.80 21.75 -79.45
C ALA C 502 31.49 22.30 -78.89
N VAL C 503 30.77 23.10 -79.67
CA VAL C 503 29.49 23.62 -79.22
C VAL C 503 28.49 22.49 -79.02
N ARG C 504 28.52 21.47 -79.88
CA ARG C 504 27.68 20.31 -79.68
C ARG C 504 28.02 19.59 -78.39
N GLY C 505 29.31 19.51 -78.06
CA GLY C 505 29.70 18.95 -76.77
C GLY C 505 29.19 19.79 -75.61
N LEU C 506 29.17 21.11 -75.79
CA LEU C 506 28.60 21.99 -74.77
C LEU C 506 27.10 21.73 -74.60
N LEU C 507 26.40 21.46 -75.69
CA LEU C 507 24.97 21.18 -75.61
C LEU C 507 24.69 19.91 -74.83
N GLN C 508 25.52 18.88 -75.02
CA GLN C 508 25.27 17.60 -74.36
C GLN C 508 25.37 17.71 -72.85
N GLU C 509 26.38 18.44 -72.36
CA GLU C 509 26.54 18.60 -70.92
C GLU C 509 25.37 19.36 -70.31
N LEU C 510 24.95 20.43 -70.99
CA LEU C 510 23.79 21.20 -70.52
C LEU C 510 22.54 20.33 -70.51
N SER C 511 22.36 19.50 -71.54
CA SER C 511 21.21 18.61 -71.59
C SER C 511 21.24 17.61 -70.44
N SER C 512 22.41 17.07 -70.12
CA SER C 512 22.52 16.13 -69.01
C SER C 512 22.20 16.81 -67.67
N ILE C 513 22.71 18.02 -67.46
CA ILE C 513 22.42 18.75 -66.23
C ILE C 513 20.93 19.04 -66.12
N ARG C 514 20.33 19.47 -67.24
CA ARG C 514 18.90 19.74 -67.26
C ARG C 514 18.11 18.48 -66.97
N HIS C 515 18.57 17.33 -67.47
CA HIS C 515 17.88 16.07 -67.21
C HIS C 515 17.94 15.70 -65.74
N PHE C 516 19.11 15.90 -65.11
CA PHE C 516 19.21 15.64 -63.68
C PHE C 516 18.25 16.53 -62.89
N LEU C 517 18.24 17.83 -63.20
CA LEU C 517 17.36 18.74 -62.48
C LEU C 517 15.89 18.42 -62.77
N GLU C 518 15.59 17.97 -63.99
CA GLU C 518 14.22 17.62 -64.35
C GLU C 518 13.75 16.40 -63.56
N LYS C 519 14.62 15.40 -63.41
CA LYS C 519 14.28 14.24 -62.58
C LYS C 519 14.01 14.67 -61.15
N ARG C 520 14.88 15.53 -60.60
CA ARG C 520 14.69 15.99 -59.23
C ARG C 520 13.37 16.74 -59.09
N ASP C 521 13.05 17.62 -60.04
CA ASP C 521 11.82 18.38 -60.01
C ASP C 521 10.59 17.49 -60.16
N GLU C 522 10.66 16.48 -61.01
CA GLU C 522 9.54 15.55 -61.17
C GLU C 522 9.27 14.80 -59.87
N MET C 523 10.35 14.35 -59.21
CA MET C 523 10.16 13.70 -57.92
C MET C 523 9.55 14.66 -56.90
N ARG C 524 10.02 15.91 -56.89
CA ARG C 524 9.48 16.89 -55.96
C ARG C 524 8.00 17.14 -56.21
N GLU C 525 7.60 17.24 -57.48
CA GLU C 525 6.21 17.51 -57.80
C GLU C 525 5.31 16.32 -57.49
N VAL C 526 5.79 15.10 -57.72
CA VAL C 526 5.01 13.92 -57.32
C VAL C 526 4.81 13.90 -55.82
N ALA C 527 5.89 14.20 -55.07
CA ALA C 527 5.76 14.27 -53.62
C ALA C 527 4.77 15.34 -53.20
N ARG C 528 4.78 16.49 -53.90
CA ARG C 528 3.85 17.56 -53.57
C ARG C 528 2.40 17.15 -53.82
N ASP C 529 2.15 16.44 -54.92
CA ASP C 529 0.79 15.97 -55.21
C ASP C 529 0.32 15.00 -54.13
N TRP C 530 1.19 14.05 -53.75
CA TRP C 530 0.81 13.12 -52.68
C TRP C 530 0.58 13.85 -51.37
N LEU C 531 1.39 14.88 -51.09
CA LEU C 531 1.22 15.66 -49.88
C LEU C 531 -0.11 16.41 -49.88
N ARG C 532 -0.51 16.94 -51.04
CA ARG C 532 -1.80 17.60 -51.14
C ARG C 532 -2.95 16.64 -50.88
N VAL C 533 -2.87 15.44 -51.47
CA VAL C 533 -3.91 14.43 -51.25
C VAL C 533 -3.99 14.07 -49.77
N GLY C 534 -2.82 13.85 -49.15
CA GLY C 534 -2.79 13.53 -47.74
C GLY C 534 -3.32 14.65 -46.86
N TYR C 535 -3.04 15.90 -47.20
CA TYR C 535 -3.57 17.03 -46.43
C TYR C 535 -5.09 17.09 -46.51
N VAL C 536 -5.64 16.92 -47.71
CA VAL C 536 -7.10 16.96 -47.85
C VAL C 536 -7.74 15.82 -47.06
N LEU C 537 -7.18 14.61 -47.18
CA LEU C 537 -7.73 13.48 -46.43
C LEU C 537 -7.58 13.69 -44.94
N ASP C 538 -6.47 14.30 -44.50
CA ASP C 538 -6.28 14.57 -43.07
C ASP C 538 -7.33 15.53 -42.56
N ARG C 539 -7.63 16.58 -43.32
CA ARG C 539 -8.68 17.52 -42.91
C ARG C 539 -10.03 16.81 -42.81
N LEU C 540 -10.37 16.00 -43.82
CA LEU C 540 -11.65 15.31 -43.80
C LEU C 540 -11.75 14.36 -42.60
N LEU C 541 -10.70 13.58 -42.35
CA LEU C 541 -10.73 12.63 -41.25
C LEU C 541 -10.70 13.32 -39.90
N PHE C 542 -10.03 14.48 -39.81
CA PHE C 542 -10.08 15.25 -38.57
C PHE C 542 -11.49 15.73 -38.28
N ARG C 543 -12.20 16.21 -39.31
CA ARG C 543 -13.58 16.64 -39.09
C ARG C 543 -14.46 15.47 -38.70
N ILE C 544 -14.27 14.31 -39.33
CA ILE C 544 -15.06 13.13 -38.99
C ILE C 544 -14.80 12.71 -37.55
N TYR C 545 -13.53 12.70 -37.14
CA TYR C 545 -13.17 12.32 -35.78
C TYR C 545 -13.74 13.31 -34.76
N LEU C 546 -13.70 14.60 -35.09
CA LEU C 546 -14.28 15.60 -34.21
C LEU C 546 -15.79 15.39 -34.06
N LEU C 547 -16.48 15.08 -35.16
CA LEU C 547 -17.91 14.80 -35.07
C LEU C 547 -18.17 13.55 -34.23
N ALA C 548 -17.35 12.51 -34.39
CA ALA C 548 -17.52 11.29 -33.60
C ALA C 548 -17.30 11.57 -32.11
N VAL C 549 -16.27 12.35 -31.78
CA VAL C 549 -16.01 12.70 -30.38
C VAL C 549 -17.18 13.49 -29.81
N LEU C 550 -17.70 14.45 -30.57
CA LEU C 550 -18.82 15.26 -30.11
C LEU C 550 -20.05 14.39 -29.89
N ALA C 551 -20.30 13.44 -30.79
CA ALA C 551 -21.42 12.52 -30.63
C ALA C 551 -21.27 11.65 -29.39
N TYR C 552 -20.07 11.12 -29.15
CA TYR C 552 -19.83 10.33 -27.94
C TYR C 552 -20.05 11.16 -26.69
N SER C 553 -19.56 12.40 -26.69
CA SER C 553 -19.72 13.27 -25.53
C SER C 553 -21.20 13.54 -25.25
N ILE C 554 -21.97 13.84 -26.30
CA ILE C 554 -23.38 14.15 -26.07
C ILE C 554 -24.16 12.88 -25.70
N THR C 555 -23.73 11.72 -26.19
CA THR C 555 -24.35 10.47 -25.76
C THR C 555 -24.13 10.24 -24.27
N LEU C 556 -22.90 10.45 -23.81
CA LEU C 556 -22.62 10.32 -22.38
C LEU C 556 -23.41 11.33 -21.57
N VAL C 557 -23.50 12.56 -22.07
CA VAL C 557 -24.23 13.61 -21.34
C VAL C 557 -25.71 13.27 -21.25
N THR C 558 -26.30 12.78 -22.34
CA THR C 558 -27.73 12.44 -22.31
C THR C 558 -27.99 11.17 -21.53
N LEU C 559 -27.00 10.29 -21.39
CA LEU C 559 -27.16 9.14 -20.51
C LEU C 559 -27.09 9.57 -19.04
N TRP C 560 -26.23 10.52 -18.74
CA TRP C 560 -26.16 11.04 -17.37
C TRP C 560 -27.40 11.85 -17.01
N SER C 561 -27.95 12.59 -17.98
CA SER C 561 -29.08 13.47 -17.69
C SER C 561 -30.31 12.67 -17.28
N ILE C 562 -30.60 11.57 -17.98
CA ILE C 562 -31.76 10.75 -17.63
C ILE C 562 -31.59 10.05 -16.30
N TRP C 563 -30.35 9.92 -15.81
CA TRP C 563 -30.13 9.38 -14.48
C TRP C 563 -30.33 10.45 -13.41
N HIS C 564 -29.93 11.68 -13.70
CA HIS C 564 -30.00 12.77 -12.74
C HIS C 564 -31.45 13.22 -12.52
N THR D 112 -6.74 -1.52 66.78
CA THR D 112 -6.09 -2.80 66.60
C THR D 112 -5.69 -3.01 65.14
N GLN D 113 -6.68 -3.28 64.31
CA GLN D 113 -6.44 -3.51 62.89
C GLN D 113 -6.05 -2.20 62.20
N PRO D 114 -5.38 -2.28 61.05
CA PRO D 114 -5.07 -1.06 60.29
C PRO D 114 -6.33 -0.31 59.90
N ALA D 115 -6.21 1.03 59.84
CA ALA D 115 -7.37 1.87 59.56
C ALA D 115 -7.96 1.59 58.19
N LEU D 116 -7.11 1.41 57.18
CA LEU D 116 -7.60 1.18 55.83
C LEU D 116 -8.33 -0.16 55.72
N LEU D 117 -7.83 -1.20 56.38
CA LEU D 117 -8.51 -2.50 56.34
C LEU D 117 -9.89 -2.40 56.99
N ARG D 118 -9.98 -1.75 58.14
CA ARG D 118 -11.27 -1.59 58.81
C ARG D 118 -12.22 -0.75 57.96
N LEU D 119 -11.71 0.30 57.32
CA LEU D 119 -12.55 1.14 56.49
C LEU D 119 -13.08 0.37 55.29
N SER D 120 -12.22 -0.43 54.64
CA SER D 120 -12.68 -1.24 53.51
C SER D 120 -13.68 -2.30 53.94
N ASP D 121 -13.48 -2.90 55.12
CA ASP D 121 -14.47 -3.84 55.64
C ASP D 121 -15.80 -3.15 55.90
N HIS D 122 -15.75 -1.93 56.44
CA HIS D 122 -16.98 -1.19 56.72
C HIS D 122 -17.71 -0.82 55.43
N LEU D 123 -16.97 -0.43 54.39
CA LEU D 123 -17.60 0.06 53.18
C LEU D 123 -18.07 -1.09 52.28
N LEU D 124 -17.13 -1.94 51.85
CA LEU D 124 -17.41 -2.89 50.78
C LEU D 124 -18.16 -4.14 51.23
N ALA D 125 -18.26 -4.38 52.54
CA ALA D 125 -19.08 -5.49 53.01
C ALA D 125 -20.55 -5.14 52.84
N ASN D 126 -21.36 -6.15 52.54
CA ASN D 126 -22.81 -6.02 52.28
C ASN D 126 -23.13 -4.81 51.41
N TYR D 127 -22.25 -4.54 50.45
CA TYR D 127 -22.44 -3.46 49.49
C TYR D 127 -22.74 -4.07 48.13
N LYS D 128 -23.80 -3.57 47.49
CA LYS D 128 -24.27 -4.10 46.21
C LYS D 128 -23.78 -3.18 45.10
N LYS D 129 -22.93 -3.71 44.23
CA LYS D 129 -22.35 -2.91 43.15
C LYS D 129 -23.27 -2.78 41.96
N GLY D 130 -24.40 -3.50 41.93
CA GLY D 130 -25.34 -3.37 40.84
C GLY D 130 -26.48 -2.40 41.07
N VAL D 131 -26.45 -1.69 42.19
CA VAL D 131 -27.52 -0.77 42.58
C VAL D 131 -27.03 0.66 42.37
N ARG D 132 -27.86 1.48 41.75
CA ARG D 132 -27.53 2.90 41.64
C ARG D 132 -27.50 3.50 43.03
N PRO D 133 -26.42 4.13 43.44
CA PRO D 133 -26.21 4.49 44.85
C PRO D 133 -26.96 5.74 45.30
N VAL D 134 -28.26 5.59 45.50
CA VAL D 134 -29.09 6.65 46.06
C VAL D 134 -30.03 6.04 47.09
N ARG D 135 -30.07 6.66 48.27
CA ARG D 135 -31.02 6.24 49.28
C ARG D 135 -32.46 6.53 48.84
N ASP D 136 -32.67 7.67 48.19
CA ASP D 136 -33.94 7.99 47.56
C ASP D 136 -33.79 7.84 46.05
N TRP D 137 -34.58 6.94 45.47
CA TRP D 137 -34.42 6.64 44.05
C TRP D 137 -34.90 7.77 43.15
N ARG D 138 -35.56 8.79 43.71
CA ARG D 138 -36.07 9.87 42.89
C ARG D 138 -35.00 10.88 42.51
N LYS D 139 -33.85 10.86 43.18
CA LYS D 139 -32.83 11.84 42.83
C LYS D 139 -31.79 11.20 41.91
N PRO D 140 -31.33 11.90 40.87
CA PRO D 140 -30.34 11.31 39.98
C PRO D 140 -28.92 11.45 40.52
N THR D 141 -28.03 10.62 40.00
CA THR D 141 -26.61 10.73 40.33
C THR D 141 -25.94 11.65 39.31
N THR D 142 -25.47 12.80 39.76
CA THR D 142 -24.89 13.81 38.89
C THR D 142 -23.41 13.48 38.68
N VAL D 143 -23.07 13.01 37.49
CA VAL D 143 -21.70 12.63 37.16
C VAL D 143 -21.03 13.84 36.50
N SER D 144 -20.16 14.52 37.24
CA SER D 144 -19.45 15.69 36.72
C SER D 144 -18.30 15.20 35.84
N ILE D 145 -18.23 15.73 34.64
CA ILE D 145 -17.33 15.21 33.62
C ILE D 145 -16.27 16.26 33.27
N ASP D 146 -15.04 15.80 33.12
CA ASP D 146 -13.95 16.67 32.68
C ASP D 146 -13.12 15.91 31.63
N VAL D 147 -12.71 16.63 30.60
CA VAL D 147 -11.96 16.05 29.49
C VAL D 147 -10.88 17.03 29.06
N ILE D 148 -9.65 16.55 28.93
CA ILE D 148 -8.55 17.29 28.35
C ILE D 148 -7.87 16.41 27.31
N MET D 149 -7.48 17.00 26.19
CA MET D 149 -6.97 16.23 25.06
C MET D 149 -5.47 16.06 25.18
N TYR D 150 -4.99 14.83 25.03
CA TYR D 150 -3.55 14.58 25.06
C TYR D 150 -2.94 14.67 23.67
N ALA D 151 -3.56 14.04 22.68
CA ALA D 151 -3.01 14.05 21.33
C ALA D 151 -4.11 13.72 20.34
N ILE D 152 -3.87 14.07 19.08
CA ILE D 152 -4.73 13.71 17.97
C ILE D 152 -3.96 12.70 17.12
N LEU D 153 -4.29 11.42 17.29
CA LEU D 153 -3.50 10.36 16.68
C LEU D 153 -3.70 10.27 15.17
N ASN D 154 -4.93 10.43 14.69
CA ASN D 154 -5.20 10.28 13.27
C ASN D 154 -6.54 10.89 12.88
N VAL D 155 -6.54 11.70 11.83
CA VAL D 155 -7.76 12.21 11.22
C VAL D 155 -7.84 11.61 9.83
N ASP D 156 -8.82 10.73 9.62
CA ASP D 156 -8.96 9.96 8.38
C ASP D 156 -10.17 10.51 7.63
N GLU D 157 -9.91 11.38 6.66
CA GLU D 157 -11.00 12.00 5.90
C GLU D 157 -11.69 11.05 4.94
N LYS D 158 -11.09 9.90 4.63
CA LYS D 158 -11.74 8.95 3.75
C LYS D 158 -12.93 8.29 4.44
N ASN D 159 -12.68 7.61 5.56
CA ASN D 159 -13.75 6.99 6.33
C ASN D 159 -14.40 7.95 7.31
N GLN D 160 -13.83 9.14 7.48
CA GLN D 160 -14.40 10.19 8.33
C GLN D 160 -14.51 9.73 9.78
N VAL D 161 -13.39 9.28 10.33
CA VAL D 161 -13.28 8.93 11.75
C VAL D 161 -12.09 9.69 12.33
N LEU D 162 -12.23 10.12 13.58
CA LEU D 162 -11.19 10.86 14.27
C LEU D 162 -10.66 10.04 15.44
N THR D 163 -9.34 9.84 15.47
CA THR D 163 -8.68 9.08 16.53
C THR D 163 -7.98 10.05 17.46
N THR D 164 -8.34 10.02 18.73
CA THR D 164 -7.80 10.94 19.72
C THR D 164 -7.53 10.21 21.03
N TYR D 165 -6.57 10.73 21.79
CA TYR D 165 -6.27 10.24 23.13
C TYR D 165 -6.56 11.37 24.12
N ILE D 166 -7.43 11.11 25.08
CA ILE D 166 -7.86 12.13 26.03
C ILE D 166 -7.62 11.62 27.45
N TRP D 167 -7.27 12.55 28.34
CA TRP D 167 -7.31 12.30 29.78
C TRP D 167 -8.69 12.69 30.28
N TYR D 168 -9.38 11.73 30.90
CA TYR D 168 -10.78 11.90 31.25
C TYR D 168 -10.99 11.53 32.72
N ARG D 169 -11.73 12.37 33.42
CA ARG D 169 -12.01 12.14 34.83
C ARG D 169 -13.46 12.50 35.12
N GLN D 170 -14.04 11.80 36.09
CA GLN D 170 -15.42 12.05 36.50
C GLN D 170 -15.53 11.78 37.99
N TYR D 171 -16.53 12.41 38.61
CA TYR D 171 -16.83 12.15 40.02
C TYR D 171 -18.31 12.25 40.26
N TRP D 172 -18.81 11.35 41.09
CA TRP D 172 -20.22 11.28 41.43
C TRP D 172 -20.35 10.96 42.91
N THR D 173 -21.50 11.30 43.49
CA THR D 173 -21.72 11.11 44.91
C THR D 173 -22.24 9.70 45.18
N ASP D 174 -21.47 8.92 45.93
CA ASP D 174 -21.85 7.57 46.33
C ASP D 174 -22.39 7.61 47.76
N GLU D 175 -23.71 7.53 47.90
CA GLU D 175 -24.34 7.68 49.19
C GLU D 175 -24.17 6.46 50.10
N PHE D 176 -23.61 5.37 49.59
CA PHE D 176 -23.34 4.19 50.41
C PHE D 176 -21.90 4.14 50.91
N LEU D 177 -20.95 4.72 50.18
CA LEU D 177 -19.58 4.77 50.65
C LEU D 177 -19.32 6.04 51.45
N GLN D 178 -19.97 6.18 52.60
CA GLN D 178 -19.80 7.32 53.47
C GLN D 178 -19.40 6.85 54.87
N TRP D 179 -18.51 7.61 55.50
CA TRP D 179 -18.05 7.29 56.84
C TRP D 179 -17.58 8.57 57.51
N THR D 180 -17.46 8.51 58.84
CA THR D 180 -16.89 9.61 59.59
C THR D 180 -15.39 9.37 59.79
N PRO D 181 -14.53 10.34 59.48
CA PRO D 181 -13.08 10.09 59.61
C PRO D 181 -12.64 9.75 61.01
N GLU D 182 -13.28 10.29 62.03
CA GLU D 182 -12.81 10.12 63.41
C GLU D 182 -12.83 8.67 63.87
N ASP D 183 -13.65 7.81 63.26
CA ASP D 183 -13.70 6.42 63.65
C ASP D 183 -12.61 5.57 63.03
N PHE D 184 -11.93 6.08 62.00
CA PHE D 184 -10.97 5.30 61.22
C PHE D 184 -9.64 6.01 61.14
N ASP D 185 -9.13 6.48 62.28
CA ASP D 185 -7.81 7.12 62.37
C ASP D 185 -7.72 8.34 61.46
N ASN D 186 -8.80 9.12 61.41
CA ASN D 186 -8.83 10.39 60.70
C ASN D 186 -8.51 10.23 59.21
N VAL D 187 -8.90 9.10 58.62
CA VAL D 187 -8.70 8.91 57.19
C VAL D 187 -9.82 9.63 56.45
N THR D 188 -9.46 10.45 55.46
CA THR D 188 -10.44 11.22 54.72
C THR D 188 -10.70 10.67 53.33
N LYS D 189 -9.78 9.89 52.77
CA LYS D 189 -9.98 9.29 51.45
C LYS D 189 -9.16 8.01 51.37
N LEU D 190 -9.60 7.12 50.48
CA LEU D 190 -8.89 5.88 50.22
C LEU D 190 -9.20 5.42 48.81
N SER D 191 -8.31 4.58 48.27
CA SER D 191 -8.49 4.04 46.94
C SER D 191 -9.23 2.71 47.00
N ILE D 192 -10.29 2.60 46.21
CA ILE D 192 -11.13 1.40 46.18
C ILE D 192 -11.14 0.87 44.76
N PRO D 193 -11.07 -0.45 44.56
CA PRO D 193 -11.07 -0.99 43.19
C PRO D 193 -12.33 -0.61 42.44
N THR D 194 -12.17 -0.35 41.14
CA THR D 194 -13.31 0.04 40.30
C THR D 194 -14.33 -1.10 40.19
N ASP D 195 -13.88 -2.35 40.28
CA ASP D 195 -14.77 -3.49 40.12
C ASP D 195 -15.69 -3.68 41.32
N SER D 196 -15.36 -3.08 42.46
CA SER D 196 -16.12 -3.33 43.68
C SER D 196 -17.24 -2.33 43.92
N ILE D 197 -17.39 -1.31 43.07
CA ILE D 197 -18.36 -0.26 43.28
C ILE D 197 -19.12 0.00 41.99
N TRP D 198 -20.27 0.66 42.13
CA TRP D 198 -21.08 1.02 40.97
C TRP D 198 -20.40 2.14 40.19
N VAL D 199 -20.29 1.94 38.88
CA VAL D 199 -19.66 2.93 38.00
C VAL D 199 -20.63 3.26 36.88
N PRO D 200 -20.89 4.53 36.62
CA PRO D 200 -21.84 4.89 35.56
C PRO D 200 -21.33 4.50 34.19
N ASP D 201 -22.27 4.19 33.29
CA ASP D 201 -21.95 3.81 31.92
C ASP D 201 -21.84 5.00 30.99
N ILE D 202 -20.92 5.93 31.27
CA ILE D 202 -20.74 7.10 30.43
C ILE D 202 -19.85 6.73 29.25
N LEU D 203 -20.41 6.80 28.04
CA LEU D 203 -19.63 6.60 26.82
C LEU D 203 -20.09 7.62 25.79
N ILE D 204 -19.50 7.54 24.60
CA ILE D 204 -19.64 8.57 23.57
C ILE D 204 -20.55 8.06 22.47
N ASN D 205 -21.48 8.92 22.03
CA ASN D 205 -22.36 8.58 20.93
C ASN D 205 -21.59 8.37 19.64
N GLU D 206 -20.63 9.24 19.35
CA GLU D 206 -19.94 9.23 18.07
C GLU D 206 -18.99 8.05 17.92
N PHE D 207 -18.95 7.12 18.86
CA PHE D 207 -18.10 5.94 18.73
C PHE D 207 -18.46 5.17 17.47
N VAL D 208 -17.43 4.73 16.75
CA VAL D 208 -17.61 3.84 15.61
C VAL D 208 -16.64 2.68 15.76
N ASP D 209 -15.78 2.75 16.77
CA ASP D 209 -14.83 1.68 17.06
C ASP D 209 -14.33 1.88 18.47
N VAL D 210 -14.51 0.88 19.32
CA VAL D 210 -14.05 1.00 20.71
C VAL D 210 -12.53 1.05 20.71
N GLY D 211 -11.97 2.03 21.43
CA GLY D 211 -10.54 2.19 21.45
C GLY D 211 -9.85 1.24 22.40
N LYS D 212 -8.53 1.15 22.25
CA LYS D 212 -7.69 0.34 23.12
C LYS D 212 -7.03 1.26 24.12
N SER D 213 -7.55 1.29 25.35
CA SER D 213 -7.07 2.19 26.38
C SER D 213 -6.77 1.37 27.63
N PRO D 214 -5.77 1.76 28.42
CA PRO D 214 -5.47 1.03 29.65
C PRO D 214 -6.62 1.10 30.64
N ASN D 215 -6.77 0.04 31.42
CA ASN D 215 -7.79 0.00 32.46
C ASN D 215 -7.21 0.44 33.79
N ILE D 216 -7.83 1.45 34.40
CA ILE D 216 -7.43 1.96 35.70
C ILE D 216 -8.22 1.19 36.76
N PRO D 217 -7.57 0.39 37.60
CA PRO D 217 -8.31 -0.48 38.53
C PRO D 217 -8.81 0.22 39.78
N TYR D 218 -8.28 1.37 40.15
CA TYR D 218 -8.60 2.01 41.42
C TYR D 218 -9.28 3.35 41.19
N VAL D 219 -10.17 3.70 42.12
CA VAL D 219 -10.82 5.00 42.14
C VAL D 219 -10.72 5.55 43.56
N TYR D 220 -10.76 6.88 43.67
CA TYR D 220 -10.70 7.53 44.96
C TYR D 220 -12.10 7.74 45.53
N VAL D 221 -12.25 7.46 46.82
CA VAL D 221 -13.51 7.67 47.53
C VAL D 221 -13.24 8.57 48.73
N HIS D 222 -14.01 9.65 48.84
CA HIS D 222 -13.89 10.58 49.94
C HIS D 222 -14.87 10.21 51.05
N HIS D 223 -14.70 10.86 52.21
CA HIS D 223 -15.48 10.47 53.37
C HIS D 223 -16.94 10.90 53.25
N ARG D 224 -17.27 11.72 52.26
CA ARG D 224 -18.64 12.12 52.02
C ARG D 224 -19.25 11.47 50.78
N GLY D 225 -18.59 10.46 50.22
CA GLY D 225 -19.15 9.70 49.12
C GLY D 225 -18.66 10.10 47.74
N GLU D 226 -17.89 11.17 47.62
CA GLU D 226 -17.41 11.61 46.31
C GLU D 226 -16.44 10.59 45.73
N VAL D 227 -16.87 9.82 44.75
CA VAL D 227 -16.01 8.84 44.10
C VAL D 227 -15.42 9.47 42.84
N GLN D 228 -14.09 9.52 42.78
CA GLN D 228 -13.37 10.16 41.69
C GLN D 228 -12.72 9.09 40.83
N ASN D 229 -12.97 9.14 39.53
CA ASN D 229 -12.50 8.12 38.59
C ASN D 229 -11.64 8.79 37.53
N TYR D 230 -10.38 8.39 37.45
CA TYR D 230 -9.45 8.87 36.43
C TYR D 230 -9.16 7.74 35.46
N LYS D 231 -9.20 8.05 34.16
CA LYS D 231 -8.99 7.03 33.16
C LYS D 231 -8.59 7.64 31.82
N PRO D 232 -7.56 7.11 31.16
CA PRO D 232 -7.24 7.56 29.80
C PRO D 232 -8.10 6.83 28.79
N LEU D 233 -8.47 7.55 27.72
CA LEU D 233 -9.37 7.01 26.71
C LEU D 233 -8.78 7.26 25.33
N GLN D 234 -8.68 6.20 24.53
CA GLN D 234 -8.44 6.32 23.11
C GLN D 234 -9.79 6.27 22.40
N LEU D 235 -10.08 7.32 21.62
CA LEU D 235 -11.39 7.50 21.02
C LEU D 235 -11.28 7.43 19.51
N VAL D 236 -12.06 6.53 18.90
CA VAL D 236 -12.23 6.49 17.46
C VAL D 236 -13.67 6.88 17.17
N THR D 237 -13.90 8.16 16.86
CA THR D 237 -15.24 8.71 16.76
C THR D 237 -15.50 9.21 15.35
N ALA D 238 -16.75 9.08 14.91
CA ALA D 238 -17.15 9.64 13.62
C ALA D 238 -17.26 11.15 13.71
N CYS D 239 -16.98 11.81 12.58
CA CYS D 239 -17.06 13.26 12.53
C CYS D 239 -17.26 13.69 11.08
N SER D 240 -17.78 14.90 10.92
CA SER D 240 -17.96 15.50 9.60
C SER D 240 -16.71 16.29 9.26
N LEU D 241 -15.88 15.76 8.36
CA LEU D 241 -14.62 16.38 7.99
C LEU D 241 -14.82 17.11 6.66
N ASP D 242 -14.80 18.44 6.71
CA ASP D 242 -14.96 19.26 5.52
C ASP D 242 -13.57 19.60 5.00
N ILE D 243 -13.26 19.11 3.81
CA ILE D 243 -11.94 19.25 3.21
C ILE D 243 -11.94 20.33 2.14
N TYR D 244 -13.00 21.14 2.10
CA TYR D 244 -13.13 22.16 1.05
C TYR D 244 -11.92 23.09 1.02
N ASN D 245 -11.30 23.34 2.17
CA ASN D 245 -10.08 24.13 2.27
C ASN D 245 -8.87 23.28 2.67
N PHE D 246 -8.73 22.09 2.07
CA PHE D 246 -7.85 21.00 2.51
C PHE D 246 -6.52 21.45 3.11
N PRO D 247 -5.69 22.25 2.43
CA PRO D 247 -4.42 22.65 3.05
C PRO D 247 -4.60 23.48 4.30
N PHE D 248 -5.69 24.23 4.42
CA PHE D 248 -5.89 25.17 5.51
C PHE D 248 -7.21 24.93 6.25
N ASP D 249 -7.78 23.73 6.17
CA ASP D 249 -9.09 23.48 6.74
C ASP D 249 -9.04 23.45 8.27
N VAL D 250 -10.10 23.94 8.89
CA VAL D 250 -10.30 23.86 10.34
C VAL D 250 -11.47 22.93 10.58
N GLN D 251 -11.24 21.85 11.31
CA GLN D 251 -12.24 20.84 11.56
C GLN D 251 -12.97 21.11 12.88
N ASN D 252 -14.17 20.57 12.99
CA ASN D 252 -15.05 20.81 14.14
C ASN D 252 -15.69 19.46 14.48
N CYS D 253 -15.06 18.71 15.38
CA CYS D 253 -15.48 17.37 15.72
C CYS D 253 -16.03 17.36 17.14
N SER D 254 -17.17 16.68 17.33
CA SER D 254 -17.81 16.64 18.63
C SER D 254 -17.51 15.34 19.36
N LEU D 255 -17.55 15.40 20.69
CA LEU D 255 -17.42 14.23 21.55
C LEU D 255 -18.53 14.32 22.59
N THR D 256 -19.60 13.56 22.41
CA THR D 256 -20.79 13.64 23.24
C THR D 256 -20.74 12.53 24.29
N PHE D 257 -20.43 12.91 25.54
CA PHE D 257 -20.43 11.95 26.64
C PHE D 257 -21.83 11.87 27.24
N THR D 258 -22.35 10.65 27.37
CA THR D 258 -23.68 10.46 27.92
C THR D 258 -23.81 9.04 28.46
N SER D 259 -24.79 8.86 29.35
CA SER D 259 -25.13 7.53 29.82
C SER D 259 -25.97 6.82 28.76
N TRP D 260 -25.53 5.64 28.35
CA TRP D 260 -26.17 4.97 27.23
C TRP D 260 -27.59 4.51 27.58
N LEU D 261 -27.76 3.94 28.77
CA LEU D 261 -29.05 3.39 29.14
C LEU D 261 -29.86 4.35 30.01
N HIS D 262 -29.21 4.93 31.02
CA HIS D 262 -29.93 5.71 32.02
C HIS D 262 -30.48 7.00 31.43
N THR D 263 -31.70 7.34 31.82
CA THR D 263 -32.32 8.60 31.42
C THR D 263 -31.88 9.72 32.37
N ILE D 264 -32.36 10.93 32.09
CA ILE D 264 -31.98 12.08 32.90
C ILE D 264 -32.56 12.02 34.30
N GLN D 265 -33.58 11.18 34.51
CA GLN D 265 -34.10 10.99 35.86
C GLN D 265 -33.22 10.06 36.69
N ASP D 266 -32.27 9.37 36.06
CA ASP D 266 -31.37 8.46 36.74
C ASP D 266 -29.94 8.97 36.80
N ILE D 267 -29.38 9.37 35.65
CA ILE D 267 -28.00 9.85 35.57
C ILE D 267 -28.01 11.19 34.85
N ASN D 268 -27.38 12.19 35.46
CA ASN D 268 -27.22 13.50 34.85
C ASN D 268 -25.73 13.86 34.82
N ILE D 269 -25.37 14.73 33.87
CA ILE D 269 -23.98 15.04 33.58
C ILE D 269 -23.75 16.53 33.68
N THR D 270 -22.69 16.91 34.41
CA THR D 270 -22.26 18.30 34.51
C THR D 270 -20.77 18.39 34.21
N LEU D 271 -20.20 19.56 34.44
CA LEU D 271 -18.77 19.79 34.27
C LEU D 271 -18.06 19.87 35.61
N TRP D 272 -16.88 19.24 35.67
CA TRP D 272 -16.02 19.41 36.83
C TRP D 272 -15.51 20.85 36.92
N ARG D 273 -15.14 21.44 35.79
CA ARG D 273 -14.61 22.79 35.73
C ARG D 273 -15.50 23.65 34.84
N SER D 274 -15.42 24.96 35.05
CA SER D 274 -16.24 25.88 34.27
C SER D 274 -15.86 25.79 32.78
N PRO D 275 -16.83 26.03 31.89
CA PRO D 275 -16.54 25.84 30.45
C PRO D 275 -15.40 26.69 29.92
N GLU D 276 -15.16 27.87 30.49
CA GLU D 276 -14.03 28.68 30.05
C GLU D 276 -12.70 27.99 30.36
N GLU D 277 -12.57 27.38 31.54
CA GLU D 277 -11.36 26.66 31.89
C GLU D 277 -11.12 25.49 30.95
N VAL D 278 -12.18 24.76 30.61
CA VAL D 278 -12.06 23.65 29.66
C VAL D 278 -11.65 24.19 28.30
N ARG D 279 -12.22 25.32 27.90
CA ARG D 279 -11.90 25.90 26.60
C ARG D 279 -10.43 26.34 26.54
N SER D 280 -9.88 26.81 27.65
CA SER D 280 -8.52 27.34 27.65
C SER D 280 -7.46 26.28 27.80
N ASP D 281 -7.82 25.00 27.85
CA ASP D 281 -6.83 23.95 28.09
C ASP D 281 -6.10 23.57 26.81
N LYS D 282 -4.79 23.82 26.78
CA LYS D 282 -3.89 23.34 25.75
C LYS D 282 -2.56 22.89 26.35
N SER D 283 -2.60 22.38 27.58
CA SER D 283 -1.39 22.15 28.36
C SER D 283 -0.64 20.89 27.97
N ILE D 284 -1.26 19.72 28.14
CA ILE D 284 -0.56 18.47 27.87
C ILE D 284 -0.57 18.09 26.40
N PHE D 285 -1.31 18.81 25.57
CA PHE D 285 -1.52 18.42 24.18
C PHE D 285 -0.20 18.24 23.44
N ILE D 286 -0.01 17.05 22.87
CA ILE D 286 1.13 16.80 21.99
C ILE D 286 0.95 17.63 20.73
N ASN D 287 1.91 18.50 20.45
CA ASN D 287 1.71 19.56 19.46
C ASN D 287 2.60 19.45 18.23
N GLN D 288 3.51 18.48 18.18
CA GLN D 288 4.43 18.39 17.04
C GLN D 288 3.78 17.78 15.79
N GLY D 289 2.57 17.27 15.90
CA GLY D 289 1.94 16.55 14.81
C GLY D 289 1.38 17.47 13.75
N GLU D 290 0.62 16.87 12.83
CA GLU D 290 0.04 17.62 11.71
C GLU D 290 -1.11 18.51 12.14
N TRP D 291 -1.86 18.10 13.17
CA TRP D 291 -3.08 18.78 13.58
C TRP D 291 -2.82 19.59 14.84
N GLU D 292 -3.26 20.84 14.83
CA GLU D 292 -3.11 21.74 15.96
C GLU D 292 -4.47 21.92 16.64
N LEU D 293 -4.52 21.68 17.94
CA LEU D 293 -5.76 21.83 18.68
C LEU D 293 -6.00 23.30 19.01
N LEU D 294 -7.17 23.81 18.65
CA LEU D 294 -7.53 25.19 18.95
C LEU D 294 -8.23 25.31 20.30
N GLU D 295 -9.31 24.58 20.49
CA GLU D 295 -10.08 24.67 21.72
C GLU D 295 -10.94 23.42 21.88
N VAL D 296 -11.35 23.16 23.11
CA VAL D 296 -12.32 22.12 23.44
C VAL D 296 -13.49 22.81 24.13
N PHE D 297 -14.64 22.85 23.47
CA PHE D 297 -15.76 23.64 23.94
C PHE D 297 -16.87 22.74 24.46
N PRO D 298 -17.15 22.73 25.76
CA PRO D 298 -18.24 21.90 26.30
C PRO D 298 -19.58 22.62 26.23
N GLN D 299 -20.64 21.82 26.09
CA GLN D 299 -21.99 22.34 25.96
C GLN D 299 -22.98 21.27 26.35
N PHE D 300 -23.88 21.59 27.28
CA PHE D 300 -24.85 20.62 27.78
C PHE D 300 -26.12 20.63 26.93
N LYS D 301 -26.61 19.43 26.61
CA LYS D 301 -27.83 19.30 25.83
C LYS D 301 -28.63 18.11 26.33
N GLU D 302 -29.93 18.16 26.11
CA GLU D 302 -30.82 17.04 26.42
C GLU D 302 -31.26 16.39 25.12
N PHE D 303 -31.07 15.08 25.02
CA PHE D 303 -31.46 14.31 23.85
C PHE D 303 -32.70 13.49 24.19
N SER D 304 -33.79 13.76 23.47
CA SER D 304 -35.06 13.10 23.76
C SER D 304 -35.89 13.02 22.49
N ILE D 305 -36.36 11.82 22.17
CA ILE D 305 -37.28 11.60 21.07
C ILE D 305 -38.55 10.99 21.65
N ASP D 306 -38.79 11.28 22.94
CA ASP D 306 -39.97 10.82 23.63
C ASP D 306 -40.31 11.84 24.71
N ILE D 307 -41.57 11.83 25.14
CA ILE D 307 -42.03 12.82 26.11
C ILE D 307 -41.30 12.66 27.45
N SER D 308 -41.03 11.42 27.86
CA SER D 308 -40.39 11.14 29.15
C SER D 308 -38.94 10.72 29.04
N ASN D 309 -38.57 9.96 28.00
CA ASN D 309 -37.22 9.43 27.87
C ASN D 309 -36.26 10.53 27.42
N SER D 310 -35.83 11.33 28.39
CA SER D 310 -34.82 12.35 28.13
C SER D 310 -33.47 11.87 28.62
N TYR D 311 -32.46 12.02 27.77
CA TYR D 311 -31.10 11.58 28.07
C TYR D 311 -30.19 12.78 28.18
N ALA D 312 -29.43 12.85 29.26
CA ALA D 312 -28.45 13.92 29.42
C ALA D 312 -27.29 13.70 28.47
N GLU D 313 -26.72 14.79 27.96
CA GLU D 313 -25.60 14.76 27.04
C GLU D 313 -24.69 15.94 27.35
N MET D 314 -23.42 15.82 26.95
CA MET D 314 -22.45 16.89 27.12
C MET D 314 -21.50 16.84 25.93
N LYS D 315 -21.62 17.81 25.03
CA LYS D 315 -20.89 17.79 23.77
C LYS D 315 -19.60 18.60 23.93
N PHE D 316 -18.46 17.95 23.70
CA PHE D 316 -17.17 18.62 23.69
C PHE D 316 -16.76 18.85 22.24
N TYR D 317 -16.93 20.08 21.76
CA TYR D 317 -16.61 20.42 20.38
C TYR D 317 -15.11 20.57 20.24
N VAL D 318 -14.45 19.51 19.79
CA VAL D 318 -13.00 19.53 19.57
C VAL D 318 -12.75 20.21 18.22
N ILE D 319 -12.11 21.37 18.24
CA ILE D 319 -11.82 22.14 17.05
C ILE D 319 -10.33 22.06 16.79
N ILE D 320 -9.95 21.54 15.62
CA ILE D 320 -8.56 21.30 15.28
C ILE D 320 -8.26 21.97 13.95
N ARG D 321 -7.01 22.39 13.77
CA ARG D 321 -6.58 23.08 12.56
C ARG D 321 -5.37 22.36 11.97
N ARG D 322 -5.45 22.06 10.68
CA ARG D 322 -4.34 21.40 9.99
C ARG D 322 -3.20 22.39 9.77
N ARG D 323 -1.97 21.88 9.87
CA ARG D 323 -0.78 22.68 9.61
C ARG D 323 -0.43 22.58 8.14
N PRO D 324 -0.55 23.66 7.36
CA PRO D 324 -0.32 23.55 5.91
C PRO D 324 1.14 23.34 5.53
N LEU D 325 2.08 23.53 6.44
CA LEU D 325 3.50 23.40 6.09
C LEU D 325 3.86 21.99 5.67
N PHE D 326 3.04 20.99 6.01
CA PHE D 326 3.27 19.63 5.53
C PHE D 326 3.21 19.56 4.01
N TYR D 327 2.39 20.41 3.38
CA TYR D 327 2.03 20.22 1.99
C TYR D 327 2.59 21.27 1.05
N ALA D 328 3.27 22.30 1.56
CA ALA D 328 3.83 23.32 0.68
C ALA D 328 4.84 22.70 -0.29
N VAL D 329 5.82 21.98 0.23
CA VAL D 329 6.82 21.33 -0.61
C VAL D 329 6.20 20.24 -1.48
N SER D 330 5.22 19.51 -0.96
CA SER D 330 4.63 18.40 -1.70
C SER D 330 3.66 18.85 -2.78
N LEU D 331 3.19 20.10 -2.71
CA LEU D 331 2.14 20.56 -3.60
C LEU D 331 2.58 21.70 -4.52
N LEU D 332 3.10 22.79 -3.96
CA LEU D 332 3.45 23.94 -4.78
C LEU D 332 4.75 23.71 -5.56
N LEU D 333 5.72 23.04 -4.93
CA LEU D 333 7.04 22.90 -5.53
C LEU D 333 7.02 22.17 -6.87
N PRO D 334 6.38 21.00 -7.01
CA PRO D 334 6.35 20.36 -8.34
C PRO D 334 5.65 21.21 -9.39
N SER D 335 4.54 21.85 -9.04
CA SER D 335 3.81 22.67 -9.99
C SER D 335 4.65 23.87 -10.45
N ILE D 336 5.30 24.54 -9.50
CA ILE D 336 6.14 25.69 -9.85
C ILE D 336 7.34 25.23 -10.68
N PHE D 337 7.92 24.09 -10.34
CA PHE D 337 9.06 23.57 -11.09
C PHE D 337 8.68 23.26 -12.54
N LEU D 338 7.52 22.61 -12.73
CA LEU D 338 7.09 22.30 -14.09
C LEU D 338 6.69 23.55 -14.86
N MET D 339 6.08 24.53 -14.17
CA MET D 339 5.82 25.81 -14.83
C MET D 339 7.09 26.51 -15.26
N VAL D 340 8.14 26.45 -14.43
CA VAL D 340 9.42 27.07 -14.78
C VAL D 340 10.04 26.38 -15.98
N VAL D 341 10.05 25.04 -16.00
CA VAL D 341 10.60 24.35 -17.15
C VAL D 341 9.74 24.54 -18.39
N ASP D 342 8.46 24.83 -18.24
CA ASP D 342 7.64 25.18 -19.39
C ASP D 342 8.14 26.45 -20.05
N ILE D 343 8.40 27.49 -19.26
CA ILE D 343 8.93 28.73 -19.80
C ILE D 343 10.33 28.51 -20.37
N VAL D 344 11.13 27.66 -19.71
CA VAL D 344 12.48 27.38 -20.20
C VAL D 344 12.42 26.73 -21.57
N GLY D 345 11.55 25.73 -21.74
CA GLY D 345 11.41 25.07 -23.03
C GLY D 345 10.67 25.88 -24.07
N PHE D 346 9.96 26.93 -23.64
CA PHE D 346 9.30 27.82 -24.58
C PHE D 346 10.29 28.52 -25.50
N CYS D 347 11.56 28.64 -25.08
CA CYS D 347 12.56 29.37 -25.84
C CYS D 347 13.06 28.60 -27.07
N LEU D 348 12.78 27.31 -27.16
CA LEU D 348 13.23 26.54 -28.31
C LEU D 348 12.59 27.11 -29.58
N PRO D 349 13.34 27.24 -30.67
CA PRO D 349 12.76 27.77 -31.91
C PRO D 349 11.64 26.89 -32.40
N PRO D 350 10.55 27.48 -32.92
CA PRO D 350 9.40 26.67 -33.33
C PRO D 350 9.70 25.68 -34.44
N ASP D 351 10.68 25.97 -35.29
CA ASP D 351 11.02 25.06 -36.39
C ASP D 351 12.11 24.08 -36.03
N SER D 352 12.52 24.02 -34.75
CA SER D 352 13.57 23.10 -34.34
C SER D 352 13.16 21.64 -34.48
N GLY D 353 11.85 21.35 -34.45
CA GLY D 353 11.38 19.98 -34.49
C GLY D 353 11.42 19.26 -33.17
N GLU D 354 11.81 19.93 -32.09
CA GLU D 354 11.87 19.34 -30.77
C GLU D 354 10.91 19.99 -29.78
N ARG D 355 10.34 21.14 -30.14
CA ARG D 355 9.49 21.89 -29.21
C ARG D 355 8.23 21.11 -28.87
N VAL D 356 7.59 20.49 -29.86
CA VAL D 356 6.36 19.74 -29.60
C VAL D 356 6.65 18.52 -28.73
N SER D 357 7.77 17.84 -28.98
CA SER D 357 8.15 16.71 -28.14
C SER D 357 8.42 17.16 -26.70
N PHE D 358 9.10 18.30 -26.54
CA PHE D 358 9.34 18.85 -25.21
C PHE D 358 8.02 19.12 -24.50
N LYS D 359 7.09 19.77 -25.20
CA LYS D 359 5.81 20.14 -24.58
C LYS D 359 5.00 18.91 -24.20
N ILE D 360 4.95 17.90 -25.07
CA ILE D 360 4.16 16.72 -24.77
C ILE D 360 4.79 15.90 -23.65
N THR D 361 6.13 15.85 -23.61
CA THR D 361 6.80 15.18 -22.50
C THR D 361 6.51 15.89 -21.18
N LEU D 362 6.52 17.24 -21.19
CA LEU D 362 6.19 17.98 -19.99
C LEU D 362 4.74 17.73 -19.55
N LEU D 363 3.82 17.68 -20.51
CA LEU D 363 2.42 17.40 -20.17
C LEU D 363 2.27 15.99 -19.60
N LEU D 364 2.98 15.01 -20.15
CA LEU D 364 2.95 13.67 -19.59
C LEU D 364 3.49 13.66 -18.16
N GLY D 365 4.58 14.40 -17.91
CA GLY D 365 5.10 14.50 -16.56
C GLY D 365 4.11 15.12 -15.60
N TYR D 366 3.42 16.19 -16.04
CA TYR D 366 2.40 16.79 -15.18
C TYR D 366 1.24 15.82 -14.94
N SER D 367 0.86 15.05 -15.95
CA SER D 367 -0.22 14.08 -15.78
C SER D 367 0.15 13.02 -14.75
N VAL D 368 1.36 12.48 -14.84
CA VAL D 368 1.77 11.47 -13.85
C VAL D 368 1.89 12.10 -12.47
N PHE D 369 2.36 13.35 -12.38
CA PHE D 369 2.43 14.02 -11.09
C PHE D 369 1.03 14.17 -10.49
N LEU D 370 0.04 14.55 -11.31
CA LEU D 370 -1.31 14.72 -10.81
C LEU D 370 -1.90 13.39 -10.33
N ILE D 371 -1.76 12.35 -11.15
CA ILE D 371 -2.34 11.07 -10.78
C ILE D 371 -1.59 10.41 -9.62
N ILE D 372 -0.38 10.86 -9.32
CA ILE D 372 0.32 10.36 -8.14
C ILE D 372 -0.09 11.17 -6.90
N VAL D 373 -0.16 12.49 -7.03
CA VAL D 373 -0.48 13.34 -5.88
C VAL D 373 -1.96 13.18 -5.49
N SER D 374 -2.79 12.68 -6.40
CA SER D 374 -4.18 12.45 -6.06
C SER D 374 -4.36 11.39 -4.99
N ASP D 375 -3.33 10.58 -4.72
CA ASP D 375 -3.42 9.61 -3.63
C ASP D 375 -3.39 10.30 -2.27
N THR D 376 -2.67 11.42 -2.16
CA THR D 376 -2.64 12.18 -0.91
C THR D 376 -3.78 13.17 -0.79
N LEU D 377 -4.34 13.61 -1.92
CA LEU D 377 -5.46 14.52 -1.88
C LEU D 377 -6.73 13.78 -1.47
N PRO D 378 -7.39 14.17 -0.38
CA PRO D 378 -8.59 13.46 0.05
C PRO D 378 -9.79 13.81 -0.80
N ALA D 379 -10.85 13.02 -0.64
CA ALA D 379 -12.10 13.23 -1.35
C ALA D 379 -13.27 12.93 -0.42
N THR D 380 -14.25 13.83 -0.40
CA THR D 380 -15.45 13.67 0.42
C THR D 380 -16.67 13.94 -0.44
N ALA D 381 -17.82 14.01 0.21
CA ALA D 381 -19.08 14.28 -0.50
C ALA D 381 -19.05 15.62 -1.21
N ILE D 382 -18.23 16.56 -0.73
CA ILE D 382 -18.03 17.81 -1.46
C ILE D 382 -17.38 17.56 -2.81
N GLY D 383 -16.54 16.54 -2.91
CA GLY D 383 -15.84 16.28 -4.16
C GLY D 383 -14.38 16.63 -4.03
N THR D 384 -13.86 17.33 -5.03
CA THR D 384 -12.49 17.81 -4.96
C THR D 384 -12.39 19.02 -4.02
N PRO D 385 -11.25 19.21 -3.37
CA PRO D 385 -11.05 20.42 -2.58
C PRO D 385 -10.89 21.64 -3.48
N LEU D 386 -10.73 22.80 -2.85
CA LEU D 386 -10.67 24.05 -3.60
C LEU D 386 -9.40 24.13 -4.45
N ILE D 387 -8.29 23.57 -3.96
CA ILE D 387 -7.03 23.62 -4.70
C ILE D 387 -7.05 22.77 -5.96
N GLY D 388 -8.05 21.90 -6.10
CA GLY D 388 -8.22 21.22 -7.38
C GLY D 388 -8.49 22.19 -8.51
N VAL D 389 -9.19 23.28 -8.22
CA VAL D 389 -9.42 24.32 -9.22
C VAL D 389 -8.09 24.93 -9.66
N TYR D 390 -7.21 25.21 -8.70
CA TYR D 390 -5.90 25.75 -9.04
C TYR D 390 -5.07 24.75 -9.85
N PHE D 391 -5.13 23.46 -9.50
CA PHE D 391 -4.40 22.46 -10.25
C PHE D 391 -4.92 22.34 -11.69
N VAL D 392 -6.24 22.35 -11.87
CA VAL D 392 -6.75 22.26 -13.24
C VAL D 392 -6.48 23.55 -14.00
N VAL D 393 -6.37 24.69 -13.30
CA VAL D 393 -5.98 25.92 -13.97
C VAL D 393 -4.54 25.84 -14.46
N CYS D 394 -3.64 25.29 -13.64
CA CYS D 394 -2.26 25.09 -14.07
C CYS D 394 -2.18 24.14 -15.26
N MET D 395 -2.95 23.05 -15.21
CA MET D 395 -2.97 22.12 -16.33
C MET D 395 -3.52 22.79 -17.59
N ALA D 396 -4.53 23.65 -17.43
CA ALA D 396 -5.07 24.38 -18.56
C ALA D 396 -4.03 25.33 -19.15
N LEU D 397 -3.22 25.96 -18.29
CA LEU D 397 -2.15 26.82 -18.79
C LEU D 397 -1.14 26.02 -19.58
N LEU D 398 -0.79 24.83 -19.10
CA LEU D 398 0.12 23.97 -19.87
C LEU D 398 -0.49 23.56 -21.20
N VAL D 399 -1.79 23.25 -21.22
CA VAL D 399 -2.44 22.86 -22.46
C VAL D 399 -2.50 24.04 -23.43
N ILE D 400 -2.71 25.26 -22.91
CA ILE D 400 -2.70 26.44 -23.75
C ILE D 400 -1.31 26.66 -24.34
N SER D 401 -0.27 26.43 -23.55
CA SER D 401 1.09 26.51 -24.08
C SER D 401 1.31 25.50 -25.19
N LEU D 402 0.83 24.26 -24.99
CA LEU D 402 0.96 23.24 -26.02
C LEU D 402 0.22 23.62 -27.29
N ALA D 403 -0.99 24.16 -27.15
CA ALA D 403 -1.77 24.58 -28.31
C ALA D 403 -1.10 25.72 -29.06
N GLU D 404 -0.53 26.68 -28.33
CA GLU D 404 0.22 27.77 -28.97
C GLU D 404 1.42 27.21 -29.73
N THR D 405 2.14 26.26 -29.11
CA THR D 405 3.29 25.66 -29.78
C THR D 405 2.87 24.96 -31.05
N ILE D 406 1.76 24.22 -31.02
CA ILE D 406 1.28 23.52 -32.20
C ILE D 406 0.87 24.52 -33.29
N PHE D 407 0.21 25.61 -32.90
CA PHE D 407 -0.19 26.62 -33.89
C PHE D 407 1.02 27.26 -34.55
N ILE D 408 2.03 27.62 -33.76
CA ILE D 408 3.23 28.24 -34.33
C ILE D 408 3.99 27.25 -35.20
N VAL D 409 3.99 25.97 -34.81
CA VAL D 409 4.61 24.95 -35.66
C VAL D 409 3.86 24.83 -36.98
N ARG D 410 2.52 24.91 -36.93
CA ARG D 410 1.74 24.91 -38.16
C ARG D 410 2.12 26.08 -39.05
N LEU D 411 2.32 27.26 -38.47
CA LEU D 411 2.68 28.42 -39.27
C LEU D 411 4.05 28.26 -39.92
N VAL D 412 5.06 27.88 -39.14
CA VAL D 412 6.44 27.93 -39.63
C VAL D 412 6.87 26.68 -40.37
N HIS D 413 6.08 25.61 -40.34
CA HIS D 413 6.50 24.35 -40.96
C HIS D 413 6.65 24.51 -42.47
N LYS D 414 7.83 24.19 -42.98
CA LYS D 414 8.08 24.30 -44.41
C LYS D 414 7.51 23.09 -45.14
N GLN D 415 6.62 23.35 -46.09
CA GLN D 415 6.03 22.30 -46.91
C GLN D 415 5.67 22.88 -48.26
N ASP D 416 5.54 22.00 -49.26
CA ASP D 416 5.47 22.43 -50.65
C ASP D 416 4.16 23.09 -51.03
N LEU D 417 3.12 22.99 -50.19
CA LEU D 417 1.84 23.63 -50.52
C LEU D 417 1.75 25.06 -50.00
N GLN D 418 2.81 25.59 -49.42
CA GLN D 418 2.77 26.94 -48.87
C GLN D 418 2.60 27.97 -49.97
N ARG D 419 1.66 28.88 -49.77
CA ARG D 419 1.46 30.03 -50.64
C ARG D 419 2.03 31.29 -50.00
N PRO D 420 2.31 32.32 -50.79
CA PRO D 420 2.89 33.55 -50.20
C PRO D 420 1.98 34.14 -49.15
N VAL D 421 2.62 34.77 -48.15
CA VAL D 421 1.90 35.31 -47.01
C VAL D 421 0.87 36.33 -47.49
N PRO D 422 -0.38 36.25 -47.06
CA PRO D 422 -1.38 37.22 -47.50
C PRO D 422 -1.04 38.63 -47.05
N ASP D 423 -1.50 39.61 -47.83
CA ASP D 423 -1.15 41.00 -47.55
C ASP D 423 -1.67 41.45 -46.20
N TRP D 424 -2.89 41.06 -45.84
CA TRP D 424 -3.45 41.48 -44.56
C TRP D 424 -2.64 40.95 -43.39
N LEU D 425 -2.30 39.65 -43.41
CA LEU D 425 -1.53 39.08 -42.32
C LEU D 425 -0.12 39.66 -42.28
N ARG D 426 0.51 39.82 -43.45
CA ARG D 426 1.84 40.40 -43.51
C ARG D 426 1.86 41.79 -42.89
N HIS D 427 0.95 42.66 -43.34
CA HIS D 427 0.88 44.01 -42.78
C HIS D 427 0.63 43.96 -41.29
N LEU D 428 -0.45 43.27 -40.87
CA LEU D 428 -0.81 43.23 -39.46
C LEU D 428 0.36 42.79 -38.60
N VAL D 429 0.87 41.58 -38.81
CA VAL D 429 1.94 41.08 -37.97
C VAL D 429 3.15 41.98 -38.10
N LEU D 430 3.77 41.99 -39.28
CA LEU D 430 5.11 42.55 -39.43
C LEU D 430 5.17 44.06 -39.28
N ASP D 431 4.04 44.75 -39.15
CA ASP D 431 4.08 46.15 -38.78
C ASP D 431 3.52 46.37 -37.37
N ARG D 432 2.26 46.02 -37.11
CA ARG D 432 1.65 46.37 -35.83
C ARG D 432 2.27 45.57 -34.68
N ILE D 433 2.41 44.26 -34.84
CA ILE D 433 2.90 43.44 -33.74
C ILE D 433 4.38 43.71 -33.52
N ALA D 434 5.13 43.94 -34.61
CA ALA D 434 6.54 44.30 -34.48
C ALA D 434 6.69 45.64 -33.75
N TRP D 435 5.83 46.61 -34.07
CA TRP D 435 5.87 47.89 -33.36
C TRP D 435 5.53 47.71 -31.88
N ILE D 436 4.56 46.85 -31.59
CA ILE D 436 4.20 46.58 -30.19
C ILE D 436 5.38 45.95 -29.45
N LEU D 437 6.08 45.02 -30.10
CA LEU D 437 7.24 44.39 -29.50
C LEU D 437 8.43 45.35 -29.50
N LEU D 501 20.65 27.48 -85.14
CA LEU D 501 21.84 27.89 -84.39
C LEU D 501 21.92 27.15 -83.06
N ALA D 502 23.07 26.53 -82.80
CA ALA D 502 23.24 25.76 -81.58
C ALA D 502 23.30 26.67 -80.36
N VAL D 503 23.67 27.94 -80.54
CA VAL D 503 23.71 28.87 -79.42
C VAL D 503 22.31 29.08 -78.86
N ARG D 504 21.29 29.11 -79.72
CA ARG D 504 19.91 29.19 -79.25
C ARG D 504 19.54 27.96 -78.42
N GLY D 505 20.05 26.79 -78.81
CA GLY D 505 19.85 25.60 -77.99
C GLY D 505 20.55 25.72 -76.64
N LEU D 506 21.72 26.37 -76.64
CA LEU D 506 22.42 26.63 -75.38
C LEU D 506 21.58 27.53 -74.47
N LEU D 507 20.93 28.53 -75.07
CA LEU D 507 20.11 29.45 -74.27
C LEU D 507 18.94 28.73 -73.61
N GLN D 508 18.31 27.80 -74.33
CA GLN D 508 17.12 27.15 -73.80
C GLN D 508 17.44 26.32 -72.56
N GLU D 509 18.54 25.58 -72.60
CA GLU D 509 18.92 24.75 -71.46
C GLU D 509 19.25 25.61 -70.24
N LEU D 510 19.99 26.69 -70.45
CA LEU D 510 20.30 27.61 -69.37
C LEU D 510 19.03 28.23 -68.79
N SER D 511 18.08 28.59 -69.66
CA SER D 511 16.83 29.16 -69.18
C SER D 511 16.04 28.15 -68.36
N SER D 512 16.03 26.88 -68.79
CA SER D 512 15.34 25.85 -68.03
C SER D 512 15.97 25.64 -66.66
N ILE D 513 17.31 25.61 -66.61
CA ILE D 513 18.01 25.45 -65.34
C ILE D 513 17.71 26.63 -64.42
N ARG D 514 17.74 27.85 -64.99
CA ARG D 514 17.42 29.03 -64.21
C ARG D 514 15.98 28.98 -63.69
N HIS D 515 15.06 28.46 -64.50
CA HIS D 515 13.68 28.35 -64.07
C HIS D 515 13.54 27.37 -62.90
N PHE D 516 14.25 26.24 -62.96
CA PHE D 516 14.23 25.30 -61.84
C PHE D 516 14.76 25.96 -60.57
N LEU D 517 15.92 26.62 -60.67
CA LEU D 517 16.49 27.28 -59.49
C LEU D 517 15.60 28.41 -59.00
N GLU D 518 14.91 29.10 -59.92
CA GLU D 518 14.02 30.19 -59.54
C GLU D 518 12.81 29.66 -58.78
N LYS D 519 12.25 28.53 -59.22
CA LYS D 519 11.16 27.91 -58.48
C LYS D 519 11.60 27.51 -57.09
N ARG D 520 12.79 26.91 -57.00
CA ARG D 520 13.31 26.52 -55.68
C ARG D 520 13.51 27.73 -54.77
N ASP D 521 14.07 28.81 -55.32
CA ASP D 521 14.29 30.03 -54.53
C ASP D 521 12.97 30.67 -54.12
N GLU D 522 11.97 30.67 -55.00
CA GLU D 522 10.67 31.24 -54.64
C GLU D 522 10.04 30.45 -53.50
N MET D 523 10.12 29.12 -53.56
CA MET D 523 9.61 28.31 -52.45
C MET D 523 10.35 28.62 -51.16
N ARG D 524 11.68 28.74 -51.25
CA ARG D 524 12.49 29.03 -50.07
C ARG D 524 12.10 30.38 -49.46
N GLU D 525 11.89 31.39 -50.31
CA GLU D 525 11.57 32.72 -49.81
C GLU D 525 10.18 32.79 -49.22
N VAL D 526 9.21 32.08 -49.81
CA VAL D 526 7.88 32.01 -49.21
C VAL D 526 7.95 31.35 -47.84
N ALA D 527 8.72 30.25 -47.74
CA ALA D 527 8.89 29.60 -46.45
C ALA D 527 9.56 30.54 -45.45
N ARG D 528 10.53 31.34 -45.90
CA ARG D 528 11.20 32.28 -45.02
C ARG D 528 10.24 33.35 -44.50
N ASP D 529 9.36 33.86 -45.38
CA ASP D 529 8.38 34.84 -44.94
C ASP D 529 7.43 34.26 -43.90
N TRP D 530 6.95 33.03 -44.16
CA TRP D 530 6.07 32.39 -43.17
C TRP D 530 6.81 32.15 -41.86
N LEU D 531 8.09 31.80 -41.94
CA LEU D 531 8.88 31.59 -40.73
C LEU D 531 9.06 32.89 -39.94
N ARG D 532 9.24 34.01 -40.65
CA ARG D 532 9.34 35.30 -39.97
C ARG D 532 8.03 35.63 -39.25
N VAL D 533 6.90 35.42 -39.93
CA VAL D 533 5.61 35.69 -39.31
C VAL D 533 5.43 34.82 -38.07
N GLY D 534 5.76 33.53 -38.18
CA GLY D 534 5.66 32.64 -37.05
C GLY D 534 6.57 33.01 -35.90
N TYR D 535 7.78 33.46 -36.19
CA TYR D 535 8.69 33.89 -35.13
C TYR D 535 8.15 35.10 -34.38
N VAL D 536 7.62 36.09 -35.13
CA VAL D 536 7.08 37.27 -34.47
C VAL D 536 5.88 36.90 -33.61
N LEU D 537 4.98 36.06 -34.13
CA LEU D 537 3.82 35.64 -33.35
C LEU D 537 4.25 34.82 -32.14
N ASP D 538 5.29 34.00 -32.28
CA ASP D 538 5.78 33.22 -31.16
C ASP D 538 6.32 34.12 -30.06
N ARG D 539 7.06 35.16 -30.43
CA ARG D 539 7.56 36.10 -29.41
C ARG D 539 6.40 36.81 -28.71
N LEU D 540 5.41 37.26 -29.47
CA LEU D 540 4.26 37.94 -28.87
C LEU D 540 3.52 37.02 -27.90
N LEU D 541 3.26 35.78 -28.34
CA LEU D 541 2.52 34.85 -27.49
C LEU D 541 3.34 34.40 -26.30
N PHE D 542 4.67 34.33 -26.44
CA PHE D 542 5.52 34.06 -25.28
C PHE D 542 5.39 35.16 -24.24
N ARG D 543 5.42 36.42 -24.68
CA ARG D 543 5.26 37.51 -23.73
C ARG D 543 3.89 37.48 -23.07
N ILE D 544 2.84 37.20 -23.85
CA ILE D 544 1.50 37.12 -23.28
C ILE D 544 1.40 35.99 -22.26
N TYR D 545 1.95 34.82 -22.59
CA TYR D 545 1.90 33.68 -21.69
C TYR D 545 2.70 33.94 -20.42
N LEU D 546 3.86 34.59 -20.54
CA LEU D 546 4.65 34.92 -19.36
C LEU D 546 3.90 35.89 -18.47
N LEU D 547 3.24 36.90 -19.06
CA LEU D 547 2.43 37.81 -18.27
C LEU D 547 1.29 37.09 -17.57
N ALA D 548 0.64 36.15 -18.26
CA ALA D 548 -0.45 35.40 -17.64
C ALA D 548 0.06 34.54 -16.49
N VAL D 549 1.22 33.90 -16.65
CA VAL D 549 1.79 33.09 -15.58
C VAL D 549 2.14 33.96 -14.39
N LEU D 550 2.73 35.13 -14.64
CA LEU D 550 3.06 36.04 -13.55
C LEU D 550 1.81 36.52 -12.82
N ALA D 551 0.75 36.82 -13.57
CA ALA D 551 -0.51 37.24 -12.96
C ALA D 551 -1.09 36.13 -12.10
N TYR D 552 -1.06 34.89 -12.59
CA TYR D 552 -1.55 33.77 -11.80
C TYR D 552 -0.73 33.59 -10.52
N SER D 553 0.60 33.72 -10.63
CA SER D 553 1.46 33.57 -9.47
C SER D 553 1.18 34.65 -8.43
N ILE D 554 1.04 35.90 -8.86
CA ILE D 554 0.78 36.97 -7.91
C ILE D 554 -0.62 36.85 -7.32
N THR D 555 -1.58 36.33 -8.09
CA THR D 555 -2.91 36.10 -7.54
C THR D 555 -2.86 35.04 -6.44
N LEU D 556 -2.12 33.95 -6.68
CA LEU D 556 -1.99 32.93 -5.65
C LEU D 556 -1.27 33.49 -4.42
N VAL D 557 -0.22 34.30 -4.64
CA VAL D 557 0.52 34.87 -3.51
C VAL D 557 -0.36 35.81 -2.70
N THR D 558 -1.17 36.63 -3.37
CA THR D 558 -2.03 37.56 -2.64
C THR D 558 -3.21 36.85 -1.98
N LEU D 559 -3.62 35.69 -2.50
CA LEU D 559 -4.63 34.90 -1.81
C LEU D 559 -4.04 34.23 -0.56
N TRP D 560 -2.78 33.79 -0.65
CA TRP D 560 -2.13 33.22 0.52
C TRP D 560 -1.84 34.27 1.58
N SER D 561 -1.49 35.49 1.15
CA SER D 561 -1.10 36.53 2.08
C SER D 561 -2.26 36.94 2.99
N ILE D 562 -3.46 37.08 2.42
CA ILE D 562 -4.62 37.45 3.22
C ILE D 562 -5.05 36.35 4.18
N TRP D 563 -4.58 35.12 3.98
CA TRP D 563 -4.83 34.07 4.94
C TRP D 563 -3.77 34.07 6.04
N HIS D 564 -2.60 34.61 5.76
CA HIS D 564 -1.50 34.63 6.73
C HIS D 564 -1.60 35.85 7.63
N THR E 112 3.84 -30.86 59.51
CA THR E 112 2.88 -31.74 58.85
C THR E 112 2.67 -31.34 57.39
N GLN E 113 1.94 -30.25 57.18
CA GLN E 113 1.67 -29.76 55.84
C GLN E 113 2.94 -29.16 55.23
N PRO E 114 3.01 -29.08 53.90
CA PRO E 114 4.16 -28.46 53.25
C PRO E 114 4.33 -27.01 53.68
N ALA E 115 5.59 -26.56 53.71
CA ALA E 115 5.88 -25.20 54.18
C ALA E 115 5.24 -24.15 53.29
N LEU E 116 5.29 -24.34 51.97
CA LEU E 116 4.73 -23.35 51.06
C LEU E 116 3.21 -23.25 51.20
N LEU E 117 2.52 -24.39 51.36
CA LEU E 117 1.07 -24.35 51.53
C LEU E 117 0.70 -23.62 52.81
N ARG E 118 1.39 -23.92 53.91
CA ARG E 118 1.11 -23.24 55.17
C ARG E 118 1.40 -21.75 55.06
N LEU E 119 2.50 -21.38 54.39
CA LEU E 119 2.83 -19.97 54.24
C LEU E 119 1.79 -19.24 53.41
N SER E 120 1.33 -19.85 52.31
CA SER E 120 0.30 -19.22 51.51
C SER E 120 -1.02 -19.10 52.27
N ASP E 121 -1.38 -20.10 53.06
CA ASP E 121 -2.57 -20.00 53.89
C ASP E 121 -2.42 -18.88 54.92
N HIS E 122 -1.23 -18.74 55.50
CA HIS E 122 -1.00 -17.69 56.48
C HIS E 122 -1.10 -16.31 55.84
N LEU E 123 -0.57 -16.16 54.63
CA LEU E 123 -0.51 -14.84 54.01
C LEU E 123 -1.85 -14.46 53.39
N LEU E 124 -2.34 -15.25 52.43
CA LEU E 124 -3.44 -14.84 51.58
C LEU E 124 -4.81 -15.02 52.22
N ALA E 125 -4.91 -15.72 53.35
CA ALA E 125 -6.18 -15.78 54.05
C ALA E 125 -6.45 -14.45 54.74
N ASN E 126 -7.73 -14.07 54.80
CA ASN E 126 -8.18 -12.77 55.32
C ASN E 126 -7.28 -11.63 54.88
N TYR E 127 -6.85 -11.68 53.62
CA TYR E 127 -6.04 -10.63 53.01
C TYR E 127 -6.89 -9.91 51.96
N LYS E 128 -6.90 -8.58 52.03
CA LYS E 128 -7.74 -7.76 51.17
C LYS E 128 -6.85 -7.13 50.09
N LYS E 129 -7.09 -7.53 48.84
CA LYS E 129 -6.26 -7.06 47.74
C LYS E 129 -6.65 -5.67 47.25
N GLY E 130 -7.76 -5.11 47.74
CA GLY E 130 -8.15 -3.77 47.37
C GLY E 130 -7.64 -2.68 48.29
N VAL E 131 -6.82 -3.03 49.26
CA VAL E 131 -6.34 -2.09 50.27
C VAL E 131 -4.85 -1.85 50.04
N ARG E 132 -4.45 -0.59 50.05
CA ARG E 132 -3.03 -0.27 49.93
C ARG E 132 -2.30 -0.82 51.15
N PRO E 133 -1.25 -1.62 50.98
CA PRO E 133 -0.65 -2.37 52.09
C PRO E 133 0.21 -1.51 53.01
N VAL E 134 -0.46 -0.71 53.85
CA VAL E 134 0.21 0.08 54.87
C VAL E 134 -0.58 -0.01 56.17
N ARG E 135 0.12 -0.26 57.27
CA ARG E 135 -0.53 -0.24 58.57
C ARG E 135 -0.88 1.19 58.98
N ASP E 136 -0.01 2.15 58.68
CA ASP E 136 -0.29 3.56 58.87
C ASP E 136 -0.56 4.18 57.50
N TRP E 137 -1.76 4.72 57.32
CA TRP E 137 -2.15 5.24 56.01
C TRP E 137 -1.40 6.51 55.63
N ARG E 138 -0.68 7.12 56.56
CA ARG E 138 0.02 8.37 56.27
C ARG E 138 1.33 8.14 55.51
N LYS E 139 1.84 6.92 55.47
CA LYS E 139 3.09 6.70 54.76
C LYS E 139 2.81 6.14 53.37
N PRO E 140 3.46 6.66 52.33
CA PRO E 140 3.21 6.14 50.97
C PRO E 140 3.97 4.86 50.72
N THR E 141 3.50 4.11 49.71
CA THR E 141 4.20 2.93 49.26
C THR E 141 5.17 3.30 48.15
N THR E 142 6.46 3.16 48.41
CA THR E 142 7.50 3.57 47.47
C THR E 142 7.74 2.43 46.48
N VAL E 143 7.28 2.62 45.25
CA VAL E 143 7.43 1.61 44.20
C VAL E 143 8.70 1.93 43.42
N SER E 144 9.72 1.08 43.56
CA SER E 144 11.01 1.31 42.90
C SER E 144 10.95 0.73 41.49
N ILE E 145 11.17 1.57 40.50
CA ILE E 145 11.02 1.21 39.10
C ILE E 145 12.39 0.94 38.49
N ASP E 146 12.44 -0.01 37.57
CA ASP E 146 13.63 -0.27 36.78
C ASP E 146 13.20 -0.68 35.37
N VAL E 147 13.84 -0.08 34.37
CA VAL E 147 13.49 -0.28 32.98
C VAL E 147 14.76 -0.48 32.16
N ILE E 148 14.78 -1.55 31.36
CA ILE E 148 15.83 -1.78 30.38
C ILE E 148 15.17 -2.10 29.05
N MET E 149 15.73 -1.56 27.97
CA MET E 149 15.11 -1.65 26.65
C MET E 149 15.55 -2.92 25.95
N TYR E 150 14.58 -3.67 25.41
CA TYR E 150 14.92 -4.88 24.66
C TYR E 150 15.06 -4.59 23.17
N ALA E 151 14.13 -3.85 22.58
CA ALA E 151 14.18 -3.55 21.17
C ALA E 151 13.34 -2.32 20.88
N ILE E 152 13.59 -1.72 19.71
CA ILE E 152 12.80 -0.61 19.20
C ILE E 152 12.09 -1.12 17.96
N LEU E 153 10.82 -1.49 18.12
CA LEU E 153 10.09 -2.16 17.06
C LEU E 153 9.74 -1.24 15.90
N ASN E 154 9.33 -0.01 16.17
CA ASN E 154 8.91 0.90 15.11
C ASN E 154 8.92 2.34 15.56
N VAL E 155 9.59 3.20 14.81
CA VAL E 155 9.52 4.65 14.98
C VAL E 155 8.79 5.21 13.77
N ASP E 156 7.58 5.71 14.00
CA ASP E 156 6.68 6.16 12.92
C ASP E 156 6.57 7.68 13.03
N GLU E 157 7.31 8.38 12.16
CA GLU E 157 7.36 9.84 12.22
C GLU E 157 6.11 10.50 11.67
N LYS E 158 5.25 9.77 10.96
CA LYS E 158 4.03 10.38 10.43
C LYS E 158 3.05 10.67 11.56
N ASN E 159 2.62 9.64 12.29
CA ASN E 159 1.74 9.83 13.44
C ASN E 159 2.51 10.13 14.71
N GLN E 160 3.85 10.06 14.67
CA GLN E 160 4.71 10.41 15.80
C GLN E 160 4.43 9.57 17.02
N VAL E 161 4.53 8.25 16.85
CA VAL E 161 4.44 7.29 17.94
C VAL E 161 5.68 6.39 17.91
N LEU E 162 6.14 5.99 19.08
CA LEU E 162 7.31 5.13 19.21
C LEU E 162 6.89 3.79 19.79
N THR E 163 7.25 2.71 19.11
CA THR E 163 6.94 1.35 19.55
C THR E 163 8.21 0.69 20.07
N THR E 164 8.20 0.32 21.34
CA THR E 164 9.36 -0.29 21.97
C THR E 164 8.92 -1.47 22.84
N TYR E 165 9.84 -2.40 23.04
CA TYR E 165 9.65 -3.53 23.94
C TYR E 165 10.70 -3.41 25.04
N ILE E 166 10.25 -3.34 26.29
CA ILE E 166 11.13 -3.13 27.43
C ILE E 166 10.93 -4.26 28.43
N TRP E 167 12.00 -4.59 29.13
CA TRP E 167 11.91 -5.46 30.30
C TRP E 167 11.76 -4.59 31.53
N TYR E 168 10.70 -4.82 32.29
CA TYR E 168 10.30 -3.92 33.37
C TYR E 168 10.16 -4.71 34.66
N ARG E 169 10.68 -4.13 35.74
CA ARG E 169 10.55 -4.73 37.06
C ARG E 169 10.33 -3.63 38.09
N GLN E 170 9.59 -3.97 39.14
CA GLN E 170 9.30 -3.03 40.21
C GLN E 170 9.17 -3.81 41.51
N TYR E 171 9.42 -3.13 42.63
CA TYR E 171 9.24 -3.74 43.93
C TYR E 171 8.79 -2.69 44.94
N TRP E 172 7.90 -3.12 45.83
CA TRP E 172 7.34 -2.26 46.85
C TRP E 172 7.17 -3.07 48.12
N THR E 173 7.09 -2.37 49.26
CA THR E 173 6.97 -3.04 50.54
C THR E 173 5.50 -3.29 50.87
N ASP E 174 5.15 -4.57 50.98
CA ASP E 174 3.80 -4.98 51.39
C ASP E 174 3.83 -5.31 52.87
N GLU E 175 3.20 -4.48 53.69
CA GLU E 175 3.29 -4.63 55.13
C GLU E 175 2.37 -5.72 55.67
N PHE E 176 1.53 -6.32 54.83
CA PHE E 176 0.68 -7.43 55.23
C PHE E 176 1.24 -8.79 54.86
N LEU E 177 2.08 -8.86 53.83
CA LEU E 177 2.71 -10.11 53.42
C LEU E 177 4.05 -10.28 54.11
N GLN E 178 4.05 -10.36 55.44
CA GLN E 178 5.26 -10.53 56.22
C GLN E 178 5.14 -11.76 57.12
N TRP E 179 6.27 -12.44 57.30
CA TRP E 179 6.31 -13.63 58.15
C TRP E 179 7.73 -13.82 58.64
N THR E 180 7.89 -14.68 59.64
CA THR E 180 9.21 -15.06 60.11
C THR E 180 9.61 -16.39 59.46
N PRO E 181 10.81 -16.49 58.89
CA PRO E 181 11.19 -17.74 58.21
C PRO E 181 11.21 -18.95 59.12
N GLU E 182 11.55 -18.80 60.40
CA GLU E 182 11.75 -19.94 61.28
C GLU E 182 10.47 -20.75 61.49
N ASP E 183 9.30 -20.14 61.30
CA ASP E 183 8.05 -20.87 61.50
C ASP E 183 7.63 -21.69 60.28
N PHE E 184 8.25 -21.46 59.12
CA PHE E 184 7.82 -22.08 57.87
C PHE E 184 8.99 -22.76 57.17
N ASP E 185 9.74 -23.56 57.93
CA ASP E 185 10.84 -24.37 57.39
C ASP E 185 11.89 -23.49 56.71
N ASN E 186 12.17 -22.33 57.33
CA ASN E 186 13.24 -21.44 56.89
C ASN E 186 13.05 -20.97 55.45
N VAL E 187 11.80 -20.80 55.03
CA VAL E 187 11.53 -20.25 53.70
C VAL E 187 11.67 -18.73 53.76
N THR E 188 12.43 -18.16 52.84
CA THR E 188 12.66 -16.72 52.83
C THR E 188 11.88 -16.00 51.75
N LYS E 189 11.48 -16.69 50.68
CA LYS E 189 10.69 -16.08 49.63
C LYS E 189 9.81 -17.14 48.98
N LEU E 190 8.71 -16.69 48.37
CA LEU E 190 7.82 -17.57 47.66
C LEU E 190 7.13 -16.78 46.55
N SER E 191 6.68 -17.50 45.52
CA SER E 191 5.98 -16.90 44.41
C SER E 191 4.48 -16.89 44.68
N ILE E 192 3.88 -15.71 44.56
CA ILE E 192 2.47 -15.52 44.87
C ILE E 192 1.78 -14.97 43.62
N PRO E 193 0.57 -15.41 43.29
CA PRO E 193 -0.10 -14.91 42.08
C PRO E 193 -0.30 -13.40 42.14
N THR E 194 -0.19 -12.76 40.96
CA THR E 194 -0.39 -11.32 40.87
C THR E 194 -1.81 -10.94 41.27
N ASP E 195 -2.81 -11.71 40.84
CA ASP E 195 -4.20 -11.38 41.08
C ASP E 195 -4.57 -11.46 42.57
N SER E 196 -3.76 -12.11 43.39
CA SER E 196 -4.09 -12.32 44.79
C SER E 196 -3.58 -11.22 45.72
N ILE E 197 -2.85 -10.24 45.20
CA ILE E 197 -2.26 -9.19 46.03
C ILE E 197 -2.48 -7.83 45.37
N TRP E 198 -2.26 -6.79 46.16
CA TRP E 198 -2.39 -5.42 45.67
C TRP E 198 -1.22 -5.08 44.77
N VAL E 199 -1.52 -4.55 43.59
CA VAL E 199 -0.50 -4.17 42.61
C VAL E 199 -0.69 -2.70 42.24
N PRO E 200 0.34 -1.87 42.34
CA PRO E 200 0.17 -0.45 42.03
C PRO E 200 -0.15 -0.24 40.56
N ASP E 201 -0.90 0.83 40.30
CA ASP E 201 -1.29 1.19 38.94
C ASP E 201 -0.26 2.07 38.23
N ILE E 202 0.95 1.55 38.04
CA ILE E 202 2.00 2.31 37.37
C ILE E 202 1.88 2.12 35.87
N LEU E 203 1.60 3.20 35.15
CA LEU E 203 1.57 3.17 33.70
C LEU E 203 2.19 4.47 33.18
N ILE E 204 2.22 4.61 31.86
CA ILE E 204 2.97 5.66 31.19
C ILE E 204 2.02 6.74 30.70
N ASN E 205 2.40 8.01 30.93
CA ASN E 205 1.62 9.13 30.43
C ASN E 205 1.58 9.15 28.91
N GLU E 206 2.73 8.91 28.27
CA GLU E 206 2.86 9.05 26.83
C GLU E 206 2.12 7.97 26.05
N PHE E 207 1.40 7.07 26.72
CA PHE E 207 0.64 6.04 26.01
C PHE E 207 -0.36 6.69 25.07
N VAL E 208 -0.47 6.10 23.87
CA VAL E 208 -1.50 6.50 22.91
C VAL E 208 -2.20 5.25 22.42
N ASP E 209 -1.67 4.09 22.81
CA ASP E 209 -2.24 2.80 22.39
C ASP E 209 -1.68 1.75 23.34
N VAL E 210 -2.56 1.02 24.01
CA VAL E 210 -2.12 0.00 24.95
C VAL E 210 -1.48 -1.13 24.15
N GLY E 211 -0.27 -1.53 24.57
CA GLY E 211 0.44 -2.54 23.84
C GLY E 211 -0.04 -3.94 24.16
N LYS E 212 0.39 -4.89 23.32
CA LYS E 212 0.10 -6.30 23.51
C LYS E 212 1.31 -6.95 24.14
N SER E 213 1.25 -7.19 25.45
CA SER E 213 2.38 -7.74 26.20
C SER E 213 1.90 -8.95 26.98
N PRO E 214 2.74 -9.95 27.16
CA PRO E 214 2.33 -11.14 27.93
C PRO E 214 2.04 -10.77 29.38
N ASN E 215 1.12 -11.52 29.98
CA ASN E 215 0.78 -11.31 31.39
C ASN E 215 1.56 -12.29 32.26
N ILE E 216 2.32 -11.75 33.21
CA ILE E 216 3.10 -12.55 34.14
C ILE E 216 2.23 -12.79 35.38
N PRO E 217 1.85 -14.04 35.66
CA PRO E 217 0.90 -14.29 36.74
C PRO E 217 1.49 -14.29 38.15
N TYR E 218 2.80 -14.46 38.30
CA TYR E 218 3.40 -14.64 39.61
C TYR E 218 4.33 -13.48 39.94
N VAL E 219 4.44 -13.20 41.23
CA VAL E 219 5.38 -12.22 41.75
C VAL E 219 6.10 -12.84 42.95
N TYR E 220 7.29 -12.34 43.23
CA TYR E 220 8.06 -12.81 44.37
C TYR E 220 7.76 -11.97 45.60
N VAL E 221 7.59 -12.65 46.73
CA VAL E 221 7.35 -11.98 48.01
C VAL E 221 8.41 -12.45 49.00
N HIS E 222 9.11 -11.51 49.60
CA HIS E 222 10.14 -11.81 50.59
C HIS E 222 9.54 -11.79 51.99
N HIS E 223 10.31 -12.32 52.95
CA HIS E 223 9.79 -12.49 54.30
C HIS E 223 9.59 -11.16 55.01
N ARG E 224 10.16 -10.07 54.47
CA ARG E 224 9.97 -8.75 55.04
C ARG E 224 8.98 -7.90 54.24
N GLY E 225 8.28 -8.49 53.28
CA GLY E 225 7.24 -7.79 52.56
C GLY E 225 7.61 -7.27 51.19
N GLU E 226 8.89 -7.31 50.81
CA GLU E 226 9.30 -6.81 49.51
C GLU E 226 8.70 -7.65 48.40
N VAL E 227 7.74 -7.11 47.67
CA VAL E 227 7.10 -7.83 46.58
C VAL E 227 7.73 -7.38 45.26
N GLN E 228 8.27 -8.33 44.51
CA GLN E 228 9.00 -8.05 43.28
C GLN E 228 8.17 -8.52 42.09
N ASN E 229 7.93 -7.60 41.15
CA ASN E 229 7.08 -7.87 39.99
C ASN E 229 7.92 -7.69 38.73
N TYR E 230 8.01 -8.75 37.93
CA TYR E 230 8.70 -8.72 36.65
C TYR E 230 7.67 -8.85 35.53
N LYS E 231 7.79 -8.03 34.50
CA LYS E 231 6.82 -8.04 33.41
C LYS E 231 7.39 -7.41 32.15
N PRO E 232 7.22 -8.05 31.00
CA PRO E 232 7.59 -7.40 29.74
C PRO E 232 6.47 -6.48 29.26
N LEU E 233 6.87 -5.39 28.59
CA LEU E 233 5.91 -4.37 28.16
C LEU E 233 6.21 -3.96 26.74
N GLN E 234 5.20 -4.08 25.87
CA GLN E 234 5.23 -3.43 24.57
C GLN E 234 4.58 -2.06 24.70
N LEU E 235 5.31 -1.03 24.31
CA LEU E 235 4.89 0.35 24.54
C LEU E 235 4.69 1.06 23.22
N VAL E 236 3.49 1.62 23.02
CA VAL E 236 3.22 2.51 21.90
C VAL E 236 2.98 3.88 22.50
N THR E 237 4.00 4.73 22.47
CA THR E 237 3.99 6.00 23.18
C THR E 237 4.17 7.15 22.19
N ALA E 238 3.54 8.28 22.50
CA ALA E 238 3.74 9.48 21.70
C ALA E 238 5.11 10.09 21.97
N CYS E 239 5.67 10.72 20.95
CA CYS E 239 6.96 11.37 21.09
C CYS E 239 7.09 12.45 20.03
N SER E 240 7.98 13.41 20.30
CA SER E 240 8.27 14.48 19.34
C SER E 240 9.45 14.05 18.49
N LEU E 241 9.18 13.64 17.26
CA LEU E 241 10.21 13.13 16.35
C LEU E 241 10.60 14.27 15.41
N ASP E 242 11.80 14.81 15.63
CA ASP E 242 12.34 15.89 14.81
C ASP E 242 13.17 15.27 13.69
N ILE E 243 12.71 15.44 12.45
CA ILE E 243 13.31 14.79 11.29
C ILE E 243 14.16 15.78 10.50
N TYR E 244 14.52 16.90 11.14
CA TYR E 244 15.27 17.95 10.44
C TYR E 244 16.58 17.41 9.86
N ASN E 245 17.19 16.43 10.53
CA ASN E 245 18.39 15.77 10.04
C ASN E 245 18.13 14.32 9.63
N PHE E 246 17.02 14.05 8.93
CA PHE E 246 16.43 12.74 8.70
C PHE E 246 17.43 11.61 8.51
N PRO E 247 18.40 11.69 7.60
CA PRO E 247 19.36 10.58 7.47
C PRO E 247 20.17 10.34 8.73
N PHE E 248 20.50 11.39 9.49
CA PHE E 248 21.39 11.29 10.64
C PHE E 248 20.75 11.79 11.92
N ASP E 249 19.42 11.84 11.99
CA ASP E 249 18.76 12.43 13.14
C ASP E 249 18.90 11.54 14.37
N VAL E 250 19.02 12.17 15.53
CA VAL E 250 18.97 11.50 16.82
C VAL E 250 17.68 11.93 17.49
N GLN E 251 16.94 10.98 18.04
CA GLN E 251 15.65 11.24 18.65
C GLN E 251 15.76 11.17 20.17
N ASN E 252 14.86 11.88 20.84
CA ASN E 252 14.87 12.01 22.30
C ASN E 252 13.44 11.77 22.77
N CYS E 253 13.11 10.52 23.03
CA CYS E 253 11.75 10.11 23.38
C CYS E 253 11.69 9.81 24.87
N SER E 254 10.62 10.26 25.51
CA SER E 254 10.50 10.08 26.96
C SER E 254 9.48 9.01 27.30
N LEU E 255 9.70 8.34 28.43
CA LEU E 255 8.77 7.35 28.97
C LEU E 255 8.57 7.69 30.44
N THR E 256 7.40 8.23 30.78
CA THR E 256 7.12 8.72 32.13
C THR E 256 6.25 7.71 32.85
N PHE E 257 6.85 6.96 33.77
CA PHE E 257 6.12 6.01 34.60
C PHE E 257 5.58 6.71 35.83
N THR E 258 4.29 6.56 36.08
CA THR E 258 3.65 7.19 37.24
C THR E 258 2.37 6.46 37.58
N SER E 259 1.93 6.64 38.83
CA SER E 259 0.63 6.14 39.24
C SER E 259 -0.45 7.03 38.66
N TRP E 260 -1.43 6.43 37.99
CA TRP E 260 -2.43 7.22 37.28
C TRP E 260 -3.37 7.91 38.25
N LEU E 261 -3.75 7.24 39.33
CA LEU E 261 -4.73 7.80 40.25
C LEU E 261 -4.07 8.35 41.52
N HIS E 262 -3.17 7.57 42.11
CA HIS E 262 -2.65 7.89 43.43
C HIS E 262 -1.74 9.11 43.37
N THR E 263 -1.86 9.97 44.38
CA THR E 263 -0.98 11.12 44.51
C THR E 263 0.33 10.71 45.19
N ILE E 264 1.23 11.68 45.34
CA ILE E 264 2.54 11.39 45.93
C ILE E 264 2.42 11.02 47.40
N GLN E 265 1.31 11.37 48.06
CA GLN E 265 1.12 10.98 49.44
C GLN E 265 0.68 9.53 49.57
N ASP E 266 0.30 8.89 48.47
CA ASP E 266 -0.12 7.49 48.47
C ASP E 266 0.90 6.59 47.81
N ILE E 267 1.33 6.90 46.59
CA ILE E 267 2.31 6.10 45.85
C ILE E 267 3.42 7.03 45.39
N ASN E 268 4.66 6.67 45.74
CA ASN E 268 5.85 7.40 45.29
C ASN E 268 6.76 6.45 44.54
N ILE E 269 7.58 7.02 43.67
CA ILE E 269 8.38 6.24 42.72
C ILE E 269 9.86 6.60 42.89
N THR E 270 10.70 5.57 43.00
CA THR E 270 12.15 5.72 43.02
C THR E 270 12.75 4.81 41.97
N LEU E 271 14.07 4.69 42.00
CA LEU E 271 14.80 3.84 41.07
C LEU E 271 15.37 2.64 41.78
N TRP E 272 15.22 1.46 41.16
CA TRP E 272 15.82 0.25 41.68
C TRP E 272 17.35 0.35 41.66
N ARG E 273 17.90 0.88 40.58
CA ARG E 273 19.34 1.02 40.40
C ARG E 273 19.70 2.48 40.23
N SER E 274 20.98 2.78 40.44
CA SER E 274 21.45 4.15 40.31
C SER E 274 21.27 4.63 38.87
N PRO E 275 21.01 5.93 38.67
CA PRO E 275 20.77 6.41 37.30
C PRO E 275 21.94 6.18 36.35
N GLU E 276 23.17 6.18 36.85
CA GLU E 276 24.31 5.87 35.98
C GLU E 276 24.25 4.43 35.47
N GLU E 277 23.88 3.49 36.33
CA GLU E 277 23.75 2.09 35.90
C GLU E 277 22.65 1.93 34.86
N VAL E 278 21.54 2.65 35.04
CA VAL E 278 20.47 2.62 34.05
C VAL E 278 20.95 3.22 32.73
N ARG E 279 21.74 4.29 32.82
CA ARG E 279 22.26 4.94 31.62
C ARG E 279 23.20 4.02 30.86
N SER E 280 23.99 3.22 31.57
CA SER E 280 24.99 2.38 30.93
C SER E 280 24.43 1.08 30.36
N ASP E 281 23.11 0.87 30.45
CA ASP E 281 22.53 -0.41 30.01
C ASP E 281 22.34 -0.44 28.50
N LYS E 282 23.08 -1.33 27.83
CA LYS E 282 22.87 -1.67 26.44
C LYS E 282 23.04 -3.17 26.21
N SER E 283 22.67 -3.98 27.21
CA SER E 283 23.02 -5.39 27.23
C SER E 283 22.15 -6.24 26.32
N ILE E 284 20.84 -6.29 26.58
CA ILE E 284 19.97 -7.18 25.81
C ILE E 284 19.45 -6.54 24.55
N PHE E 285 19.74 -5.26 24.32
CA PHE E 285 19.13 -4.52 23.22
C PHE E 285 19.38 -5.19 21.88
N ILE E 286 18.28 -5.51 21.19
CA ILE E 286 18.38 -6.00 19.81
C ILE E 286 18.91 -4.87 18.94
N ASN E 287 20.06 -5.09 18.31
CA ASN E 287 20.83 -4.02 17.71
C ASN E 287 20.92 -4.06 16.19
N GLN E 288 20.40 -5.10 15.55
CA GLN E 288 20.52 -5.23 14.10
C GLN E 288 19.60 -4.28 13.34
N GLY E 289 18.66 -3.63 14.02
CA GLY E 289 17.63 -2.85 13.36
C GLY E 289 18.15 -1.51 12.88
N GLU E 290 17.19 -0.69 12.43
CA GLU E 290 17.54 0.63 11.88
C GLU E 290 17.94 1.61 12.96
N TRP E 291 17.40 1.47 14.17
CA TRP E 291 17.59 2.43 15.24
C TRP E 291 18.59 1.89 16.26
N GLU E 292 19.56 2.71 16.63
CA GLU E 292 20.57 2.36 17.61
C GLU E 292 20.28 3.09 18.91
N LEU E 293 20.16 2.35 20.00
CA LEU E 293 19.90 2.96 21.30
C LEU E 293 21.20 3.51 21.87
N LEU E 294 21.18 4.78 22.28
CA LEU E 294 22.35 5.40 22.88
C LEU E 294 22.36 5.27 24.39
N GLU E 295 21.31 5.74 25.06
CA GLU E 295 21.24 5.67 26.51
C GLU E 295 19.79 5.80 26.95
N VAL E 296 19.53 5.36 28.18
CA VAL E 296 18.24 5.55 28.84
C VAL E 296 18.51 6.32 30.12
N PHE E 297 18.01 7.56 30.19
CA PHE E 297 18.35 8.46 31.27
C PHE E 297 17.15 8.70 32.17
N PRO E 298 17.14 8.17 33.40
CA PRO E 298 16.01 8.40 34.30
C PRO E 298 16.13 9.72 35.06
N GLN E 299 14.99 10.30 35.38
CA GLN E 299 14.93 11.56 36.10
C GLN E 299 13.59 11.68 36.82
N PHE E 300 13.63 11.98 38.11
CA PHE E 300 12.43 12.07 38.92
C PHE E 300 11.84 13.48 38.88
N LYS E 301 10.54 13.57 38.66
CA LYS E 301 9.85 14.85 38.65
C LYS E 301 8.51 14.70 39.36
N GLU E 302 8.02 15.82 39.89
CA GLU E 302 6.68 15.88 40.48
C GLU E 302 5.75 16.64 39.54
N PHE E 303 4.65 16.01 39.18
CA PHE E 303 3.65 16.63 38.31
C PHE E 303 2.47 17.06 39.15
N SER E 304 2.22 18.38 39.19
CA SER E 304 1.17 18.93 40.02
C SER E 304 0.63 20.19 39.38
N ILE E 305 -0.69 20.27 39.24
CA ILE E 305 -1.36 21.48 38.78
C ILE E 305 -2.33 21.89 39.88
N ASP E 306 -2.02 21.50 41.11
CA ASP E 306 -2.82 21.85 42.28
C ASP E 306 -1.88 21.92 43.48
N ILE E 307 -2.32 22.65 44.50
CA ILE E 307 -1.48 22.85 45.68
C ILE E 307 -1.22 21.52 46.40
N SER E 308 -2.22 20.63 46.45
CA SER E 308 -2.10 19.38 47.18
C SER E 308 -1.94 18.16 46.27
N ASN E 309 -2.58 18.15 45.10
CA ASN E 309 -2.54 16.99 44.22
C ASN E 309 -1.21 16.94 43.46
N SER E 310 -0.21 16.38 44.13
CA SER E 310 1.09 16.16 43.51
C SER E 310 1.26 14.70 43.14
N TYR E 311 1.70 14.46 41.91
CA TYR E 311 1.88 13.10 41.39
C TYR E 311 3.35 12.85 41.13
N ALA E 312 3.88 11.76 41.68
CA ALA E 312 5.25 11.38 41.43
C ALA E 312 5.40 10.84 40.01
N GLU E 313 6.56 11.09 39.41
CA GLU E 313 6.82 10.67 38.04
C GLU E 313 8.27 10.23 37.91
N MET E 314 8.53 9.40 36.89
CA MET E 314 9.89 8.93 36.58
C MET E 314 10.03 8.95 35.06
N LYS E 315 10.79 9.91 34.56
CA LYS E 315 10.95 10.09 33.11
C LYS E 315 12.21 9.35 32.66
N PHE E 316 12.03 8.35 31.79
CA PHE E 316 13.15 7.65 31.17
C PHE E 316 13.32 8.21 29.76
N TYR E 317 14.32 9.06 29.58
CA TYR E 317 14.57 9.69 28.29
C TYR E 317 15.28 8.69 27.39
N VAL E 318 14.51 8.04 26.52
CA VAL E 318 15.06 7.08 25.57
C VAL E 318 15.63 7.86 24.39
N ILE E 319 16.95 7.80 24.20
CA ILE E 319 17.64 8.51 23.14
C ILE E 319 18.09 7.49 22.11
N ILE E 320 17.60 7.63 20.88
CA ILE E 320 17.83 6.66 19.82
C ILE E 320 18.39 7.39 18.61
N ARG E 321 19.32 6.75 17.90
CA ARG E 321 19.97 7.33 16.74
C ARG E 321 19.75 6.44 15.52
N ARG E 322 19.28 7.03 14.43
CA ARG E 322 19.04 6.30 13.20
C ARG E 322 20.37 5.94 12.54
N ARG E 323 20.40 4.76 11.92
CA ARG E 323 21.58 4.32 11.17
C ARG E 323 21.43 4.78 9.72
N PRO E 324 22.27 5.71 9.25
CA PRO E 324 22.08 6.25 7.89
C PRO E 324 22.43 5.28 6.77
N LEU E 325 23.07 4.15 7.07
CA LEU E 325 23.46 3.22 6.02
C LEU E 325 22.26 2.63 5.30
N PHE E 326 21.07 2.68 5.91
CA PHE E 326 19.86 2.24 5.22
C PHE E 326 19.59 3.06 3.98
N TYR E 327 19.99 4.34 3.98
CA TYR E 327 19.52 5.29 2.99
C TYR E 327 20.57 5.75 2.01
N ALA E 328 21.84 5.36 2.18
CA ALA E 328 22.87 5.81 1.25
C ALA E 328 22.56 5.33 -0.16
N VAL E 329 22.35 4.03 -0.33
CA VAL E 329 22.04 3.47 -1.64
C VAL E 329 20.71 3.98 -2.17
N SER E 330 19.71 4.14 -1.30
CA SER E 330 18.38 4.55 -1.73
C SER E 330 18.29 6.03 -2.06
N LEU E 331 19.25 6.84 -1.59
CA LEU E 331 19.17 8.29 -1.69
C LEU E 331 20.25 8.90 -2.58
N LEU E 332 21.52 8.62 -2.29
CA LEU E 332 22.61 9.25 -3.05
C LEU E 332 22.79 8.59 -4.40
N LEU E 333 22.65 7.26 -4.46
CA LEU E 333 22.99 6.54 -5.68
C LEU E 333 22.16 6.97 -6.89
N PRO E 334 20.83 7.05 -6.82
CA PRO E 334 20.08 7.52 -8.01
C PRO E 334 20.46 8.94 -8.42
N SER E 335 20.66 9.83 -7.46
CA SER E 335 20.99 11.21 -7.79
C SER E 335 22.35 11.31 -8.46
N ILE E 336 23.34 10.58 -7.92
CA ILE E 336 24.67 10.58 -8.53
C ILE E 336 24.63 9.95 -9.92
N PHE E 337 23.85 8.87 -10.08
CA PHE E 337 23.74 8.23 -11.39
C PHE E 337 23.11 9.18 -12.41
N LEU E 338 22.08 9.92 -12.01
CA LEU E 338 21.45 10.84 -12.93
C LEU E 338 22.35 12.04 -13.24
N MET E 339 23.11 12.53 -12.26
CA MET E 339 24.14 13.52 -12.58
C MET E 339 25.17 12.99 -13.57
N VAL E 340 25.60 11.73 -13.40
CA VAL E 340 26.62 11.18 -14.28
C VAL E 340 26.09 11.06 -15.70
N VAL E 341 24.86 10.56 -15.86
CA VAL E 341 24.29 10.48 -17.19
C VAL E 341 24.00 11.86 -17.77
N ASP E 342 23.77 12.87 -16.93
CA ASP E 342 23.65 14.23 -17.44
C ASP E 342 24.94 14.68 -18.11
N ILE E 343 26.07 14.47 -17.45
CA ILE E 343 27.36 14.85 -18.02
C ILE E 343 27.65 14.00 -19.25
N VAL E 344 27.26 12.72 -19.23
CA VAL E 344 27.48 11.86 -20.38
C VAL E 344 26.70 12.36 -21.59
N GLY E 345 25.42 12.70 -21.39
CA GLY E 345 24.61 13.21 -22.48
C GLY E 345 24.94 14.62 -22.89
N PHE E 346 25.68 15.35 -22.05
CA PHE E 346 26.15 16.68 -22.42
C PHE E 346 27.05 16.65 -23.65
N CYS E 347 27.77 15.55 -23.88
CA CYS E 347 28.72 15.48 -24.98
C CYS E 347 28.06 15.50 -26.36
N LEU E 348 26.75 15.27 -26.43
CA LEU E 348 26.07 15.28 -27.72
C LEU E 348 26.21 16.66 -28.35
N PRO E 349 26.50 16.75 -29.65
CA PRO E 349 26.61 18.05 -30.31
C PRO E 349 25.30 18.81 -30.22
N PRO E 350 25.35 20.13 -30.02
CA PRO E 350 24.11 20.89 -29.84
C PRO E 350 23.18 20.85 -31.05
N ASP E 351 23.72 20.72 -32.26
CA ASP E 351 22.91 20.67 -33.46
C ASP E 351 22.49 19.26 -33.85
N SER E 352 22.81 18.26 -33.01
CA SER E 352 22.46 16.87 -33.33
C SER E 352 20.96 16.65 -33.41
N GLY E 353 20.16 17.46 -32.73
CA GLY E 353 18.72 17.27 -32.70
C GLY E 353 18.23 16.30 -31.64
N GLU E 354 19.12 15.71 -30.85
CA GLU E 354 18.75 14.76 -29.81
C GLU E 354 19.07 15.26 -28.41
N ARG E 355 19.81 16.36 -28.29
CA ARG E 355 20.29 16.81 -26.99
C ARG E 355 19.14 17.26 -26.10
N VAL E 356 18.21 18.04 -26.64
CA VAL E 356 17.10 18.54 -25.83
C VAL E 356 16.17 17.39 -25.44
N SER E 357 15.95 16.44 -26.35
CA SER E 357 15.17 15.27 -26.01
C SER E 357 15.82 14.47 -24.89
N PHE E 358 17.13 14.30 -24.96
CA PHE E 358 17.87 13.62 -23.90
C PHE E 358 17.70 14.35 -22.58
N LYS E 359 17.85 15.67 -22.60
CA LYS E 359 17.77 16.44 -21.36
C LYS E 359 16.37 16.38 -20.75
N ILE E 360 15.33 16.49 -21.58
CA ILE E 360 13.98 16.48 -21.04
C ILE E 360 13.61 15.08 -20.55
N THR E 361 14.08 14.03 -21.23
CA THR E 361 13.86 12.68 -20.73
C THR E 361 14.55 12.48 -19.38
N LEU E 362 15.77 13.00 -19.24
CA LEU E 362 16.47 12.90 -17.96
C LEU E 362 15.74 13.65 -16.87
N LEU E 363 15.22 14.84 -17.18
CA LEU E 363 14.45 15.60 -16.19
C LEU E 363 13.18 14.87 -15.80
N LEU E 364 12.49 14.25 -16.75
CA LEU E 364 11.33 13.45 -16.42
C LEU E 364 11.69 12.27 -15.52
N GLY E 365 12.81 11.61 -15.81
CA GLY E 365 13.26 10.53 -14.95
C GLY E 365 13.56 11.00 -13.54
N TYR E 366 14.22 12.15 -13.41
CA TYR E 366 14.46 12.69 -12.07
C TYR E 366 13.16 13.06 -11.37
N SER E 367 12.19 13.60 -12.10
CA SER E 367 10.92 13.96 -11.49
C SER E 367 10.20 12.72 -10.95
N VAL E 368 10.18 11.64 -11.74
CA VAL E 368 9.54 10.43 -11.24
C VAL E 368 10.33 9.84 -10.08
N PHE E 369 11.66 9.93 -10.11
CA PHE E 369 12.46 9.48 -8.97
C PHE E 369 12.11 10.25 -7.71
N LEU E 370 11.97 11.58 -7.85
CA LEU E 370 11.65 12.42 -6.69
C LEU E 370 10.27 12.08 -6.13
N ILE E 371 9.27 11.97 -7.00
CA ILE E 371 7.92 11.72 -6.53
C ILE E 371 7.75 10.29 -6.04
N ILE E 372 8.67 9.40 -6.38
CA ILE E 372 8.63 8.05 -5.82
C ILE E 372 9.35 8.01 -4.47
N VAL E 373 10.51 8.67 -4.37
CA VAL E 373 11.28 8.63 -3.14
C VAL E 373 10.63 9.48 -2.06
N SER E 374 9.73 10.39 -2.43
CA SER E 374 9.01 11.18 -1.43
C SER E 374 8.12 10.32 -0.55
N ASP E 375 7.82 9.09 -0.94
CA ASP E 375 7.04 8.21 -0.08
C ASP E 375 7.85 7.76 1.13
N THR E 376 9.16 7.60 0.97
CA THR E 376 10.02 7.20 2.08
C THR E 376 10.49 8.40 2.90
N LEU E 377 10.55 9.58 2.30
CA LEU E 377 10.94 10.77 3.03
C LEU E 377 9.82 11.22 3.95
N PRO E 378 10.04 11.30 5.26
CA PRO E 378 8.97 11.70 6.17
C PRO E 378 8.72 13.20 6.12
N ALA E 379 7.60 13.60 6.72
CA ALA E 379 7.23 15.00 6.81
C ALA E 379 6.62 15.27 8.19
N THR E 380 7.07 16.36 8.82
CA THR E 380 6.58 16.75 10.14
C THR E 380 6.23 18.23 10.10
N ALA E 381 5.94 18.79 11.29
CA ALA E 381 5.62 20.21 11.38
C ALA E 381 6.78 21.09 10.93
N ILE E 382 8.01 20.57 10.98
CA ILE E 382 9.14 21.29 10.41
C ILE E 382 8.99 21.42 8.89
N GLY E 383 8.36 20.44 8.25
CA GLY E 383 8.22 20.48 6.81
C GLY E 383 9.13 19.45 6.17
N THR E 384 9.88 19.86 5.15
CA THR E 384 10.84 18.98 4.54
C THR E 384 12.09 18.88 5.41
N PRO E 385 12.79 17.75 5.37
CA PRO E 385 14.08 17.67 6.08
C PRO E 385 15.15 18.49 5.37
N LEU E 386 16.35 18.45 5.94
CA LEU E 386 17.43 19.29 5.41
C LEU E 386 17.89 18.83 4.05
N ILE E 387 17.86 17.51 3.77
CA ILE E 387 18.30 16.99 2.50
C ILE E 387 17.36 17.34 1.35
N GLY E 388 16.16 17.84 1.66
CA GLY E 388 15.32 18.41 0.61
C GLY E 388 15.98 19.58 -0.08
N VAL E 389 16.75 20.37 0.67
CA VAL E 389 17.52 21.47 0.07
C VAL E 389 18.53 20.93 -0.94
N TYR E 390 19.23 19.86 -0.57
CA TYR E 390 20.18 19.26 -1.49
C TYR E 390 19.48 18.69 -2.73
N PHE E 391 18.32 18.06 -2.55
CA PHE E 391 17.58 17.53 -3.69
C PHE E 391 17.10 18.65 -4.63
N VAL E 392 16.61 19.76 -4.07
CA VAL E 392 16.17 20.84 -4.94
C VAL E 392 17.36 21.54 -5.58
N VAL E 393 18.53 21.51 -4.94
CA VAL E 393 19.73 22.01 -5.59
C VAL E 393 20.11 21.12 -6.77
N CYS E 394 19.97 19.80 -6.61
CA CYS E 394 20.22 18.90 -7.73
C CYS E 394 19.25 19.15 -8.87
N MET E 395 17.97 19.36 -8.55
CA MET E 395 16.99 19.73 -9.57
C MET E 395 17.35 21.04 -10.23
N ALA E 396 17.84 22.02 -9.46
CA ALA E 396 18.24 23.29 -10.04
C ALA E 396 19.40 23.12 -10.99
N LEU E 397 20.38 22.27 -10.64
CA LEU E 397 21.49 22.01 -11.54
C LEU E 397 21.03 21.36 -12.83
N LEU E 398 20.11 20.39 -12.74
CA LEU E 398 19.60 19.77 -13.96
C LEU E 398 18.83 20.77 -14.82
N VAL E 399 18.04 21.64 -14.18
CA VAL E 399 17.28 22.64 -14.93
C VAL E 399 18.22 23.65 -15.58
N ILE E 400 19.31 24.01 -14.89
CA ILE E 400 20.29 24.90 -15.47
C ILE E 400 20.94 24.25 -16.70
N SER E 401 21.27 22.96 -16.59
CA SER E 401 21.80 22.26 -17.75
C SER E 401 20.81 22.27 -18.91
N LEU E 402 19.53 22.02 -18.63
CA LEU E 402 18.52 22.04 -19.68
C LEU E 402 18.40 23.41 -20.32
N ALA E 403 18.37 24.47 -19.50
CA ALA E 403 18.24 25.82 -20.02
C ALA E 403 19.44 26.21 -20.87
N GLU E 404 20.65 25.84 -20.45
CA GLU E 404 21.83 26.16 -21.23
C GLU E 404 21.87 25.35 -22.52
N THR E 405 21.39 24.11 -22.48
CA THR E 405 21.26 23.33 -23.71
C THR E 405 20.30 24.00 -24.68
N ILE E 406 19.17 24.48 -24.17
CA ILE E 406 18.20 25.18 -25.02
C ILE E 406 18.81 26.46 -25.59
N PHE E 407 19.59 27.19 -24.79
CA PHE E 407 20.24 28.40 -25.28
C PHE E 407 21.21 28.09 -26.41
N ILE E 408 22.04 27.06 -26.23
CA ILE E 408 23.00 26.70 -27.27
C ILE E 408 22.28 26.21 -28.52
N VAL E 409 21.17 25.51 -28.34
CA VAL E 409 20.36 25.09 -29.49
C VAL E 409 19.82 26.31 -30.23
N ARG E 410 19.37 27.32 -29.48
CA ARG E 410 18.92 28.56 -30.10
C ARG E 410 20.02 29.21 -30.91
N LEU E 411 21.26 29.19 -30.38
CA LEU E 411 22.37 29.80 -31.12
C LEU E 411 22.68 29.05 -32.41
N VAL E 412 22.81 27.72 -32.32
CA VAL E 412 23.33 26.95 -33.45
C VAL E 412 22.26 26.53 -34.45
N HIS E 413 20.98 26.69 -34.12
CA HIS E 413 19.92 26.22 -35.00
C HIS E 413 19.93 26.98 -36.33
N LYS E 414 20.17 26.26 -37.43
CA LYS E 414 20.19 26.88 -38.74
C LYS E 414 18.77 27.20 -39.20
N GLN E 415 18.52 28.47 -39.50
CA GLN E 415 17.22 28.90 -39.98
C GLN E 415 17.41 30.12 -40.87
N ASP E 416 16.42 30.37 -41.73
CA ASP E 416 16.58 31.32 -42.83
C ASP E 416 16.67 32.77 -42.39
N LEU E 417 16.30 33.10 -41.15
CA LEU E 417 16.36 34.47 -40.69
C LEU E 417 17.69 34.84 -40.05
N GLN E 418 18.66 33.94 -40.05
CA GLN E 418 19.94 34.21 -39.40
C GLN E 418 20.68 35.34 -40.12
N ARG E 419 21.17 36.29 -39.35
CA ARG E 419 22.04 37.35 -39.83
C ARG E 419 23.48 37.07 -39.44
N PRO E 420 24.45 37.68 -40.13
CA PRO E 420 25.86 37.40 -39.81
C PRO E 420 26.17 37.76 -38.36
N VAL E 421 27.12 37.00 -37.80
CA VAL E 421 27.47 37.15 -36.38
C VAL E 421 27.94 38.58 -36.13
N PRO E 422 27.44 39.27 -35.11
CA PRO E 422 27.89 40.63 -34.85
C PRO E 422 29.36 40.67 -34.49
N ASP E 423 29.98 41.82 -34.78
CA ASP E 423 31.43 41.95 -34.59
C ASP E 423 31.80 41.80 -33.12
N TRP E 424 31.02 42.38 -32.22
CA TRP E 424 31.34 42.31 -30.80
C TRP E 424 31.30 40.87 -30.30
N LEU E 425 30.25 40.11 -30.65
CA LEU E 425 30.15 38.73 -30.21
C LEU E 425 31.23 37.87 -30.85
N ARG E 426 31.49 38.09 -32.15
CA ARG E 426 32.54 37.35 -32.84
C ARG E 426 33.88 37.54 -32.14
N HIS E 427 34.27 38.81 -31.93
CA HIS E 427 35.54 39.09 -31.27
C HIS E 427 35.57 38.47 -29.88
N LEU E 428 34.57 38.79 -29.05
CA LEU E 428 34.55 38.31 -27.68
C LEU E 428 34.72 36.80 -27.63
N VAL E 429 33.79 36.05 -28.22
CA VAL E 429 33.84 34.60 -28.12
C VAL E 429 35.12 34.10 -28.77
N LEU E 430 35.24 34.27 -30.09
CA LEU E 430 36.25 33.56 -30.87
C LEU E 430 37.67 34.02 -30.58
N ASP E 431 37.87 35.08 -29.80
CA ASP E 431 39.22 35.40 -29.33
C ASP E 431 39.37 35.16 -27.83
N ARG E 432 38.57 35.83 -27.00
CA ARG E 432 38.81 35.75 -25.56
C ARG E 432 38.47 34.37 -25.02
N ILE E 433 37.29 33.84 -25.36
CA ILE E 433 36.89 32.56 -24.78
C ILE E 433 37.71 31.42 -25.38
N ALA E 434 38.07 31.55 -26.66
CA ALA E 434 38.96 30.56 -27.27
C ALA E 434 40.33 30.57 -26.61
N TRP E 435 40.86 31.75 -26.28
CA TRP E 435 42.12 31.84 -25.57
C TRP E 435 42.01 31.24 -24.18
N ILE E 436 40.88 31.48 -23.49
CA ILE E 436 40.67 30.91 -22.17
C ILE E 436 40.64 29.39 -22.25
N LEU E 437 39.98 28.84 -23.26
CA LEU E 437 39.93 27.40 -23.45
C LEU E 437 41.26 26.87 -23.97
N LEU E 501 23.08 40.15 -79.27
CA LEU E 501 24.01 39.03 -79.22
C LEU E 501 23.53 37.98 -78.23
N ALA E 502 23.43 36.73 -78.69
CA ALA E 502 22.94 35.66 -77.84
C ALA E 502 23.95 35.30 -76.74
N VAL E 503 25.23 35.62 -76.95
CA VAL E 503 26.23 35.37 -75.92
C VAL E 503 25.96 36.22 -74.69
N ARG E 504 25.47 37.45 -74.88
CA ARG E 504 25.07 38.27 -73.75
C ARG E 504 23.91 37.62 -73.00
N GLY E 505 22.98 37.00 -73.72
CA GLY E 505 21.92 36.24 -73.07
C GLY E 505 22.47 35.06 -72.29
N LEU E 506 23.52 34.42 -72.83
CA LEU E 506 24.19 33.35 -72.10
C LEU E 506 24.78 33.86 -70.79
N LEU E 507 25.35 35.07 -70.83
CA LEU E 507 25.95 35.65 -69.63
C LEU E 507 24.92 35.89 -68.55
N GLN E 508 23.73 36.37 -68.91
CA GLN E 508 22.72 36.71 -67.92
C GLN E 508 22.24 35.47 -67.17
N GLU E 509 22.03 34.37 -67.88
CA GLU E 509 21.56 33.14 -67.24
C GLU E 509 22.62 32.61 -66.27
N LEU E 510 23.88 32.62 -66.70
CA LEU E 510 24.98 32.19 -65.83
C LEU E 510 25.07 33.08 -64.61
N SER E 511 24.92 34.39 -64.79
CA SER E 511 24.96 35.30 -63.65
C SER E 511 23.83 35.03 -62.68
N SER E 512 22.63 34.76 -63.18
CA SER E 512 21.51 34.46 -62.29
C SER E 512 21.75 33.16 -61.52
N ILE E 513 22.24 32.12 -62.18
CA ILE E 513 22.53 30.87 -61.50
C ILE E 513 23.60 31.07 -60.44
N ARG E 514 24.65 31.82 -60.79
CA ARG E 514 25.71 32.10 -59.83
C ARG E 514 25.18 32.89 -58.65
N HIS E 515 24.24 33.82 -58.89
CA HIS E 515 23.66 34.59 -57.79
C HIS E 515 22.85 33.69 -56.86
N PHE E 516 22.08 32.76 -57.42
CA PHE E 516 21.35 31.81 -56.57
C PHE E 516 22.31 31.00 -55.71
N LEU E 517 23.34 30.43 -56.32
CA LEU E 517 24.30 29.64 -55.57
C LEU E 517 25.05 30.48 -54.55
N GLU E 518 25.32 31.75 -54.89
CA GLU E 518 26.01 32.64 -53.97
C GLU E 518 25.17 32.95 -52.75
N LYS E 519 23.87 33.17 -52.95
CA LYS E 519 22.97 33.38 -51.82
C LYS E 519 22.93 32.14 -50.93
N ARG E 520 22.84 30.96 -51.55
CA ARG E 520 22.83 29.73 -50.76
C ARG E 520 24.12 29.57 -49.96
N ASP E 521 25.26 29.83 -50.59
CA ASP E 521 26.56 29.71 -49.93
C ASP E 521 26.70 30.73 -48.81
N GLU E 522 26.24 31.96 -49.01
CA GLU E 522 26.30 32.97 -47.97
C GLU E 522 25.47 32.56 -46.75
N MET E 523 24.27 32.04 -47.00
CA MET E 523 23.46 31.54 -45.88
C MET E 523 24.17 30.40 -45.16
N ARG E 524 24.76 29.47 -45.92
CA ARG E 524 25.47 28.35 -45.32
C ARG E 524 26.64 28.83 -44.45
N GLU E 525 27.38 29.83 -44.94
CA GLU E 525 28.54 30.32 -44.19
C GLU E 525 28.11 31.09 -42.94
N VAL E 526 27.02 31.85 -43.01
CA VAL E 526 26.51 32.52 -41.81
C VAL E 526 26.10 31.48 -40.78
N ALA E 527 25.42 30.42 -41.23
CA ALA E 527 25.04 29.34 -40.32
C ALA E 527 26.27 28.68 -39.71
N ARG E 528 27.32 28.49 -40.52
CA ARG E 528 28.55 27.90 -40.01
C ARG E 528 29.20 28.77 -38.94
N ASP E 529 29.22 30.08 -39.15
CA ASP E 529 29.79 30.99 -38.15
C ASP E 529 29.00 30.92 -36.85
N TRP E 530 27.66 30.94 -36.94
CA TRP E 530 26.85 30.84 -35.73
C TRP E 530 27.07 29.49 -35.04
N LEU E 531 27.22 28.42 -35.82
CA LEU E 531 27.47 27.11 -35.25
C LEU E 531 28.81 27.06 -34.52
N ARG E 532 29.83 27.71 -35.09
CA ARG E 532 31.13 27.77 -34.42
C ARG E 532 31.04 28.52 -33.11
N VAL E 533 30.33 29.66 -33.11
CA VAL E 533 30.17 30.42 -31.86
C VAL E 533 29.44 29.58 -30.83
N GLY E 534 28.38 28.89 -31.24
CA GLY E 534 27.65 28.03 -30.33
C GLY E 534 28.48 26.88 -29.80
N TYR E 535 29.32 26.28 -30.64
CA TYR E 535 30.18 25.20 -30.17
C TYR E 535 31.17 25.70 -29.12
N VAL E 536 31.79 26.85 -29.36
CA VAL E 536 32.74 27.38 -28.38
C VAL E 536 32.05 27.69 -27.06
N LEU E 537 30.88 28.33 -27.13
CA LEU E 537 30.14 28.63 -25.91
C LEU E 537 29.70 27.35 -25.20
N ASP E 538 29.33 26.33 -25.97
CA ASP E 538 28.93 25.05 -25.37
C ASP E 538 30.08 24.41 -24.63
N ARG E 539 31.28 24.44 -25.22
CA ARG E 539 32.45 23.89 -24.53
C ARG E 539 32.74 24.66 -23.24
N LEU E 540 32.71 25.99 -23.30
CA LEU E 540 32.97 26.79 -22.11
C LEU E 540 31.96 26.49 -21.01
N LEU E 541 30.67 26.43 -21.37
CA LEU E 541 29.63 26.20 -20.38
C LEU E 541 29.66 24.76 -19.88
N PHE E 542 30.10 23.81 -20.70
CA PHE E 542 30.30 22.45 -20.22
C PHE E 542 31.39 22.41 -19.15
N ARG E 543 32.50 23.10 -19.37
CA ARG E 543 33.54 23.13 -18.36
C ARG E 543 33.05 23.81 -17.08
N ILE E 544 32.30 24.90 -17.22
CA ILE E 544 31.79 25.59 -16.04
C ILE E 544 30.84 24.70 -15.26
N TYR E 545 29.94 24.00 -15.98
CA TYR E 545 28.98 23.11 -15.32
C TYR E 545 29.69 21.93 -14.64
N LEU E 546 30.72 21.39 -15.30
CA LEU E 546 31.48 20.30 -14.68
C LEU E 546 32.18 20.77 -13.41
N LEU E 547 32.76 21.98 -13.44
CA LEU E 547 33.38 22.52 -12.23
C LEU E 547 32.35 22.73 -11.13
N ALA E 548 31.16 23.22 -11.48
CA ALA E 548 30.10 23.42 -10.49
C ALA E 548 29.67 22.09 -9.87
N VAL E 549 29.51 21.06 -10.71
CA VAL E 549 29.12 19.75 -10.20
C VAL E 549 30.20 19.19 -9.27
N LEU E 550 31.47 19.33 -9.65
CA LEU E 550 32.55 18.86 -8.80
C LEU E 550 32.58 19.62 -7.47
N ALA E 551 32.35 20.94 -7.51
CA ALA E 551 32.31 21.72 -6.29
C ALA E 551 31.17 21.28 -5.37
N TYR E 552 29.99 21.02 -5.95
CA TYR E 552 28.87 20.54 -5.16
C TYR E 552 29.18 19.18 -4.54
N SER E 553 29.80 18.28 -5.32
CA SER E 553 30.14 16.96 -4.81
C SER E 553 31.13 17.04 -3.67
N ILE E 554 32.17 17.86 -3.82
CA ILE E 554 33.17 17.97 -2.75
C ILE E 554 32.58 18.67 -1.53
N THR E 555 31.65 19.61 -1.73
CA THR E 555 30.98 20.23 -0.59
C THR E 555 30.16 19.19 0.19
N LEU E 556 29.42 18.35 -0.53
CA LEU E 556 28.66 17.29 0.15
C LEU E 556 29.59 16.32 0.86
N VAL E 557 30.70 15.97 0.22
CA VAL E 557 31.66 15.03 0.83
C VAL E 557 32.27 15.62 2.09
N THR E 558 32.63 16.92 2.06
CA THR E 558 33.24 17.53 3.23
C THR E 558 32.20 17.80 4.33
N LEU E 559 30.92 17.92 3.97
CA LEU E 559 29.89 18.01 5.00
C LEU E 559 29.65 16.66 5.65
N TRP E 560 29.73 15.58 4.87
CA TRP E 560 29.59 14.25 5.44
C TRP E 560 30.79 13.87 6.29
N SER E 561 31.99 14.31 5.88
CA SER E 561 33.21 13.91 6.58
C SER E 561 33.25 14.46 8.00
N ILE E 562 32.86 15.72 8.18
CA ILE E 562 32.85 16.32 9.52
C ILE E 562 31.78 15.71 10.41
N TRP E 563 30.78 15.05 9.84
CA TRP E 563 29.81 14.31 10.63
C TRP E 563 30.34 12.94 11.05
N HIS E 564 31.09 12.29 10.16
CA HIS E 564 31.60 10.95 10.42
C HIS E 564 32.70 10.95 11.46
#